data_6O83
#
_entry.id   6O83
#
_cell.length_a   122.575
_cell.length_b   150.522
_cell.length_c   172.776
_cell.angle_alpha   90.000
_cell.angle_beta   90.000
_cell.angle_gamma   90.000
#
_symmetry.space_group_name_H-M   'P 21 21 21'
#
loop_
_entity.id
_entity.type
_entity.pdbx_description
1 polymer 'Ubiquitin-activating enzyme E1 1'
2 polymer 'Ubiquitin-60S ribosomal protein L40'
3 non-polymer 'CALCIUM ION'
4 non-polymer 2-AMINO-2-HYDROXYMETHYL-PROPANE-1,3-DIOL
5 non-polymer (4S)-2-METHYL-2,4-PENTANEDIOL
6 non-polymer "5'-{[(3-aminopropyl)sulfonyl]amino}-5'-deoxyadenosine"
7 water water
#
loop_
_entity_poly.entity_id
_entity_poly.type
_entity_poly.pdbx_seq_one_letter_code
_entity_poly.pdbx_strand_id
1 'polypeptide(L)'
;SNTIDEGLYSRQLYVLGHEAMKQMSQSNVLIIGCKGLGVEIAKNVCLAGVKSVTLYDPQPTRIEDLSSQYFLTEDDIGVP
RAKVTVSKLAELNQYVPVSVVDELSTEYLKNFKCVVVTETSLTKQLEINDFTHKNHIAYIAADSRGLFGSIFCDFGENFI
CTDTDGNEPLTGMIASITDDGVVTMLEETRHGLENGDFVKFTEVKGMPGLNDGTPRKVEVKGPYTFSIGSVKDLGSAGYN
GVFTQVKVPTKISFKSLRESLKDPEYVYPDFGKMMRPPQYHIAFQALSAFADAHEGSLPRPRNDIDAAEFFEFCKKIAST
LQFDVELDEKLIKEISYQARGDLVAMSAFLGGAVAQEVLKATTSKFYPLKQYFYFDSLESLPSSVTISEETCKPRGCRYD
GQIAVFGSEFQEKIASLSTFLVGAGAIGCEMLKNWAMMGVATGESGHISVTDMDSIEKSNLNRQFLFRPRDVGKLKSECA
STAVSIMNPSLTGKITSYQERVGPESEGIFGDEFFEKLSLVTNALDNVEARMYVDRRCVFFEKPLLESGTLGTKGNTQVV
VPHLTESYGSSQDPPEKSFPICTLKNFPNRIEHTIAWARDLFEGLFKQPIDNVNMYLSSPNFLETSLKTSSNPREVLENI
RDYLVTEKPLSFEECIMWARLQFDKFFNNNIQQLLFNFPKDSVTSTGQPFWSGPKRAPTPLSFDIHNREHFDFIVAAASL
YAFNYGLKSETDPAIYERVLAGYNPPPFAPKSGIKIQVNENEEAPETAANKDKQELKSIADSLPPPSSLVGFRLTPAEFE
KDDDSNHHIDFITAASNLRAMNYDITPADRFKTKFVAGKIVPAMCTSTAVVSGLVCLELVKLVDGKKKIEEYKNGFFNLA
IGLFTFSDPIASPKMKVNGKEIDKIWDRYNLPDCTLQELIDYFQKEEGLEVTMLSSGVSLLYANFQPPKKLAERLPLKIS
ELVEQITKKKLEPFRKHLVLEICCDDANGEDVEVPFICIKL
;
A,C
2 'polypeptide(L)' MQIFVKTLTGKTITLEVESSDTIDNVKSKIQDKEGIPPDQQRLIFAGKQLEDGRTLSDYNIQKESTLHLVLRLRG B,D
#
loop_
_chem_comp.id
_chem_comp.type
_chem_comp.name
_chem_comp.formula
CA non-polymer 'CALCIUM ION' 'Ca 2'
MPD non-polymer (4S)-2-METHYL-2,4-PENTANEDIOL 'C6 H14 O2'
TRS non-polymer 2-AMINO-2-HYDROXYMETHYL-PROPANE-1,3-DIOL 'C4 H12 N O3 1'
VMX non-polymer 5'-{[(3-aminopropyl)sulfonyl]amino}-5'-deoxyadenosine 'C13 H21 N7 O5 S'
#
# COMPACT_ATOMS: atom_id res chain seq x y z
N SER A 27 -18.28 29.30 13.35
CA SER A 27 -17.49 29.29 12.12
C SER A 27 -17.17 27.85 11.71
N ASN A 28 -18.20 27.09 11.39
CA ASN A 28 -18.05 25.70 11.01
C ASN A 28 -17.81 25.57 9.51
N VAL A 29 -16.89 24.69 9.15
CA VAL A 29 -16.44 24.53 7.77
C VAL A 29 -16.55 23.06 7.37
N LEU A 30 -16.99 22.83 6.14
CA LEU A 30 -17.02 21.50 5.54
C LEU A 30 -16.18 21.51 4.27
N ILE A 31 -15.36 20.49 4.08
CA ILE A 31 -14.50 20.38 2.91
C ILE A 31 -14.76 19.03 2.26
N ILE A 32 -15.36 19.04 1.08
CA ILE A 32 -15.65 17.83 0.31
C ILE A 32 -14.52 17.63 -0.68
N GLY A 33 -13.86 16.48 -0.61
CA GLY A 33 -12.72 16.19 -1.45
C GLY A 33 -11.40 16.36 -0.72
N CYS A 34 -10.63 15.28 -0.60
CA CYS A 34 -9.36 15.33 0.11
C CYS A 34 -8.21 14.87 -0.78
N LYS A 35 -8.15 15.40 -2.01
CA LYS A 35 -6.96 15.26 -2.84
C LYS A 35 -6.06 16.47 -2.59
N GLY A 36 -5.00 16.61 -3.37
CA GLY A 36 -4.05 17.69 -3.19
C GLY A 36 -4.68 19.03 -2.87
N LEU A 37 -5.64 19.45 -3.71
CA LEU A 37 -6.28 20.75 -3.53
C LEU A 37 -7.06 20.79 -2.22
N GLY A 38 -7.87 19.77 -1.96
CA GLY A 38 -8.67 19.76 -0.75
C GLY A 38 -7.83 19.73 0.51
N VAL A 39 -6.77 18.91 0.51
CA VAL A 39 -5.93 18.82 1.70
C VAL A 39 -5.15 20.11 1.89
N GLU A 40 -4.75 20.76 0.81
CA GLU A 40 -4.10 22.08 0.95
C GLU A 40 -5.06 23.08 1.57
N ILE A 41 -6.31 23.10 1.09
CA ILE A 41 -7.31 23.99 1.66
C ILE A 41 -7.49 23.70 3.14
N ALA A 42 -7.55 22.42 3.53
CA ALA A 42 -7.74 22.07 4.92
C ALA A 42 -6.54 22.48 5.77
N LYS A 43 -5.33 22.24 5.28
CA LYS A 43 -4.12 22.67 5.99
C LYS A 43 -4.17 24.17 6.27
N ASN A 44 -4.43 24.96 5.24
CA ASN A 44 -4.41 26.41 5.42
C ASN A 44 -5.54 26.88 6.31
N VAL A 45 -6.72 26.26 6.20
CA VAL A 45 -7.85 26.64 7.05
C VAL A 45 -7.58 26.29 8.50
N CYS A 46 -6.85 25.20 8.76
CA CYS A 46 -6.53 24.82 10.13
C CYS A 46 -5.46 25.73 10.71
N LEU A 47 -4.38 25.97 9.97
CA LEU A 47 -3.34 26.87 10.47
C LEU A 47 -3.88 28.27 10.70
N ALA A 48 -4.74 28.76 9.81
CA ALA A 48 -5.33 30.08 10.00
C ALA A 48 -6.24 30.11 11.23
N GLY A 49 -7.01 29.05 11.45
CA GLY A 49 -7.82 28.94 12.64
C GLY A 49 -9.29 29.23 12.41
N VAL A 50 -10.13 28.26 12.72
CA VAL A 50 -11.59 28.40 12.65
C VAL A 50 -12.19 27.52 13.74
N LYS A 51 -13.50 27.63 13.93
CA LYS A 51 -14.17 26.85 14.97
C LYS A 51 -13.91 25.36 14.76
N SER A 52 -14.47 24.78 13.71
CA SER A 52 -14.33 23.36 13.43
C SER A 52 -13.99 23.16 11.95
N VAL A 53 -13.58 21.93 11.63
CA VAL A 53 -13.27 21.53 10.26
C VAL A 53 -13.77 20.11 10.06
N THR A 54 -14.54 19.90 8.99
CA THR A 54 -15.11 18.59 8.69
C THR A 54 -14.71 18.18 7.28
N LEU A 55 -14.39 16.90 7.11
CA LEU A 55 -13.96 16.36 5.83
C LEU A 55 -15.00 15.37 5.31
N TYR A 56 -14.96 15.15 4.00
CA TYR A 56 -15.80 14.13 3.37
C TYR A 56 -15.12 13.70 2.08
N ASP A 57 -14.53 12.51 2.08
CA ASP A 57 -13.96 11.92 0.88
C ASP A 57 -13.78 10.42 1.08
N PRO A 58 -14.84 9.62 0.93
CA PRO A 58 -14.70 8.17 1.09
C PRO A 58 -14.04 7.46 -0.08
N GLN A 59 -13.70 8.17 -1.15
CA GLN A 59 -13.11 7.54 -2.31
C GLN A 59 -11.84 6.80 -1.90
N PRO A 60 -11.65 5.55 -2.32
CA PRO A 60 -10.39 4.85 -1.99
C PRO A 60 -9.19 5.62 -2.48
N THR A 61 -8.09 5.49 -1.73
CA THR A 61 -6.85 6.15 -2.11
C THR A 61 -6.23 5.49 -3.33
N ARG A 62 -5.65 6.31 -4.20
CA ARG A 62 -4.99 5.83 -5.42
C ARG A 62 -3.56 6.33 -5.45
N ILE A 63 -2.67 5.55 -6.07
CA ILE A 63 -1.26 5.91 -6.11
C ILE A 63 -1.08 7.30 -6.72
N GLU A 64 -1.79 7.57 -7.83
CA GLU A 64 -1.64 8.86 -8.50
C GLU A 64 -1.98 10.02 -7.58
N ASP A 65 -2.88 9.80 -6.60
CA ASP A 65 -3.23 10.86 -5.67
C ASP A 65 -2.01 11.44 -4.99
N LEU A 66 -0.96 10.65 -4.81
CA LEU A 66 0.26 11.16 -4.16
C LEU A 66 1.05 12.14 -5.04
N SER A 67 0.53 12.62 -6.16
CA SER A 67 1.28 13.61 -6.94
C SER A 67 1.25 14.98 -6.28
N SER A 68 0.18 15.29 -5.55
CA SER A 68 0.05 16.59 -4.90
C SER A 68 -0.50 16.51 -3.49
N GLN A 69 -0.79 15.32 -2.98
CA GLN A 69 -1.35 15.13 -1.65
C GLN A 69 -0.26 14.57 -0.75
N TYR A 70 0.12 15.34 0.26
CA TYR A 70 1.29 15.03 1.09
C TYR A 70 0.95 14.34 2.40
N PHE A 71 -0.32 14.11 2.69
CA PHE A 71 -0.71 13.35 3.88
C PHE A 71 -1.10 11.92 3.55
N LEU A 72 -0.85 11.47 2.32
CA LEU A 72 -1.08 10.09 1.93
C LEU A 72 0.26 9.41 1.69
N THR A 73 0.44 8.26 2.31
CA THR A 73 1.64 7.45 2.13
C THR A 73 1.38 6.35 1.12
N GLU A 74 2.46 5.86 0.51
CA GLU A 74 2.35 4.73 -0.41
C GLU A 74 1.82 3.49 0.29
N ASP A 75 1.80 3.46 1.62
CA ASP A 75 1.25 2.36 2.40
C ASP A 75 -0.20 2.60 2.79
N ASP A 76 -0.85 3.61 2.22
CA ASP A 76 -2.24 3.92 2.52
C ASP A 76 -3.16 3.68 1.32
N ILE A 77 -2.73 2.88 0.36
CA ILE A 77 -3.51 2.66 -0.84
C ILE A 77 -4.73 1.80 -0.50
N GLY A 78 -5.88 2.16 -1.06
CA GLY A 78 -7.10 1.40 -0.87
C GLY A 78 -7.98 1.86 0.28
N VAL A 79 -7.49 2.78 1.11
CA VAL A 79 -8.25 3.25 2.27
C VAL A 79 -8.86 4.60 1.93
N PRO A 80 -9.99 4.97 2.53
CA PRO A 80 -10.54 6.32 2.30
C PRO A 80 -9.52 7.39 2.68
N ARG A 81 -9.56 8.51 1.96
CA ARG A 81 -8.53 9.53 2.11
C ARG A 81 -8.73 10.35 3.38
N ALA A 82 -9.96 10.82 3.63
CA ALA A 82 -10.21 11.62 4.82
C ALA A 82 -9.84 10.86 6.09
N LYS A 83 -10.16 9.56 6.12
CA LYS A 83 -9.86 8.77 7.31
C LYS A 83 -8.38 8.82 7.65
N VAL A 84 -7.51 8.87 6.64
CA VAL A 84 -6.07 8.83 6.87
C VAL A 84 -5.44 10.21 6.95
N THR A 85 -6.11 11.26 6.44
CA THR A 85 -5.57 12.61 6.55
C THR A 85 -6.07 13.36 7.79
N VAL A 86 -7.17 12.92 8.40
CA VAL A 86 -7.66 13.61 9.58
C VAL A 86 -6.64 13.55 10.72
N SER A 87 -5.89 12.45 10.81
CA SER A 87 -4.90 12.34 11.88
C SER A 87 -3.81 13.38 11.74
N LYS A 88 -3.40 13.68 10.50
CA LYS A 88 -2.33 14.63 10.25
C LYS A 88 -2.82 16.07 10.17
N LEU A 89 -4.12 16.29 9.93
CA LEU A 89 -4.64 17.64 9.88
C LEU A 89 -4.94 18.18 11.28
N ALA A 90 -5.48 17.33 12.16
CA ALA A 90 -5.75 17.78 13.52
C ALA A 90 -4.47 18.06 14.28
N GLU A 91 -3.37 17.39 13.90
CA GLU A 91 -2.08 17.65 14.53
C GLU A 91 -1.50 19.01 14.16
N LEU A 92 -2.10 19.71 13.21
CA LEU A 92 -1.62 21.04 12.83
C LEU A 92 -1.97 22.07 13.90
N ASN A 93 -3.27 22.30 14.11
CA ASN A 93 -3.76 23.24 15.09
C ASN A 93 -4.57 22.48 16.13
N GLN A 94 -4.25 22.71 17.41
CA GLN A 94 -4.94 21.99 18.49
C GLN A 94 -6.26 22.63 18.84
N TYR A 95 -6.42 23.93 18.59
CA TYR A 95 -7.68 24.62 18.86
C TYR A 95 -8.72 24.39 17.77
N VAL A 96 -8.36 23.71 16.68
CA VAL A 96 -9.26 23.45 15.57
C VAL A 96 -9.45 21.94 15.46
N PRO A 97 -10.53 21.39 16.02
CA PRO A 97 -10.77 19.95 15.89
C PRO A 97 -11.19 19.60 14.48
N VAL A 98 -10.69 18.46 13.99
CA VAL A 98 -10.98 17.97 12.65
C VAL A 98 -11.63 16.61 12.77
N SER A 99 -12.81 16.46 12.16
CA SER A 99 -13.56 15.21 12.19
C SER A 99 -13.88 14.80 10.75
N VAL A 100 -14.49 13.64 10.61
CA VAL A 100 -14.85 13.08 9.31
C VAL A 100 -16.31 12.65 9.35
N VAL A 101 -16.95 12.64 8.18
CA VAL A 101 -18.31 12.16 8.02
C VAL A 101 -18.33 11.21 6.83
N ASP A 102 -19.03 10.09 6.99
CA ASP A 102 -19.07 9.06 5.95
C ASP A 102 -20.25 9.22 5.00
N GLU A 103 -21.37 9.77 5.49
CA GLU A 103 -22.52 10.08 4.66
C GLU A 103 -22.62 11.59 4.49
N LEU A 104 -23.59 12.03 3.70
CA LEU A 104 -23.77 13.45 3.43
C LEU A 104 -25.23 13.71 3.09
N SER A 105 -25.96 14.32 4.03
CA SER A 105 -27.35 14.68 3.81
C SER A 105 -27.45 16.12 3.33
N THR A 106 -28.63 16.49 2.83
CA THR A 106 -28.87 17.85 2.39
C THR A 106 -29.07 18.79 3.56
N GLU A 107 -29.86 18.37 4.56
CA GLU A 107 -30.11 19.21 5.73
C GLU A 107 -28.89 19.27 6.65
N TYR A 108 -27.94 18.35 6.47
CA TYR A 108 -26.72 18.37 7.27
C TYR A 108 -25.90 19.63 7.00
N LEU A 109 -25.94 20.13 5.76
CA LEU A 109 -25.16 21.29 5.37
C LEU A 109 -25.52 22.55 6.14
N LYS A 110 -26.60 22.53 6.92
CA LYS A 110 -26.94 23.68 7.75
C LYS A 110 -26.04 23.79 8.98
N ASN A 111 -25.33 22.72 9.34
CA ASN A 111 -24.40 22.75 10.46
C ASN A 111 -23.05 23.36 10.09
N PHE A 112 -22.97 24.14 9.01
CA PHE A 112 -21.70 24.67 8.55
C PHE A 112 -21.85 26.12 8.12
N LYS A 113 -20.89 26.95 8.51
CA LYS A 113 -20.81 28.33 8.05
C LYS A 113 -20.27 28.42 6.64
N CYS A 114 -19.50 27.43 6.18
CA CYS A 114 -18.99 27.45 4.82
C CYS A 114 -18.81 26.02 4.33
N VAL A 115 -19.11 25.81 3.05
CA VAL A 115 -18.96 24.52 2.39
C VAL A 115 -18.03 24.71 1.20
N VAL A 116 -17.02 23.87 1.11
CA VAL A 116 -16.06 23.87 0.01
C VAL A 116 -16.18 22.54 -0.72
N VAL A 117 -16.11 22.59 -2.04
CA VAL A 117 -16.37 21.44 -2.90
C VAL A 117 -15.23 21.30 -3.90
N THR A 118 -14.59 20.12 -3.91
CA THR A 118 -13.60 19.79 -4.92
C THR A 118 -13.84 18.34 -5.35
N GLU A 119 -13.41 18.02 -6.56
CA GLU A 119 -13.56 16.66 -7.09
C GLU A 119 -15.04 16.23 -7.04
N THR A 120 -15.87 17.02 -7.71
CA THR A 120 -17.32 16.79 -7.69
C THR A 120 -17.90 17.19 -9.03
N SER A 121 -18.79 16.34 -9.56
CA SER A 121 -19.47 16.64 -10.80
C SER A 121 -20.20 17.97 -10.71
N LEU A 122 -20.51 18.53 -11.87
CA LEU A 122 -21.22 19.81 -11.92
C LEU A 122 -22.68 19.67 -11.48
N THR A 123 -23.26 18.48 -11.58
CA THR A 123 -24.66 18.29 -11.20
C THR A 123 -24.81 18.33 -9.68
N LYS A 124 -23.99 17.55 -8.97
CA LYS A 124 -24.02 17.60 -7.50
C LYS A 124 -23.62 18.99 -7.01
N GLN A 125 -22.69 19.64 -7.71
CA GLN A 125 -22.35 21.02 -7.39
C GLN A 125 -23.58 21.91 -7.50
N LEU A 126 -24.35 21.77 -8.58
CA LEU A 126 -25.53 22.60 -8.76
C LEU A 126 -26.54 22.35 -7.64
N GLU A 127 -26.78 21.08 -7.30
CA GLU A 127 -27.71 20.77 -6.23
C GLU A 127 -27.26 21.40 -4.91
N ILE A 128 -26.00 21.17 -4.54
CA ILE A 128 -25.48 21.66 -3.27
C ILE A 128 -25.54 23.19 -3.22
N ASN A 129 -25.17 23.85 -4.33
CA ASN A 129 -25.16 25.31 -4.35
C ASN A 129 -26.58 25.86 -4.28
N ASP A 130 -27.52 25.22 -4.99
CA ASP A 130 -28.92 25.63 -4.85
C ASP A 130 -29.34 25.59 -3.40
N PHE A 131 -29.04 24.49 -2.71
CA PHE A 131 -29.45 24.37 -1.31
C PHE A 131 -28.80 25.44 -0.45
N THR A 132 -27.47 25.56 -0.53
CA THR A 132 -26.76 26.53 0.31
C THR A 132 -27.27 27.94 0.04
N HIS A 133 -27.23 28.38 -1.22
CA HIS A 133 -27.68 29.72 -1.57
C HIS A 133 -29.10 29.97 -1.08
N LYS A 134 -29.98 28.96 -1.17
CA LYS A 134 -31.34 29.15 -0.68
C LYS A 134 -31.38 29.29 0.84
N ASN A 135 -30.47 28.63 1.56
CA ASN A 135 -30.42 28.71 3.01
C ASN A 135 -29.31 29.62 3.51
N HIS A 136 -28.79 30.49 2.65
CA HIS A 136 -27.77 31.46 3.01
C HIS A 136 -26.60 30.77 3.73
N ILE A 137 -25.80 30.06 2.92
CA ILE A 137 -24.66 29.31 3.40
C ILE A 137 -23.54 29.46 2.37
N ALA A 138 -22.38 29.92 2.82
CA ALA A 138 -21.27 30.17 1.90
C ALA A 138 -20.87 28.89 1.18
N TYR A 139 -20.61 29.02 -0.12
CA TYR A 139 -20.28 27.88 -0.98
C TYR A 139 -19.09 28.27 -1.86
N ILE A 140 -18.08 27.41 -1.87
CA ILE A 140 -16.84 27.67 -2.61
C ILE A 140 -16.46 26.38 -3.35
N ALA A 141 -16.50 26.43 -4.68
CA ALA A 141 -16.10 25.29 -5.49
C ALA A 141 -14.72 25.55 -6.10
N ALA A 142 -13.90 24.51 -6.19
CA ALA A 142 -12.55 24.68 -6.72
C ALA A 142 -12.09 23.41 -7.41
N ASP A 143 -11.34 23.58 -8.50
CA ASP A 143 -10.82 22.43 -9.23
C ASP A 143 -9.47 22.77 -9.84
N SER A 144 -8.53 21.83 -9.71
CA SER A 144 -7.20 21.93 -10.27
C SER A 144 -7.01 20.84 -11.31
N ARG A 145 -6.82 21.24 -12.56
CA ARG A 145 -6.72 20.31 -13.69
C ARG A 145 -5.44 20.67 -14.47
N GLY A 146 -4.36 19.94 -14.22
CA GLY A 146 -3.11 20.24 -14.89
C GLY A 146 -2.65 21.64 -14.54
N LEU A 147 -2.30 22.41 -15.58
CA LEU A 147 -1.89 23.80 -15.40
C LEU A 147 -3.09 24.76 -15.41
N PHE A 148 -4.29 24.25 -15.20
CA PHE A 148 -5.51 25.06 -15.21
C PHE A 148 -6.17 24.98 -13.83
N GLY A 149 -6.84 26.07 -13.46
CA GLY A 149 -7.48 26.14 -12.16
C GLY A 149 -8.72 26.99 -12.14
N SER A 150 -9.76 26.51 -11.46
CA SER A 150 -11.03 27.22 -11.40
C SER A 150 -11.48 27.36 -9.95
N ILE A 151 -12.02 28.54 -9.63
CA ILE A 151 -12.59 28.83 -8.32
C ILE A 151 -13.90 29.56 -8.51
N PHE A 152 -14.89 29.25 -7.67
CA PHE A 152 -16.18 29.90 -7.70
C PHE A 152 -16.66 30.12 -6.27
N CYS A 153 -17.24 31.30 -6.02
CA CYS A 153 -17.67 31.69 -4.69
C CYS A 153 -19.13 32.14 -4.74
N ASP A 154 -19.85 31.88 -3.63
CA ASP A 154 -21.25 32.29 -3.52
C ASP A 154 -21.57 32.37 -2.03
N PHE A 155 -21.64 33.60 -1.50
CA PHE A 155 -21.91 33.81 -0.09
C PHE A 155 -23.35 34.25 0.17
N GLY A 156 -24.26 33.95 -0.75
CA GLY A 156 -25.65 34.35 -0.60
C GLY A 156 -25.92 35.74 -1.16
N GLU A 157 -27.20 36.04 -1.29
CA GLU A 157 -27.63 37.32 -1.85
C GLU A 157 -27.58 38.45 -0.82
N ASN A 158 -27.24 38.17 0.42
CA ASN A 158 -27.19 39.19 1.47
C ASN A 158 -25.96 38.99 2.34
N PHE A 159 -24.79 38.84 1.70
CA PHE A 159 -23.54 38.72 2.43
C PHE A 159 -23.08 40.08 2.90
N ILE A 160 -22.48 40.14 4.08
CA ILE A 160 -21.99 41.39 4.66
C ILE A 160 -20.48 41.29 4.79
N CYS A 161 -19.78 42.30 4.27
CA CYS A 161 -18.33 42.39 4.37
C CYS A 161 -17.97 43.65 5.13
N THR A 162 -17.30 43.50 6.28
CA THR A 162 -16.97 44.62 7.13
C THR A 162 -15.70 45.33 6.72
N ASP A 163 -14.84 44.69 5.93
CA ASP A 163 -13.57 45.28 5.50
C ASP A 163 -13.37 44.95 4.03
N THR A 164 -13.37 45.98 3.19
CA THR A 164 -13.36 45.78 1.75
C THR A 164 -11.96 45.67 1.16
N ASP A 165 -10.93 46.12 1.88
CA ASP A 165 -9.57 46.06 1.37
C ASP A 165 -8.54 45.58 2.39
N GLY A 166 -8.91 45.43 3.66
CA GLY A 166 -8.00 44.97 4.68
C GLY A 166 -6.95 45.98 5.11
N ASN A 167 -6.76 47.07 4.37
CA ASN A 167 -5.76 48.06 4.74
C ASN A 167 -6.11 48.74 6.05
N GLU A 168 -5.08 49.13 6.79
CA GLU A 168 -5.30 49.82 8.05
C GLU A 168 -5.94 51.18 7.79
N PRO A 169 -6.86 51.63 8.63
CA PRO A 169 -7.49 52.94 8.41
C PRO A 169 -6.46 54.05 8.25
N LEU A 170 -6.73 54.96 7.32
CA LEU A 170 -5.86 56.11 7.10
C LEU A 170 -6.09 57.14 8.20
N THR A 171 -5.18 58.11 8.26
CA THR A 171 -5.26 59.16 9.26
C THR A 171 -4.34 60.31 8.86
N GLY A 172 -4.71 61.52 9.24
CA GLY A 172 -3.96 62.69 8.83
C GLY A 172 -4.19 63.89 9.73
N MET A 173 -3.30 64.87 9.59
CA MET A 173 -3.36 66.11 10.34
C MET A 173 -4.04 67.18 9.49
N ILE A 174 -5.16 67.71 9.98
CA ILE A 174 -5.97 68.68 9.25
C ILE A 174 -5.45 70.08 9.55
N ALA A 175 -5.17 70.83 8.48
CA ALA A 175 -4.83 72.25 8.63
C ALA A 175 -6.08 73.07 8.94
N SER A 176 -7.08 72.99 8.06
CA SER A 176 -8.30 73.76 8.26
C SER A 176 -9.46 73.06 7.54
N ILE A 177 -10.68 73.48 7.90
CA ILE A 177 -11.90 72.92 7.31
C ILE A 177 -12.85 74.10 7.06
N THR A 178 -13.16 74.35 5.79
CA THR A 178 -14.04 75.45 5.45
C THR A 178 -15.45 75.18 5.95
N ASP A 179 -16.33 76.17 5.79
CA ASP A 179 -17.72 76.02 6.21
C ASP A 179 -18.51 75.16 5.24
N ASP A 180 -18.04 74.99 4.00
CA ASP A 180 -18.68 74.12 3.03
C ASP A 180 -18.15 72.69 3.08
N GLY A 181 -17.09 72.44 3.85
CA GLY A 181 -16.58 71.10 4.04
C GLY A 181 -15.23 70.81 3.42
N VAL A 182 -14.52 71.84 2.95
CA VAL A 182 -13.24 71.61 2.28
C VAL A 182 -12.14 71.39 3.32
N VAL A 183 -11.93 70.13 3.69
CA VAL A 183 -10.81 69.78 4.57
C VAL A 183 -9.51 69.91 3.80
N THR A 184 -8.51 70.53 4.42
CA THR A 184 -7.19 70.71 3.84
C THR A 184 -6.15 70.04 4.74
N MET A 185 -5.08 69.55 4.13
CA MET A 185 -4.06 68.81 4.85
C MET A 185 -3.00 69.75 5.42
N LEU A 186 -2.29 69.24 6.45
CA LEU A 186 -1.24 70.02 7.10
C LEU A 186 -0.05 70.19 6.17
N GLU A 187 0.23 71.44 5.81
CA GLU A 187 1.33 71.74 4.91
C GLU A 187 1.16 71.00 3.58
N GLU A 188 1.96 69.97 3.34
CA GLU A 188 1.91 69.19 2.11
C GLU A 188 1.74 67.71 2.42
N THR A 189 0.93 67.40 3.43
CA THR A 189 0.64 66.01 3.77
C THR A 189 -0.46 65.48 2.87
N ARG A 190 -0.27 64.26 2.34
CA ARG A 190 -1.26 63.63 1.49
C ARG A 190 -2.24 62.84 2.33
N HIS A 191 -3.51 62.87 1.94
CA HIS A 191 -4.55 62.11 2.63
C HIS A 191 -4.77 60.73 2.01
N GLY A 192 -4.52 60.59 0.72
CA GLY A 192 -4.64 59.29 0.07
C GLY A 192 -6.04 58.72 0.08
N LEU A 193 -7.04 59.52 0.37
CA LEU A 193 -8.42 59.06 0.36
C LEU A 193 -8.93 58.90 -1.06
N GLU A 194 -9.91 58.01 -1.23
CA GLU A 194 -10.63 57.84 -2.48
C GLU A 194 -12.06 58.31 -2.31
N ASN A 195 -12.69 58.67 -3.43
CA ASN A 195 -14.09 59.05 -3.41
C ASN A 195 -14.94 57.92 -2.86
N GLY A 196 -15.69 58.20 -1.80
CA GLY A 196 -16.54 57.23 -1.15
C GLY A 196 -16.12 56.90 0.27
N ASP A 197 -14.85 57.11 0.62
CA ASP A 197 -14.39 56.83 1.97
C ASP A 197 -15.11 57.72 2.98
N PHE A 198 -15.31 57.18 4.18
CA PHE A 198 -15.89 57.93 5.29
C PHE A 198 -14.80 58.21 6.32
N VAL A 199 -14.87 59.38 6.96
CA VAL A 199 -13.85 59.78 7.92
C VAL A 199 -14.52 60.48 9.10
N LYS A 200 -13.91 60.33 10.28
CA LYS A 200 -14.28 61.07 11.47
C LYS A 200 -13.11 61.96 11.89
N PHE A 201 -13.39 62.88 12.80
CA PHE A 201 -12.42 63.89 13.18
C PHE A 201 -12.25 63.93 14.70
N THR A 202 -11.11 64.46 15.12
CA THR A 202 -10.79 64.59 16.53
C THR A 202 -9.95 65.84 16.76
N GLU A 203 -10.18 66.48 17.91
CA GLU A 203 -9.43 67.68 18.31
C GLU A 203 -9.42 68.71 17.19
N VAL A 204 -10.62 69.16 16.82
CA VAL A 204 -10.81 70.15 15.77
C VAL A 204 -11.25 71.46 16.43
N LYS A 205 -10.34 72.42 16.47
CA LYS A 205 -10.66 73.74 17.00
C LYS A 205 -11.66 74.45 16.10
N GLY A 206 -12.62 75.15 16.71
CA GLY A 206 -13.58 75.94 15.96
C GLY A 206 -14.90 75.23 15.74
N MET A 207 -14.84 73.93 15.46
CA MET A 207 -16.04 73.12 15.24
C MET A 207 -16.11 72.04 16.31
N PRO A 208 -16.88 72.24 17.38
CA PRO A 208 -16.91 71.22 18.44
C PRO A 208 -17.69 69.97 18.05
N GLY A 209 -18.85 70.13 17.43
CA GLY A 209 -19.72 69.01 17.12
C GLY A 209 -19.19 68.05 16.07
N LEU A 210 -18.03 68.34 15.47
CA LEU A 210 -17.47 67.47 14.45
C LEU A 210 -16.65 66.32 15.01
N ASN A 211 -16.24 66.40 16.27
CA ASN A 211 -15.35 65.42 16.87
C ASN A 211 -16.10 64.28 17.55
N ASP A 212 -17.43 64.31 17.55
CA ASP A 212 -18.20 63.24 18.21
C ASP A 212 -17.81 61.87 17.66
N GLY A 213 -17.84 61.72 16.33
CA GLY A 213 -17.46 60.47 15.70
C GLY A 213 -18.31 60.10 14.51
N THR A 214 -19.32 60.90 14.20
CA THR A 214 -20.21 60.63 13.07
C THR A 214 -19.41 60.63 11.78
N PRO A 215 -19.26 59.50 11.10
CA PRO A 215 -18.51 59.50 9.83
C PRO A 215 -19.22 60.32 8.78
N ARG A 216 -18.44 60.89 7.87
CA ARG A 216 -18.97 61.74 6.81
C ARG A 216 -18.31 61.39 5.50
N LYS A 217 -19.12 61.31 4.44
CA LYS A 217 -18.65 60.84 3.15
C LYS A 217 -17.62 61.81 2.56
N VAL A 218 -16.61 61.26 1.92
CA VAL A 218 -15.48 62.03 1.41
C VAL A 218 -15.63 62.23 -0.09
N GLU A 219 -15.31 63.42 -0.57
CA GLU A 219 -15.26 63.74 -1.99
C GLU A 219 -13.91 64.39 -2.26
N VAL A 220 -13.01 63.64 -2.90
CA VAL A 220 -11.65 64.12 -3.12
C VAL A 220 -11.66 65.18 -4.21
N LYS A 221 -10.88 66.25 -3.99
CA LYS A 221 -10.68 67.29 -4.99
C LYS A 221 -9.21 67.60 -5.19
N GLY A 222 -8.33 66.68 -4.79
CA GLY A 222 -6.91 66.89 -4.90
C GLY A 222 -6.16 66.02 -3.89
N PRO A 223 -4.86 65.85 -4.10
CA PRO A 223 -4.06 65.01 -3.19
C PRO A 223 -3.85 65.62 -1.82
N TYR A 224 -4.33 66.85 -1.57
CA TYR A 224 -4.16 67.50 -0.29
C TYR A 224 -5.44 68.10 0.26
N THR A 225 -6.56 68.04 -0.47
CA THR A 225 -7.82 68.58 -0.01
C THR A 225 -8.95 67.63 -0.39
N PHE A 226 -10.06 67.73 0.34
CA PHE A 226 -11.24 66.94 0.01
C PHE A 226 -12.46 67.50 0.72
N SER A 227 -13.61 67.43 0.05
CA SER A 227 -14.85 67.95 0.59
C SER A 227 -15.58 66.91 1.42
N ILE A 228 -16.36 67.39 2.40
CA ILE A 228 -17.21 66.52 3.21
C ILE A 228 -18.63 67.05 3.32
N GLY A 229 -18.96 68.16 2.67
CA GLY A 229 -20.31 68.68 2.67
C GLY A 229 -20.51 69.78 3.69
N SER A 230 -21.51 70.62 3.42
CA SER A 230 -21.80 71.77 4.27
C SER A 230 -21.89 71.37 5.74
N VAL A 231 -20.92 71.83 6.53
CA VAL A 231 -20.92 71.58 7.96
C VAL A 231 -20.90 72.91 8.70
N LYS A 232 -21.42 73.97 8.06
CA LYS A 232 -21.43 75.28 8.67
C LYS A 232 -22.43 75.39 9.82
N ASP A 233 -23.23 74.35 10.06
CA ASP A 233 -24.05 74.31 11.27
C ASP A 233 -23.22 73.93 12.50
N LEU A 234 -22.04 73.36 12.30
CA LEU A 234 -21.14 73.02 13.39
C LEU A 234 -20.13 74.12 13.70
N GLY A 235 -19.94 75.07 12.79
CA GLY A 235 -19.02 76.16 13.01
C GLY A 235 -18.67 76.85 11.72
N SER A 236 -18.18 78.08 11.84
CA SER A 236 -17.80 78.87 10.68
C SER A 236 -16.49 78.39 10.06
N ALA A 237 -15.68 77.64 10.79
CA ALA A 237 -14.42 77.12 10.27
C ALA A 237 -13.81 76.19 11.30
N GLY A 238 -12.86 75.38 10.84
CA GLY A 238 -12.14 74.48 11.72
C GLY A 238 -10.64 74.59 11.47
N TYR A 239 -9.87 74.19 12.48
CA TYR A 239 -8.42 74.33 12.43
C TYR A 239 -7.76 73.19 13.17
N ASN A 240 -6.54 72.86 12.74
CA ASN A 240 -5.66 71.92 13.44
C ASN A 240 -6.41 70.73 14.01
N GLY A 241 -6.86 69.82 13.14
CA GLY A 241 -7.55 68.62 13.56
C GLY A 241 -6.77 67.36 13.26
N VAL A 242 -7.41 66.23 13.53
CA VAL A 242 -6.87 64.93 13.14
C VAL A 242 -8.01 64.09 12.58
N PHE A 243 -7.94 63.74 11.31
CA PHE A 243 -8.95 62.91 10.67
C PHE A 243 -8.49 61.47 10.63
N THR A 244 -9.46 60.56 10.70
CA THR A 244 -9.22 59.12 10.71
C THR A 244 -10.32 58.42 9.92
N GLN A 245 -9.91 57.48 9.07
CA GLN A 245 -10.85 56.78 8.20
C GLN A 245 -11.68 55.77 8.97
N VAL A 246 -12.92 55.59 8.54
CA VAL A 246 -13.85 54.62 9.10
C VAL A 246 -14.18 53.61 8.02
N LYS A 247 -14.04 52.33 8.35
CA LYS A 247 -14.36 51.25 7.42
C LYS A 247 -15.84 50.92 7.54
N VAL A 248 -16.57 51.13 6.44
CA VAL A 248 -18.02 50.91 6.43
C VAL A 248 -18.30 49.49 5.92
N PRO A 249 -19.30 48.80 6.44
CA PRO A 249 -19.67 47.50 5.89
C PRO A 249 -20.25 47.66 4.48
N THR A 250 -20.45 46.52 3.82
CA THR A 250 -21.02 46.53 2.49
C THR A 250 -21.78 45.24 2.24
N LYS A 251 -22.98 45.37 1.68
CA LYS A 251 -23.78 44.21 1.29
C LYS A 251 -23.35 43.77 -0.10
N ILE A 252 -22.81 42.56 -0.19
CA ILE A 252 -22.51 41.91 -1.46
C ILE A 252 -23.58 40.85 -1.71
N SER A 253 -24.17 40.89 -2.90
CA SER A 253 -25.23 39.96 -3.28
C SER A 253 -24.66 39.00 -4.30
N PHE A 254 -24.54 37.74 -3.93
CA PHE A 254 -24.02 36.69 -4.80
C PHE A 254 -25.17 35.94 -5.45
N LYS A 255 -24.94 35.49 -6.69
CA LYS A 255 -25.92 34.73 -7.43
C LYS A 255 -25.57 33.25 -7.38
N SER A 256 -26.59 32.40 -7.33
CA SER A 256 -26.35 30.97 -7.26
C SER A 256 -25.61 30.49 -8.51
N LEU A 257 -24.87 29.39 -8.34
CA LEU A 257 -24.11 28.83 -9.46
C LEU A 257 -24.97 28.59 -10.68
N ARG A 258 -26.27 28.36 -10.48
CA ARG A 258 -27.16 28.06 -11.60
C ARG A 258 -27.46 29.32 -12.41
N GLU A 259 -27.99 30.35 -11.76
CA GLU A 259 -28.37 31.57 -12.46
C GLU A 259 -27.17 32.41 -12.89
N SER A 260 -25.96 32.04 -12.48
CA SER A 260 -24.75 32.74 -12.88
C SER A 260 -23.98 32.01 -13.97
N LEU A 261 -24.41 30.80 -14.34
CA LEU A 261 -23.68 30.00 -15.31
C LEU A 261 -23.84 30.53 -16.72
N LYS A 262 -24.87 31.32 -16.98
CA LYS A 262 -25.08 31.90 -18.31
C LYS A 262 -24.16 33.08 -18.56
N ASP A 263 -24.20 34.07 -17.67
CA ASP A 263 -23.40 35.29 -17.78
C ASP A 263 -22.57 35.45 -16.51
N PRO A 264 -21.52 34.66 -16.35
CA PRO A 264 -20.70 34.75 -15.13
C PRO A 264 -19.87 36.02 -15.10
N GLU A 265 -19.51 36.42 -13.87
CA GLU A 265 -18.66 37.58 -13.64
C GLU A 265 -17.25 37.09 -13.32
N TYR A 266 -16.30 37.40 -14.19
CA TYR A 266 -14.95 36.89 -14.07
C TYR A 266 -14.11 37.77 -13.15
N VAL A 267 -12.99 37.19 -12.69
CA VAL A 267 -11.96 37.91 -11.95
C VAL A 267 -10.63 37.55 -12.59
N TYR A 268 -10.08 38.49 -13.35
CA TYR A 268 -8.96 38.18 -14.24
C TYR A 268 -7.65 38.11 -13.47
N PRO A 269 -6.92 36.98 -13.52
CA PRO A 269 -5.59 36.96 -12.89
C PRO A 269 -4.50 37.54 -13.75
N ASP A 270 -4.72 37.72 -15.05
CA ASP A 270 -3.70 38.26 -15.93
C ASP A 270 -4.40 38.96 -17.09
N PHE A 271 -4.47 40.29 -17.03
CA PHE A 271 -5.08 41.07 -18.10
C PHE A 271 -4.45 40.78 -19.46
N GLY A 272 -3.22 40.25 -19.48
CA GLY A 272 -2.63 39.83 -20.74
C GLY A 272 -3.30 38.61 -21.33
N LYS A 273 -4.04 37.86 -20.52
CA LYS A 273 -4.82 36.72 -21.01
C LYS A 273 -6.30 37.01 -20.79
N MET A 274 -6.81 38.07 -21.41
CA MET A 274 -8.16 38.54 -21.13
C MET A 274 -9.24 37.70 -21.83
N MET A 275 -8.88 36.96 -22.86
CA MET A 275 -9.85 36.19 -23.65
C MET A 275 -9.93 34.73 -23.22
N ARG A 276 -9.20 34.33 -22.19
CA ARG A 276 -9.14 32.92 -21.78
C ARG A 276 -10.20 32.53 -20.75
N PRO A 277 -10.65 33.43 -19.87
CA PRO A 277 -11.61 33.02 -18.83
C PRO A 277 -12.87 32.40 -19.41
N PRO A 278 -13.42 32.92 -20.52
CA PRO A 278 -14.60 32.25 -21.10
C PRO A 278 -14.30 30.87 -21.64
N GLN A 279 -13.17 30.71 -22.33
CA GLN A 279 -12.76 29.39 -22.80
C GLN A 279 -12.74 28.40 -21.65
N TYR A 280 -12.14 28.79 -20.52
CA TYR A 280 -12.06 27.90 -19.36
C TYR A 280 -13.44 27.69 -18.75
N HIS A 281 -14.28 28.72 -18.73
CA HIS A 281 -15.62 28.57 -18.16
C HIS A 281 -16.41 27.52 -18.92
N ILE A 282 -16.23 27.45 -20.23
CA ILE A 282 -16.91 26.43 -21.02
C ILE A 282 -16.21 25.08 -20.85
N ALA A 283 -14.88 25.08 -20.81
CA ALA A 283 -14.13 23.82 -20.84
C ALA A 283 -14.26 23.07 -19.51
N PHE A 284 -14.30 23.78 -18.40
CA PHE A 284 -14.46 23.11 -17.10
C PHE A 284 -15.83 22.47 -16.97
N GLN A 285 -16.82 22.94 -17.72
CA GLN A 285 -18.12 22.28 -17.77
C GLN A 285 -18.07 21.09 -18.72
N ALA A 286 -17.49 21.28 -19.91
CA ALA A 286 -17.34 20.19 -20.85
C ALA A 286 -16.57 19.03 -20.24
N LEU A 287 -15.67 19.32 -19.31
CA LEU A 287 -14.90 18.27 -18.65
C LEU A 287 -15.81 17.43 -17.77
N SER A 288 -16.66 18.07 -16.98
CA SER A 288 -17.63 17.33 -16.16
C SER A 288 -18.57 16.53 -17.04
N ALA A 289 -18.95 17.09 -18.19
CA ALA A 289 -19.82 16.35 -19.12
C ALA A 289 -19.13 15.09 -19.64
N PHE A 290 -17.92 15.25 -20.18
CA PHE A 290 -17.14 14.10 -20.62
C PHE A 290 -17.02 13.06 -19.51
N ALA A 291 -16.83 13.51 -18.27
CA ALA A 291 -16.73 12.58 -17.15
C ALA A 291 -18.04 11.82 -16.97
N ASP A 292 -19.16 12.55 -16.97
CA ASP A 292 -20.46 11.90 -16.79
C ASP A 292 -20.75 10.90 -17.90
N ALA A 293 -20.22 11.14 -19.11
CA ALA A 293 -20.51 10.28 -20.25
C ALA A 293 -19.56 9.10 -20.40
N HIS A 294 -18.62 8.90 -19.48
CA HIS A 294 -17.65 7.82 -19.59
C HIS A 294 -17.35 7.22 -18.22
N GLU A 295 -18.41 6.91 -17.47
CA GLU A 295 -18.30 6.21 -16.20
C GLU A 295 -17.33 6.91 -15.24
N GLY A 296 -17.37 8.25 -15.25
CA GLY A 296 -16.54 9.04 -14.37
C GLY A 296 -15.11 9.23 -14.82
N SER A 297 -14.67 8.49 -15.83
CA SER A 297 -13.29 8.62 -16.31
C SER A 297 -13.06 9.98 -16.95
N LEU A 298 -11.83 10.48 -16.85
CA LEU A 298 -11.44 11.73 -17.47
C LEU A 298 -10.59 11.47 -18.70
N PRO A 299 -10.55 12.41 -19.64
CA PRO A 299 -9.76 12.21 -20.86
C PRO A 299 -8.35 11.73 -20.56
N ARG A 300 -7.87 10.80 -21.36
CA ARG A 300 -6.52 10.27 -21.18
C ARG A 300 -5.48 11.36 -21.42
N PRO A 301 -4.32 11.26 -20.78
CA PRO A 301 -3.30 12.31 -20.92
C PRO A 301 -2.83 12.44 -22.36
N ARG A 302 -2.99 13.64 -22.92
CA ARG A 302 -2.44 13.99 -24.23
C ARG A 302 -3.04 13.12 -25.34
N ASN A 303 -4.32 12.76 -25.20
CA ASN A 303 -5.01 11.94 -26.19
C ASN A 303 -5.82 12.83 -27.13
N ASP A 304 -5.85 12.45 -28.41
CA ASP A 304 -6.44 13.28 -29.45
C ASP A 304 -7.93 13.02 -29.64
N ILE A 305 -8.36 11.75 -29.66
CA ILE A 305 -9.78 11.45 -29.86
C ILE A 305 -10.59 11.87 -28.64
N ASP A 306 -10.04 11.66 -27.44
CA ASP A 306 -10.66 12.20 -26.24
C ASP A 306 -10.75 13.71 -26.33
N ALA A 307 -9.71 14.36 -26.88
CA ALA A 307 -9.74 15.81 -27.03
C ALA A 307 -10.83 16.24 -28.01
N ALA A 308 -11.06 15.45 -29.05
CA ALA A 308 -12.12 15.78 -30.01
C ALA A 308 -13.49 15.66 -29.35
N GLU A 309 -13.73 14.56 -28.62
CA GLU A 309 -14.98 14.44 -27.88
C GLU A 309 -15.15 15.60 -26.92
N PHE A 310 -14.07 16.00 -26.24
CA PHE A 310 -14.13 17.11 -25.31
C PHE A 310 -14.49 18.41 -26.00
N PHE A 311 -13.88 18.67 -27.16
CA PHE A 311 -14.16 19.89 -27.90
C PHE A 311 -15.61 19.92 -28.39
N GLU A 312 -16.15 18.76 -28.76
CA GLU A 312 -17.55 18.71 -29.17
C GLU A 312 -18.47 18.94 -27.98
N PHE A 313 -18.10 18.41 -26.81
CA PHE A 313 -18.85 18.73 -25.59
C PHE A 313 -18.82 20.23 -25.31
N CYS A 314 -17.67 20.87 -25.55
CA CYS A 314 -17.58 22.32 -25.40
C CYS A 314 -18.53 23.03 -26.35
N LYS A 315 -18.54 22.62 -27.61
CA LYS A 315 -19.46 23.21 -28.58
C LYS A 315 -20.91 23.05 -28.13
N LYS A 316 -21.27 21.86 -27.64
CA LYS A 316 -22.63 21.63 -27.18
C LYS A 316 -22.98 22.56 -26.02
N ILE A 317 -22.11 22.61 -25.00
CA ILE A 317 -22.41 23.43 -23.82
C ILE A 317 -22.43 24.91 -24.19
N ALA A 318 -21.70 25.30 -25.23
CA ALA A 318 -21.72 26.69 -25.66
C ALA A 318 -23.00 27.01 -26.41
N SER A 319 -23.49 26.08 -27.24
CA SER A 319 -24.74 26.30 -27.96
C SER A 319 -25.94 26.26 -27.03
N THR A 320 -25.85 25.53 -25.92
CA THR A 320 -26.96 25.47 -24.98
C THR A 320 -27.03 26.71 -24.11
N LEU A 321 -25.88 27.16 -23.58
CA LEU A 321 -25.84 28.35 -22.73
C LEU A 321 -25.95 29.65 -23.54
N GLN A 322 -26.03 29.57 -24.86
CA GLN A 322 -26.09 30.76 -25.70
C GLN A 322 -24.86 31.64 -25.48
N PHE A 323 -23.70 31.00 -25.34
CA PHE A 323 -22.45 31.72 -25.09
C PHE A 323 -21.87 32.19 -26.42
N ASP A 324 -21.93 33.50 -26.66
CA ASP A 324 -21.47 34.08 -27.92
C ASP A 324 -19.97 34.34 -27.84
N VAL A 325 -19.20 33.27 -28.07
CA VAL A 325 -17.75 33.35 -28.01
C VAL A 325 -17.17 32.36 -29.00
N GLU A 326 -16.10 32.78 -29.69
CA GLU A 326 -15.36 31.88 -30.57
C GLU A 326 -14.47 30.99 -29.72
N LEU A 327 -14.70 29.68 -29.82
CA LEU A 327 -13.95 28.73 -29.01
C LEU A 327 -12.57 28.47 -29.61
N ASP A 328 -11.53 28.65 -28.81
CA ASP A 328 -10.17 28.34 -29.22
C ASP A 328 -9.96 26.83 -29.15
N GLU A 329 -9.71 26.21 -30.32
CA GLU A 329 -9.63 24.76 -30.36
C GLU A 329 -8.38 24.25 -29.63
N LYS A 330 -7.21 24.81 -29.95
CA LYS A 330 -5.97 24.34 -29.34
C LYS A 330 -5.98 24.56 -27.84
N LEU A 331 -6.32 25.78 -27.40
CA LEU A 331 -6.33 26.08 -25.97
C LEU A 331 -7.30 25.16 -25.23
N ILE A 332 -8.49 24.95 -25.79
CA ILE A 332 -9.49 24.12 -25.12
C ILE A 332 -9.01 22.67 -25.04
N LYS A 333 -8.59 22.10 -26.17
CA LYS A 333 -8.07 20.73 -26.17
C LYS A 333 -6.87 20.58 -25.25
N GLU A 334 -6.15 21.67 -24.97
CA GLU A 334 -5.06 21.61 -24.00
C GLU A 334 -5.58 21.31 -22.60
N ILE A 335 -6.88 21.46 -22.36
CA ILE A 335 -7.45 21.07 -21.07
C ILE A 335 -7.79 19.58 -21.07
N SER A 336 -8.21 19.04 -22.21
CA SER A 336 -8.41 17.60 -22.32
C SER A 336 -7.08 16.87 -22.16
N TYR A 337 -6.05 17.34 -22.85
CA TYR A 337 -4.73 16.74 -22.73
C TYR A 337 -4.28 16.70 -21.27
N GLN A 338 -4.52 17.80 -20.54
CA GLN A 338 -4.09 17.93 -19.15
C GLN A 338 -5.26 17.71 -18.19
N ALA A 339 -6.17 16.81 -18.51
CA ALA A 339 -7.34 16.59 -17.65
C ALA A 339 -6.99 15.78 -16.41
N ARG A 340 -6.03 14.86 -16.51
CA ARG A 340 -5.61 14.04 -15.38
C ARG A 340 -4.42 14.62 -14.64
N GLY A 341 -4.04 15.86 -14.93
CA GLY A 341 -2.88 16.46 -14.28
C GLY A 341 -3.23 16.96 -12.90
N ASP A 342 -2.42 16.54 -11.92
CA ASP A 342 -2.58 16.95 -10.52
C ASP A 342 -1.22 17.44 -10.04
N LEU A 343 -0.94 18.72 -10.27
CA LEU A 343 0.34 19.31 -9.91
C LEU A 343 0.30 19.90 -8.51
N VAL A 344 1.39 19.74 -7.76
CA VAL A 344 1.41 20.23 -6.39
C VAL A 344 1.49 21.75 -6.37
N ALA A 345 2.11 22.36 -7.39
CA ALA A 345 2.19 23.81 -7.44
C ALA A 345 0.82 24.44 -7.61
N MET A 346 0.04 23.95 -8.58
CA MET A 346 -1.33 24.44 -8.76
C MET A 346 -2.16 24.18 -7.51
N SER A 347 -1.99 23.01 -6.90
CA SER A 347 -2.74 22.69 -5.69
C SER A 347 -2.41 23.70 -4.59
N ALA A 348 -1.13 23.99 -4.38
CA ALA A 348 -0.74 24.94 -3.34
C ALA A 348 -1.29 26.34 -3.63
N PHE A 349 -1.12 26.81 -4.87
CA PHE A 349 -1.63 28.11 -5.27
C PHE A 349 -3.13 28.23 -4.98
N LEU A 350 -3.93 27.40 -5.64
CA LEU A 350 -5.38 27.48 -5.48
C LEU A 350 -5.81 27.17 -4.06
N GLY A 351 -5.04 26.37 -3.32
CA GLY A 351 -5.42 26.04 -1.96
C GLY A 351 -5.24 27.22 -1.02
N GLY A 352 -4.10 27.92 -1.13
CA GLY A 352 -3.96 29.17 -0.40
C GLY A 352 -5.07 30.15 -0.74
N ALA A 353 -5.37 30.29 -2.04
CA ALA A 353 -6.42 31.21 -2.46
C ALA A 353 -7.77 30.84 -1.84
N VAL A 354 -8.16 29.57 -1.94
CA VAL A 354 -9.46 29.14 -1.46
C VAL A 354 -9.54 29.17 0.05
N ALA A 355 -8.42 28.89 0.74
CA ALA A 355 -8.42 29.01 2.20
C ALA A 355 -8.64 30.45 2.61
N GLN A 356 -7.98 31.39 1.94
CA GLN A 356 -8.24 32.79 2.25
C GLN A 356 -9.69 33.17 1.94
N GLU A 357 -10.26 32.58 0.89
CA GLU A 357 -11.68 32.86 0.60
C GLU A 357 -12.58 32.31 1.69
N VAL A 358 -12.25 31.14 2.24
CA VAL A 358 -13.02 30.58 3.35
C VAL A 358 -12.90 31.49 4.57
N LEU A 359 -11.70 32.03 4.81
CA LEU A 359 -11.51 32.99 5.88
C LEU A 359 -12.38 34.23 5.66
N LYS A 360 -12.44 34.72 4.43
CA LYS A 360 -13.35 35.83 4.11
C LYS A 360 -14.78 35.46 4.46
N ALA A 361 -15.20 34.25 4.10
CA ALA A 361 -16.58 33.84 4.34
C ALA A 361 -16.89 33.76 5.82
N THR A 362 -15.94 33.29 6.63
CA THR A 362 -16.20 33.10 8.05
C THR A 362 -16.08 34.40 8.82
N THR A 363 -15.03 35.18 8.57
CA THR A 363 -14.75 36.40 9.31
C THR A 363 -15.42 37.63 8.73
N SER A 364 -16.06 37.52 7.56
CA SER A 364 -16.72 38.65 6.93
C SER A 364 -15.76 39.82 6.68
N LYS A 365 -14.47 39.51 6.55
CA LYS A 365 -13.45 40.52 6.28
C LYS A 365 -12.78 40.23 4.93
N PHE A 366 -12.39 41.31 4.26
CA PHE A 366 -11.75 41.26 2.95
C PHE A 366 -12.76 40.98 1.85
N TYR A 367 -12.57 41.58 0.68
CA TYR A 367 -13.50 41.50 -0.44
C TYR A 367 -13.28 40.21 -1.22
N PRO A 368 -14.24 39.29 -1.23
CA PRO A 368 -14.02 37.99 -1.86
C PRO A 368 -14.10 38.07 -3.37
N LEU A 369 -13.75 36.96 -4.02
CA LEU A 369 -13.90 36.83 -5.46
C LEU A 369 -15.38 36.83 -5.82
N LYS A 370 -15.72 37.56 -6.87
CA LYS A 370 -17.12 37.73 -7.30
C LYS A 370 -17.13 37.62 -8.84
N GLN A 371 -17.35 36.41 -9.37
CA GLN A 371 -17.55 35.17 -8.62
C GLN A 371 -16.74 34.01 -9.21
N TYR A 372 -16.33 34.14 -10.46
CA TYR A 372 -15.61 33.09 -11.16
C TYR A 372 -14.16 33.51 -11.37
N PHE A 373 -13.24 32.56 -11.16
CA PHE A 373 -11.81 32.83 -11.21
C PHE A 373 -11.16 31.68 -11.98
N TYR A 374 -10.68 31.97 -13.19
CA TYR A 374 -10.08 30.96 -14.05
C TYR A 374 -8.64 31.36 -14.33
N PHE A 375 -7.70 30.49 -13.95
CA PHE A 375 -6.28 30.80 -13.98
C PHE A 375 -5.52 29.69 -14.69
N ASP A 376 -4.41 30.05 -15.31
CA ASP A 376 -3.57 29.07 -15.99
C ASP A 376 -2.12 29.49 -15.91
N SER A 377 -1.24 28.49 -15.84
CA SER A 377 0.20 28.72 -15.94
C SER A 377 0.72 27.94 -17.15
N LEU A 378 0.06 28.12 -18.30
CA LEU A 378 0.38 27.30 -19.46
C LEU A 378 1.82 27.49 -19.92
N GLU A 379 2.40 28.66 -19.65
CA GLU A 379 3.81 28.88 -20.01
C GLU A 379 4.72 27.88 -19.32
N SER A 380 4.25 27.21 -18.27
CA SER A 380 5.07 26.24 -17.56
C SER A 380 5.28 24.96 -18.37
N LEU A 381 4.46 24.72 -19.40
CA LEU A 381 4.59 23.50 -20.16
C LEU A 381 5.99 23.38 -20.74
N PRO A 382 6.59 22.20 -20.75
CA PRO A 382 7.96 22.07 -21.29
C PRO A 382 7.98 22.09 -22.81
N SER A 383 9.13 22.52 -23.34
CA SER A 383 9.41 22.45 -24.77
C SER A 383 10.72 21.75 -25.09
N SER A 384 11.59 21.53 -24.11
CA SER A 384 12.85 20.84 -24.35
C SER A 384 12.69 19.32 -24.43
N VAL A 385 11.48 18.80 -24.18
CA VAL A 385 11.22 17.37 -24.23
C VAL A 385 9.97 17.13 -25.07
N THR A 386 9.70 15.85 -25.33
CA THR A 386 8.58 15.45 -26.16
C THR A 386 7.36 15.22 -25.28
N ILE A 387 6.27 15.94 -25.57
CA ILE A 387 5.05 15.84 -24.78
C ILE A 387 3.98 15.16 -25.62
N SER A 388 4.05 13.84 -25.73
CA SER A 388 3.09 13.05 -26.49
C SER A 388 2.30 12.14 -25.54
N GLU A 389 1.45 11.31 -26.13
CA GLU A 389 0.66 10.37 -25.33
C GLU A 389 1.53 9.26 -24.76
N GLU A 390 2.60 8.88 -25.47
CA GLU A 390 3.45 7.80 -25.00
C GLU A 390 4.34 8.24 -23.83
N THR A 391 4.64 9.54 -23.74
CA THR A 391 5.45 10.02 -22.63
C THR A 391 4.62 10.31 -21.39
N CYS A 392 3.47 10.97 -21.56
CA CYS A 392 2.61 11.33 -20.44
C CYS A 392 1.79 10.17 -19.91
N LYS A 393 1.94 8.97 -20.46
CA LYS A 393 1.07 7.86 -20.07
C LYS A 393 1.30 7.50 -18.61
N PRO A 394 0.24 7.11 -17.88
CA PRO A 394 0.44 6.73 -16.48
C PRO A 394 1.38 5.54 -16.35
N ARG A 395 2.34 5.66 -15.43
CA ARG A 395 3.32 4.61 -15.19
C ARG A 395 2.99 3.79 -13.95
N GLY A 396 2.09 4.25 -13.10
CA GLY A 396 1.73 3.53 -11.89
C GLY A 396 2.51 3.91 -10.66
N CYS A 397 2.87 5.18 -10.52
CA CYS A 397 3.66 5.63 -9.37
C CYS A 397 3.07 6.91 -8.79
N ARG A 398 3.81 7.57 -7.88
CA ARG A 398 3.32 8.80 -7.26
C ARG A 398 3.37 9.97 -8.23
N TYR A 399 4.33 9.97 -9.15
CA TYR A 399 4.50 11.11 -10.06
C TYR A 399 3.53 11.07 -11.24
N ASP A 400 2.62 10.09 -11.30
CA ASP A 400 1.71 9.98 -12.43
C ASP A 400 1.00 11.31 -12.71
N GLY A 401 0.25 11.80 -11.72
CA GLY A 401 -0.47 13.05 -11.87
C GLY A 401 0.37 14.19 -12.40
N GLN A 402 1.68 14.12 -12.19
CA GLN A 402 2.59 15.13 -12.72
C GLN A 402 3.07 14.78 -14.12
N ILE A 403 3.47 13.52 -14.34
CA ILE A 403 3.95 13.10 -15.65
C ILE A 403 2.91 13.42 -16.72
N ALA A 404 1.63 13.15 -16.41
CA ALA A 404 0.55 13.41 -17.36
C ALA A 404 0.66 14.79 -18.00
N VAL A 405 1.30 15.73 -17.32
CA VAL A 405 1.49 17.09 -17.84
C VAL A 405 2.86 17.23 -18.50
N PHE A 406 3.91 16.78 -17.83
CA PHE A 406 5.27 17.10 -18.25
C PHE A 406 5.98 15.98 -18.99
N GLY A 407 5.68 14.73 -18.68
CA GLY A 407 6.27 13.62 -19.40
C GLY A 407 7.39 12.94 -18.64
N SER A 408 7.44 11.60 -18.74
CA SER A 408 8.46 10.84 -18.03
C SER A 408 9.84 11.44 -18.22
N GLU A 409 10.20 11.74 -19.47
CA GLU A 409 11.49 12.35 -19.76
C GLU A 409 11.74 13.55 -18.84
N PHE A 410 10.83 14.52 -18.88
CA PHE A 410 10.98 15.71 -18.04
C PHE A 410 11.12 15.33 -16.57
N GLN A 411 10.37 14.32 -16.13
CA GLN A 411 10.47 13.90 -14.72
C GLN A 411 11.91 13.68 -14.32
N GLU A 412 12.71 13.03 -15.19
CA GLU A 412 14.09 12.76 -14.84
C GLU A 412 14.86 14.05 -14.63
N LYS A 413 14.64 15.04 -15.50
CA LYS A 413 15.26 16.35 -15.30
C LYS A 413 14.92 16.91 -13.93
N ILE A 414 13.70 16.68 -13.46
CA ILE A 414 13.33 17.11 -12.11
C ILE A 414 14.09 16.29 -11.08
N ALA A 415 14.20 14.98 -11.29
CA ALA A 415 14.88 14.13 -10.33
C ALA A 415 16.36 14.51 -10.23
N SER A 416 16.98 14.84 -11.36
CA SER A 416 18.41 15.17 -11.39
C SER A 416 18.60 16.67 -11.21
N LEU A 417 18.14 17.16 -10.06
CA LEU A 417 18.20 18.58 -9.72
C LEU A 417 19.12 18.79 -8.52
N SER A 418 19.82 19.91 -8.53
CA SER A 418 20.64 20.35 -7.40
C SER A 418 20.14 21.74 -6.99
N THR A 419 19.40 21.77 -5.89
CA THR A 419 18.82 23.00 -5.37
C THR A 419 19.60 23.48 -4.16
N PHE A 420 19.57 24.80 -3.95
CA PHE A 420 20.06 25.41 -2.72
C PHE A 420 18.92 26.25 -2.17
N LEU A 421 18.24 25.72 -1.15
CA LEU A 421 17.18 26.45 -0.48
C LEU A 421 17.77 27.22 0.70
N VAL A 422 17.57 28.54 0.70
CA VAL A 422 18.12 29.41 1.75
C VAL A 422 16.97 29.77 2.68
N GLY A 423 16.92 29.14 3.83
CA GLY A 423 15.88 29.41 4.81
C GLY A 423 14.90 28.25 4.90
N ALA A 424 14.53 27.90 6.13
CA ALA A 424 13.59 26.82 6.40
C ALA A 424 12.43 27.31 7.25
N GLY A 425 11.93 28.50 6.93
CA GLY A 425 10.76 29.03 7.58
C GLY A 425 9.49 28.44 6.98
N ALA A 426 8.40 29.19 7.13
CA ALA A 426 7.13 28.77 6.53
C ALA A 426 7.27 28.65 5.02
N ILE A 427 7.84 29.68 4.39
CA ILE A 427 8.06 29.63 2.94
C ILE A 427 8.99 28.48 2.59
N GLY A 428 10.07 28.31 3.37
CA GLY A 428 10.98 27.21 3.10
C GLY A 428 10.32 25.86 3.23
N CYS A 429 9.47 25.69 4.25
CA CYS A 429 8.77 24.43 4.43
C CYS A 429 7.81 24.15 3.30
N GLU A 430 7.05 25.17 2.87
CA GLU A 430 6.17 25.01 1.72
C GLU A 430 6.98 24.60 0.48
N MET A 431 8.11 25.27 0.26
CA MET A 431 8.95 24.98 -0.90
C MET A 431 9.46 23.54 -0.83
N LEU A 432 9.86 23.09 0.35
CA LEU A 432 10.35 21.72 0.49
C LEU A 432 9.25 20.70 0.26
N LYS A 433 8.05 20.97 0.80
CA LYS A 433 6.92 20.08 0.53
C LYS A 433 6.64 19.98 -0.95
N ASN A 434 6.69 21.12 -1.67
CA ASN A 434 6.45 21.10 -3.11
C ASN A 434 7.54 20.31 -3.83
N TRP A 435 8.80 20.58 -3.51
CA TRP A 435 9.90 19.85 -4.12
C TRP A 435 9.78 18.35 -3.87
N ALA A 436 9.27 17.98 -2.68
CA ALA A 436 9.14 16.57 -2.35
C ALA A 436 8.02 15.92 -3.16
N MET A 437 6.84 16.53 -3.18
CA MET A 437 5.75 15.99 -3.98
C MET A 437 6.16 15.89 -5.44
N MET A 438 6.95 16.86 -5.92
CA MET A 438 7.41 16.86 -7.31
C MET A 438 8.51 15.85 -7.57
N GLY A 439 9.11 15.28 -6.54
CA GLY A 439 10.22 14.37 -6.74
C GLY A 439 11.52 15.07 -7.09
N VAL A 440 11.67 16.34 -6.70
CA VAL A 440 12.90 17.07 -6.99
C VAL A 440 14.07 16.43 -6.26
N ALA A 441 15.18 16.25 -6.98
CA ALA A 441 16.43 15.74 -6.44
C ALA A 441 16.39 14.26 -6.08
N THR A 442 15.33 13.56 -6.45
CA THR A 442 15.22 12.13 -6.13
C THR A 442 16.13 11.27 -7.00
N GLY A 443 16.59 11.79 -8.13
CA GLY A 443 17.36 11.01 -9.07
C GLY A 443 18.73 10.61 -8.50
N GLU A 444 19.56 10.09 -9.40
CA GLU A 444 20.87 9.62 -9.00
C GLU A 444 21.80 10.78 -8.69
N SER A 445 21.83 11.79 -9.55
CA SER A 445 22.67 12.96 -9.33
C SER A 445 21.98 14.05 -8.53
N GLY A 446 20.68 13.91 -8.28
CA GLY A 446 19.96 14.95 -7.56
C GLY A 446 20.40 15.07 -6.11
N HIS A 447 20.17 16.25 -5.55
CA HIS A 447 20.53 16.53 -4.17
C HIS A 447 19.93 17.86 -3.77
N ILE A 448 19.53 17.97 -2.50
CA ILE A 448 18.99 19.20 -1.93
C ILE A 448 19.93 19.68 -0.84
N SER A 449 20.10 20.99 -0.76
CA SER A 449 20.93 21.62 0.27
C SER A 449 20.12 22.72 0.93
N VAL A 450 19.70 22.50 2.17
CA VAL A 450 18.91 23.47 2.93
C VAL A 450 19.80 24.09 4.00
N THR A 451 19.48 25.32 4.37
CA THR A 451 20.28 26.03 5.37
C THR A 451 19.43 27.09 6.04
N ASP A 452 19.57 27.20 7.36
CA ASP A 452 18.87 28.19 8.16
C ASP A 452 19.37 28.13 9.60
N MET A 453 19.96 29.21 10.09
CA MET A 453 20.62 29.17 11.40
C MET A 453 19.61 29.14 12.54
N ASP A 454 18.40 29.67 12.33
CA ASP A 454 17.43 29.74 13.42
C ASP A 454 17.02 28.34 13.88
N SER A 455 16.59 28.27 15.13
CA SER A 455 16.13 27.03 15.74
C SER A 455 14.67 27.16 16.13
N ILE A 456 14.00 26.01 16.24
CA ILE A 456 12.57 25.98 16.51
C ILE A 456 12.34 26.33 17.98
N GLU A 457 11.59 27.40 18.21
CA GLU A 457 11.28 27.87 19.55
C GLU A 457 9.77 27.97 19.73
N LYS A 458 9.32 27.75 20.97
CA LYS A 458 7.89 27.79 21.26
C LYS A 458 7.28 29.14 20.88
N SER A 459 5.95 29.15 20.76
CA SER A 459 5.22 30.34 20.38
C SER A 459 3.72 30.09 20.52
N ASN A 460 3.09 30.71 21.52
CA ASN A 460 1.68 30.48 21.81
C ASN A 460 0.74 31.20 20.84
N LEU A 461 1.27 31.79 19.76
CA LEU A 461 0.42 32.49 18.79
C LEU A 461 0.86 32.23 17.36
N ASN A 462 1.59 31.13 17.11
CA ASN A 462 2.16 30.89 15.79
C ASN A 462 2.16 29.38 15.56
N ARG A 463 1.22 28.91 14.75
CA ARG A 463 1.19 27.52 14.31
C ARG A 463 1.97 27.39 13.01
N GLN A 464 2.61 26.22 12.84
CA GLN A 464 3.43 25.97 11.66
C GLN A 464 3.00 24.68 10.99
N PHE A 465 3.40 24.55 9.72
CA PHE A 465 2.98 23.43 8.90
C PHE A 465 3.70 22.15 9.30
N LEU A 466 5.03 22.12 9.16
CA LEU A 466 5.79 20.93 9.48
C LEU A 466 6.24 20.89 10.92
N PHE A 467 6.60 22.03 11.49
CA PHE A 467 7.15 22.08 12.84
C PHE A 467 6.06 21.80 13.86
N ARG A 468 6.28 20.81 14.70
CA ARG A 468 5.40 20.43 15.79
C ARG A 468 5.90 21.01 17.10
N PRO A 469 5.04 21.07 18.13
CA PRO A 469 5.53 21.54 19.44
C PRO A 469 6.64 20.67 20.00
N ARG A 470 6.57 19.35 19.80
CA ARG A 470 7.62 18.46 20.25
C ARG A 470 8.94 18.74 19.55
N ASP A 471 8.90 19.31 18.35
CA ASP A 471 10.12 19.62 17.59
C ASP A 471 10.87 20.82 18.15
N VAL A 472 10.44 21.39 19.27
CA VAL A 472 11.11 22.57 19.81
C VAL A 472 12.54 22.22 20.19
N GLY A 473 13.45 23.17 19.98
CA GLY A 473 14.84 22.99 20.29
C GLY A 473 15.69 22.48 19.13
N LYS A 474 15.07 22.06 18.04
CA LYS A 474 15.81 21.52 16.90
C LYS A 474 16.13 22.62 15.90
N LEU A 475 16.94 22.27 14.90
CA LEU A 475 17.23 23.16 13.80
C LEU A 475 16.12 23.06 12.76
N LYS A 476 15.62 24.23 12.32
CA LYS A 476 14.53 24.24 11.35
C LYS A 476 14.85 23.39 10.13
N SER A 477 16.07 23.54 9.60
CA SER A 477 16.44 22.85 8.36
C SER A 477 16.34 21.33 8.53
N GLU A 478 16.92 20.80 9.61
CA GLU A 478 16.95 19.35 9.79
C GLU A 478 15.55 18.80 10.04
N CYS A 479 14.76 19.49 10.87
CA CYS A 479 13.39 19.04 11.13
C CYS A 479 12.56 19.03 9.85
N ALA A 480 12.72 20.07 9.02
CA ALA A 480 12.02 20.11 7.75
C ALA A 480 12.47 18.98 6.83
N SER A 481 13.78 18.73 6.77
CA SER A 481 14.27 17.60 5.98
C SER A 481 13.63 16.29 6.43
N THR A 482 13.52 16.10 7.75
CA THR A 482 12.94 14.86 8.25
C THR A 482 11.47 14.73 7.86
N ALA A 483 10.69 15.79 8.08
CA ALA A 483 9.28 15.74 7.70
C ALA A 483 9.12 15.48 6.22
N VAL A 484 9.91 16.16 5.39
CA VAL A 484 9.84 15.97 3.94
C VAL A 484 10.14 14.52 3.58
N SER A 485 11.21 13.96 4.15
CA SER A 485 11.51 12.56 3.91
C SER A 485 10.33 11.67 4.28
N ILE A 486 9.67 11.97 5.40
CA ILE A 486 8.46 11.23 5.75
C ILE A 486 7.44 11.33 4.62
N MET A 487 7.30 12.51 4.03
CA MET A 487 6.32 12.68 2.95
C MET A 487 6.69 11.85 1.72
N ASN A 488 7.94 11.97 1.26
CA ASN A 488 8.42 11.19 0.12
C ASN A 488 9.73 10.53 0.53
N PRO A 489 9.67 9.32 1.08
CA PRO A 489 10.91 8.66 1.54
C PRO A 489 12.00 8.55 0.49
N SER A 490 11.66 8.74 -0.79
CA SER A 490 12.67 8.68 -1.84
C SER A 490 13.75 9.74 -1.70
N LEU A 491 13.58 10.71 -0.78
CA LEU A 491 14.54 11.77 -0.59
C LEU A 491 15.58 11.48 0.49
N THR A 492 15.39 10.42 1.29
CA THR A 492 16.32 10.14 2.37
C THR A 492 17.74 10.02 1.86
N GLY A 493 18.67 10.71 2.51
CA GLY A 493 20.04 10.78 2.07
C GLY A 493 20.29 11.75 0.95
N LYS A 494 19.27 12.48 0.50
CA LYS A 494 19.40 13.44 -0.59
C LYS A 494 19.35 14.88 -0.11
N ILE A 495 19.16 15.10 1.19
CA ILE A 495 18.93 16.44 1.74
C ILE A 495 20.03 16.71 2.76
N THR A 496 21.05 17.45 2.36
CA THR A 496 22.02 17.98 3.32
C THR A 496 21.45 19.25 3.92
N SER A 497 21.18 19.22 5.21
CA SER A 497 20.56 20.34 5.93
C SER A 497 21.63 21.04 6.75
N TYR A 498 22.08 22.20 6.27
CA TYR A 498 23.01 23.03 6.99
C TYR A 498 22.27 23.86 8.04
N GLN A 499 23.05 24.46 8.95
CA GLN A 499 22.52 25.33 9.98
C GLN A 499 23.22 26.69 9.96
N GLU A 500 23.67 27.12 8.79
CA GLU A 500 24.48 28.31 8.64
C GLU A 500 23.63 29.51 8.27
N ARG A 501 24.08 30.69 8.70
CA ARG A 501 23.59 31.95 8.17
C ARG A 501 24.27 32.22 6.84
N VAL A 502 23.50 32.77 5.91
CA VAL A 502 24.00 33.01 4.55
C VAL A 502 24.51 34.45 4.47
N GLY A 503 25.82 34.60 4.33
CA GLY A 503 26.44 35.90 4.29
C GLY A 503 27.92 35.81 4.00
N PRO A 504 28.64 36.91 4.22
CA PRO A 504 30.09 36.91 3.88
C PRO A 504 30.91 35.90 4.66
N GLU A 505 30.59 35.68 5.95
CA GLU A 505 31.41 34.76 6.75
C GLU A 505 31.23 33.32 6.30
N SER A 506 30.02 32.95 5.88
CA SER A 506 29.72 31.58 5.48
C SER A 506 30.22 31.25 4.07
N GLU A 507 31.04 32.10 3.47
CA GLU A 507 31.56 31.83 2.12
C GLU A 507 32.57 30.69 2.10
N GLY A 508 32.96 30.16 3.26
CA GLY A 508 33.85 29.02 3.28
C GLY A 508 33.14 27.71 2.98
N ILE A 509 31.89 27.58 3.42
CA ILE A 509 31.08 26.42 3.10
C ILE A 509 30.39 26.58 1.75
N PHE A 510 29.66 27.68 1.59
CA PHE A 510 28.96 27.98 0.34
C PHE A 510 29.87 28.72 -0.63
N GLY A 511 30.93 27.99 -1.04
CA GLY A 511 31.93 28.52 -1.92
C GLY A 511 31.82 27.98 -3.34
N ASP A 512 32.92 28.12 -4.08
CA ASP A 512 32.91 27.77 -5.50
C ASP A 512 32.46 26.33 -5.71
N GLU A 513 33.02 25.38 -4.96
CA GLU A 513 32.63 23.99 -5.11
C GLU A 513 31.14 23.80 -4.83
N PHE A 514 30.61 24.56 -3.87
CA PHE A 514 29.21 24.39 -3.49
C PHE A 514 28.27 24.80 -4.62
N PHE A 515 28.64 25.84 -5.36
CA PHE A 515 27.79 26.34 -6.44
C PHE A 515 28.00 25.61 -7.75
N GLU A 516 29.24 25.28 -8.09
CA GLU A 516 29.51 24.62 -9.37
C GLU A 516 28.69 23.35 -9.54
N LYS A 517 28.21 22.76 -8.45
CA LYS A 517 27.35 21.59 -8.52
C LYS A 517 25.87 21.92 -8.55
N LEU A 518 25.49 23.12 -8.11
CA LEU A 518 24.09 23.47 -7.97
C LEU A 518 23.41 23.62 -9.32
N SER A 519 22.11 23.39 -9.33
CA SER A 519 21.25 23.69 -10.48
C SER A 519 20.56 25.02 -10.32
N LEU A 520 19.98 25.30 -9.15
CA LEU A 520 19.28 26.56 -8.94
C LEU A 520 19.27 26.91 -7.46
N VAL A 521 18.98 28.18 -7.17
CA VAL A 521 18.91 28.67 -5.80
C VAL A 521 17.51 29.25 -5.55
N THR A 522 17.04 29.11 -4.32
CA THR A 522 15.69 29.53 -3.96
C THR A 522 15.71 30.19 -2.60
N ASN A 523 15.27 31.44 -2.54
CA ASN A 523 15.19 32.19 -1.29
C ASN A 523 13.87 31.93 -0.59
N ALA A 524 13.95 31.76 0.73
CA ALA A 524 12.79 31.72 1.61
C ALA A 524 13.06 32.62 2.81
N LEU A 525 13.39 33.88 2.51
CA LEU A 525 13.97 34.80 3.47
C LEU A 525 12.92 35.75 4.04
N ASP A 526 13.34 36.52 5.04
CA ASP A 526 12.51 37.52 5.69
C ASP A 526 13.13 38.90 5.72
N ASN A 527 14.36 39.05 5.24
CA ASN A 527 15.06 40.33 5.24
C ASN A 527 15.67 40.59 3.87
N VAL A 528 15.81 41.87 3.55
CA VAL A 528 16.27 42.25 2.21
C VAL A 528 17.78 42.04 2.04
N GLU A 529 18.56 42.16 3.13
CA GLU A 529 20.01 42.02 3.00
C GLU A 529 20.39 40.62 2.53
N ALA A 530 19.72 39.60 3.08
CA ALA A 530 19.99 38.23 2.65
C ALA A 530 19.61 38.01 1.19
N ARG A 531 18.46 38.56 0.78
CA ARG A 531 18.06 38.46 -0.62
C ARG A 531 19.14 39.08 -1.52
N MET A 532 19.63 40.26 -1.15
CA MET A 532 20.64 40.94 -1.96
C MET A 532 21.94 40.13 -2.02
N TYR A 533 22.38 39.59 -0.89
CA TYR A 533 23.61 38.81 -0.88
C TYR A 533 23.47 37.57 -1.76
N VAL A 534 22.37 36.83 -1.60
CA VAL A 534 22.15 35.64 -2.40
C VAL A 534 22.07 36.00 -3.88
N ASP A 535 21.46 37.15 -4.19
CA ASP A 535 21.37 37.59 -5.58
C ASP A 535 22.75 37.83 -6.16
N ARG A 536 23.60 38.56 -5.43
CA ARG A 536 24.95 38.81 -5.93
C ARG A 536 25.72 37.51 -6.12
N ARG A 537 25.58 36.57 -5.18
CA ARG A 537 26.25 35.28 -5.32
C ARG A 537 25.79 34.56 -6.57
N CYS A 538 24.47 34.44 -6.74
CA CYS A 538 23.93 33.74 -7.91
C CYS A 538 24.39 34.41 -9.20
N VAL A 539 24.46 35.75 -9.21
CA VAL A 539 24.95 36.45 -10.39
C VAL A 539 26.40 36.08 -10.67
N PHE A 540 27.23 35.99 -9.61
CA PHE A 540 28.62 35.61 -9.82
C PHE A 540 28.72 34.21 -10.41
N PHE A 541 28.07 33.24 -9.78
CA PHE A 541 28.18 31.85 -10.23
C PHE A 541 27.25 31.53 -11.39
N GLU A 542 26.51 32.50 -11.92
CA GLU A 542 25.65 32.30 -13.08
C GLU A 542 24.68 31.14 -12.85
N LYS A 543 23.90 31.26 -11.77
CA LYS A 543 22.94 30.25 -11.40
C LYS A 543 21.56 30.88 -11.25
N PRO A 544 20.50 30.24 -11.74
CA PRO A 544 19.16 30.83 -11.63
C PRO A 544 18.73 30.99 -10.18
N LEU A 545 17.87 31.98 -9.95
CA LEU A 545 17.40 32.29 -8.61
C LEU A 545 15.88 32.45 -8.61
N LEU A 546 15.24 31.89 -7.59
CA LEU A 546 13.82 32.08 -7.33
C LEU A 546 13.68 32.87 -6.04
N GLU A 547 12.78 33.87 -6.06
CA GLU A 547 12.64 34.82 -4.96
C GLU A 547 11.17 34.99 -4.64
N SER A 548 10.83 34.96 -3.36
CA SER A 548 9.44 35.11 -2.93
C SER A 548 9.40 35.94 -1.66
N GLY A 549 8.32 36.71 -1.50
CA GLY A 549 8.13 37.49 -0.30
C GLY A 549 6.67 37.66 0.01
N THR A 550 6.38 37.92 1.28
CA THR A 550 5.00 38.06 1.75
C THR A 550 4.88 39.26 2.67
N LEU A 551 3.62 39.60 2.99
CA LEU A 551 3.29 40.71 3.85
C LEU A 551 1.80 40.65 4.16
N GLY A 552 1.45 39.97 5.26
CA GLY A 552 0.05 39.74 5.56
C GLY A 552 -0.64 38.96 4.46
N THR A 553 -1.58 39.61 3.76
CA THR A 553 -2.31 38.98 2.67
C THR A 553 -1.70 39.29 1.30
N LYS A 554 -0.54 39.95 1.26
CA LYS A 554 0.10 40.28 0.01
C LYS A 554 1.34 39.42 -0.18
N GLY A 555 1.75 39.28 -1.44
CA GLY A 555 2.92 38.47 -1.75
C GLY A 555 3.41 38.76 -3.16
N ASN A 556 4.69 38.43 -3.38
CA ASN A 556 5.31 38.64 -4.67
C ASN A 556 6.28 37.50 -4.95
N THR A 557 6.52 37.29 -6.24
CA THR A 557 7.34 36.20 -6.76
C THR A 557 8.15 36.72 -7.94
N GLN A 558 9.46 36.53 -7.90
CA GLN A 558 10.35 36.99 -8.96
C GLN A 558 11.35 35.90 -9.32
N VAL A 559 11.78 35.90 -10.58
CA VAL A 559 12.72 34.92 -11.08
C VAL A 559 13.90 35.66 -11.71
N VAL A 560 15.08 35.08 -11.57
CA VAL A 560 16.31 35.62 -12.13
C VAL A 560 16.96 34.52 -12.95
N VAL A 561 17.17 34.79 -14.24
CA VAL A 561 17.66 33.80 -15.19
C VAL A 561 18.98 34.32 -15.75
N PRO A 562 20.06 33.54 -15.69
CA PRO A 562 21.35 34.05 -16.18
C PRO A 562 21.29 34.47 -17.64
N HIS A 563 21.95 35.59 -17.93
CA HIS A 563 22.06 36.13 -19.28
C HIS A 563 20.71 36.42 -19.92
N LEU A 564 19.66 36.58 -19.11
CA LEU A 564 18.32 36.78 -19.63
C LEU A 564 17.65 37.97 -18.94
N THR A 565 17.41 37.86 -17.64
CA THR A 565 16.72 38.87 -16.88
C THR A 565 17.70 39.66 -16.00
N GLU A 566 17.24 40.80 -15.53
CA GLU A 566 18.00 41.54 -14.53
C GLU A 566 17.80 40.90 -13.15
N SER A 567 18.72 41.18 -12.25
CA SER A 567 18.74 40.51 -10.96
C SER A 567 17.81 41.21 -9.97
N TYR A 568 17.64 40.58 -8.80
CA TYR A 568 16.81 41.16 -7.75
C TYR A 568 17.36 42.49 -7.27
N GLY A 569 18.69 42.65 -7.27
CA GLY A 569 19.29 43.89 -6.84
C GLY A 569 19.29 45.00 -7.87
N SER A 570 18.85 44.72 -9.08
CA SER A 570 18.81 45.72 -10.15
C SER A 570 17.62 46.66 -10.03
N SER A 571 16.87 46.60 -8.92
CA SER A 571 15.74 47.47 -8.70
C SER A 571 15.59 47.71 -7.21
N GLN A 572 14.93 48.81 -6.85
CA GLN A 572 14.70 49.18 -5.46
C GLN A 572 13.20 49.29 -5.21
N ASP A 573 12.80 49.07 -3.96
CA ASP A 573 11.41 49.12 -3.57
C ASP A 573 11.14 50.33 -2.69
N PRO A 574 9.88 50.75 -2.57
CA PRO A 574 9.56 51.89 -1.71
C PRO A 574 9.88 51.58 -0.26
N PRO A 575 9.98 52.61 0.59
CA PRO A 575 10.25 52.36 2.01
C PRO A 575 9.08 51.62 2.67
N GLU A 576 9.42 50.59 3.43
CA GLU A 576 8.39 49.73 4.03
C GLU A 576 7.50 50.53 4.98
N LYS A 577 6.19 50.48 4.72
CA LYS A 577 5.23 51.17 5.57
C LYS A 577 4.82 50.34 6.78
N SER A 578 4.99 49.02 6.73
CA SER A 578 4.66 48.15 7.83
C SER A 578 5.80 47.15 8.03
N PHE A 579 5.68 46.34 9.07
CA PHE A 579 6.72 45.36 9.41
C PHE A 579 6.10 43.96 9.46
N PRO A 580 6.59 43.01 8.67
CA PRO A 580 6.02 41.66 8.70
C PRO A 580 6.75 40.75 9.68
N ILE A 581 5.97 39.97 10.43
CA ILE A 581 6.54 38.95 11.31
C ILE A 581 5.95 37.59 10.92
N CYS A 582 6.83 36.64 10.62
CA CYS A 582 6.41 35.26 10.38
C CYS A 582 6.49 34.44 11.66
N THR A 583 7.65 34.45 12.32
CA THR A 583 7.87 33.68 13.53
C THR A 583 8.97 34.37 14.32
N LEU A 584 8.84 34.33 15.65
CA LEU A 584 9.81 34.98 16.52
C LEU A 584 11.22 34.53 16.18
N LYS A 585 12.16 35.48 16.17
CA LYS A 585 13.54 35.19 15.87
C LYS A 585 14.32 34.89 17.14
N ASN A 586 15.31 34.01 17.01
CA ASN A 586 16.13 33.60 18.16
C ASN A 586 17.21 34.61 18.49
N PHE A 587 17.58 35.47 17.54
CA PHE A 587 18.63 36.48 17.73
C PHE A 587 18.08 37.83 17.27
N PRO A 588 17.23 38.47 18.07
CA PRO A 588 16.63 39.75 17.65
C PRO A 588 17.69 40.78 17.29
N ASN A 589 17.36 41.68 16.37
CA ASN A 589 18.31 42.71 15.96
C ASN A 589 17.65 44.07 15.88
N ARG A 590 16.35 44.09 15.61
CA ARG A 590 15.57 45.32 15.59
C ARG A 590 14.48 45.26 16.66
N ILE A 591 13.96 46.42 17.01
CA ILE A 591 13.07 46.51 18.16
C ILE A 591 11.73 45.83 17.86
N GLU A 592 11.34 45.75 16.59
CA GLU A 592 10.08 45.09 16.25
C GLU A 592 10.07 43.63 16.71
N HIS A 593 11.23 42.97 16.67
CA HIS A 593 11.31 41.60 17.13
C HIS A 593 10.98 41.50 18.61
N THR A 594 11.55 42.40 19.41
CA THR A 594 11.25 42.40 20.85
C THR A 594 9.82 42.81 21.12
N ILE A 595 9.23 43.67 20.27
CA ILE A 595 7.83 44.04 20.44
C ILE A 595 6.94 42.81 20.23
N ALA A 596 7.17 42.08 19.14
CA ALA A 596 6.41 40.86 18.90
C ALA A 596 6.63 39.85 20.03
N TRP A 597 7.87 39.69 20.46
CA TRP A 597 8.18 38.78 21.56
C TRP A 597 7.42 39.17 22.83
N ALA A 598 7.36 40.47 23.12
CA ALA A 598 6.64 40.93 24.30
C ALA A 598 5.15 40.68 24.17
N ARG A 599 4.61 40.81 22.95
CA ARG A 599 3.20 40.49 22.76
C ARG A 599 2.93 39.00 23.00
N ASP A 600 3.81 38.14 22.48
CA ASP A 600 3.67 36.71 22.72
C ASP A 600 3.75 36.40 24.21
N LEU A 601 4.65 37.10 24.93
CA LEU A 601 4.75 36.93 26.37
C LEU A 601 3.48 37.39 27.07
N PHE A 602 2.92 38.53 26.64
CA PHE A 602 1.64 38.99 27.17
C PHE A 602 0.60 37.90 27.04
N GLU A 603 0.49 37.30 25.86
CA GLU A 603 -0.48 36.23 25.64
C GLU A 603 -0.20 35.06 26.58
N GLY A 604 1.07 34.65 26.68
CA GLY A 604 1.40 33.49 27.50
C GLY A 604 1.18 33.71 28.98
N LEU A 605 1.23 34.96 29.44
CA LEU A 605 1.16 35.28 30.86
C LEU A 605 -0.24 35.66 31.33
N PHE A 606 -0.99 36.44 30.54
CA PHE A 606 -2.27 37.00 31.01
C PHE A 606 -3.44 36.59 30.12
N LYS A 607 -3.34 35.45 29.43
CA LYS A 607 -4.41 35.03 28.53
C LYS A 607 -4.60 33.53 28.55
N GLN A 608 -3.62 32.78 28.02
CA GLN A 608 -3.80 31.33 27.86
C GLN A 608 -3.95 30.61 29.19
N PRO A 609 -3.10 30.84 30.20
CA PRO A 609 -3.34 30.18 31.49
C PRO A 609 -4.70 30.54 32.09
N ILE A 610 -5.12 31.79 31.92
CA ILE A 610 -6.39 32.23 32.49
C ILE A 610 -7.55 31.56 31.76
N ASP A 611 -7.47 31.43 30.44
CA ASP A 611 -8.51 30.72 29.71
C ASP A 611 -8.52 29.24 30.08
N ASN A 612 -7.34 28.65 30.32
CA ASN A 612 -7.27 27.28 30.79
C ASN A 612 -8.04 27.13 32.10
N VAL A 613 -7.78 28.02 33.06
CA VAL A 613 -8.47 27.96 34.34
C VAL A 613 -9.97 28.18 34.15
N ASN A 614 -10.35 29.11 33.28
CA ASN A 614 -11.76 29.41 33.09
C ASN A 614 -12.51 28.21 32.53
N MET A 615 -12.02 27.64 31.42
CA MET A 615 -12.67 26.47 30.85
C MET A 615 -12.51 25.24 31.74
N TYR A 616 -11.56 25.24 32.67
CA TYR A 616 -11.45 24.15 33.63
C TYR A 616 -12.60 24.16 34.61
N LEU A 617 -13.00 25.34 35.09
CA LEU A 617 -14.12 25.49 36.02
C LEU A 617 -15.45 25.64 35.30
N SER A 618 -15.48 25.45 33.99
CA SER A 618 -16.72 25.57 33.21
C SER A 618 -17.07 24.31 32.43
N SER A 619 -16.07 23.53 31.99
CA SER A 619 -16.32 22.24 31.35
C SER A 619 -16.01 21.13 32.35
N PRO A 620 -16.93 20.18 32.59
CA PRO A 620 -16.66 19.17 33.61
C PRO A 620 -15.59 18.17 33.19
N ASN A 621 -15.47 17.87 31.90
CA ASN A 621 -14.45 16.94 31.42
C ASN A 621 -13.32 17.68 30.74
N PHE A 622 -12.70 18.63 31.45
CA PHE A 622 -11.60 19.40 30.86
C PHE A 622 -10.32 18.57 30.79
N LEU A 623 -10.00 17.83 31.85
CA LEU A 623 -8.79 17.02 31.85
C LEU A 623 -8.96 15.77 30.99
N GLU A 624 -10.14 15.14 31.07
CA GLU A 624 -10.39 13.92 30.31
C GLU A 624 -10.21 14.17 28.81
N THR A 625 -10.59 15.36 28.34
CA THR A 625 -10.44 15.70 26.93
C THR A 625 -9.10 16.34 26.62
N SER A 626 -8.51 17.08 27.58
CA SER A 626 -7.19 17.66 27.37
C SER A 626 -6.12 16.59 27.26
N LEU A 627 -6.36 15.42 27.87
CA LEU A 627 -5.43 14.30 27.72
C LEU A 627 -5.19 13.97 26.25
N LYS A 628 -6.15 14.28 25.39
CA LYS A 628 -6.06 14.00 23.96
C LYS A 628 -5.85 15.24 23.12
N THR A 629 -6.71 16.26 23.27
CA THR A 629 -6.69 17.41 22.39
C THR A 629 -5.35 18.12 22.43
N SER A 630 -4.95 18.61 23.61
CA SER A 630 -3.75 19.42 23.72
C SER A 630 -2.53 18.63 23.28
N SER A 631 -1.66 19.29 22.51
CA SER A 631 -0.38 18.72 22.09
C SER A 631 0.72 18.96 23.11
N ASN A 632 0.41 19.57 24.26
CA ASN A 632 1.38 19.75 25.34
C ASN A 632 0.61 19.82 26.66
N PRO A 633 0.12 18.67 27.14
CA PRO A 633 -0.66 18.68 28.38
C PRO A 633 0.14 19.14 29.59
N ARG A 634 1.47 19.03 29.54
CA ARG A 634 2.29 19.48 30.65
C ARG A 634 2.08 20.97 30.91
N GLU A 635 2.08 21.78 29.86
CA GLU A 635 1.89 23.21 30.02
C GLU A 635 0.49 23.51 30.53
N VAL A 636 -0.51 22.77 30.07
CA VAL A 636 -1.87 22.99 30.57
C VAL A 636 -1.95 22.72 32.06
N LEU A 637 -1.39 21.58 32.49
CA LEU A 637 -1.42 21.25 33.91
C LEU A 637 -0.64 22.27 34.74
N GLU A 638 0.53 22.69 34.27
CA GLU A 638 1.32 23.66 35.01
C GLU A 638 0.61 25.01 35.08
N ASN A 639 -0.03 25.42 34.00
CA ASN A 639 -0.83 26.64 34.01
C ASN A 639 -1.93 26.56 35.06
N ILE A 640 -2.68 25.46 35.05
CA ILE A 640 -3.76 25.30 36.04
C ILE A 640 -3.17 25.37 37.45
N ARG A 641 -2.09 24.62 37.69
CA ARG A 641 -1.49 24.59 39.02
C ARG A 641 -1.08 25.99 39.47
N ASP A 642 -0.17 26.62 38.74
CA ASP A 642 0.44 27.87 39.20
C ASP A 642 -0.58 28.99 39.27
N TYR A 643 -1.53 29.04 38.33
CA TYR A 643 -2.46 30.16 38.28
C TYR A 643 -3.65 29.99 39.22
N LEU A 644 -3.96 28.76 39.65
CA LEU A 644 -5.10 28.55 40.54
C LEU A 644 -4.70 28.33 42.00
N VAL A 645 -3.50 27.81 42.27
CA VAL A 645 -3.15 27.47 43.65
C VAL A 645 -1.69 27.81 43.96
N THR A 646 -0.76 27.19 43.23
CA THR A 646 0.66 27.29 43.62
C THR A 646 1.14 28.73 43.64
N GLU A 647 0.72 29.55 42.67
CA GLU A 647 1.10 30.95 42.61
C GLU A 647 -0.15 31.82 42.47
N LYS A 648 -1.03 31.70 43.46
CA LYS A 648 -2.29 32.43 43.48
C LYS A 648 -2.09 33.74 44.25
N PRO A 649 -2.30 34.90 43.63
CA PRO A 649 -2.14 36.16 44.37
C PRO A 649 -3.34 36.48 45.24
N LEU A 650 -3.05 36.89 46.48
CA LEU A 650 -4.08 37.27 47.43
C LEU A 650 -4.05 38.76 47.76
N SER A 651 -3.04 39.48 47.30
CA SER A 651 -2.95 40.92 47.48
C SER A 651 -2.05 41.48 46.39
N PHE A 652 -2.12 42.80 46.19
CA PHE A 652 -1.32 43.43 45.16
C PHE A 652 0.17 43.22 45.40
N GLU A 653 0.58 43.14 46.67
CA GLU A 653 1.99 42.90 46.98
C GLU A 653 2.43 41.53 46.46
N GLU A 654 1.57 40.52 46.59
CA GLU A 654 1.88 39.21 46.03
C GLU A 654 1.97 39.27 44.51
N CYS A 655 1.16 40.12 43.87
CA CYS A 655 1.29 40.33 42.43
C CYS A 655 2.63 40.97 42.10
N ILE A 656 3.12 41.88 42.95
CA ILE A 656 4.43 42.48 42.73
C ILE A 656 5.53 41.43 42.86
N MET A 657 5.41 40.54 43.85
CA MET A 657 6.37 39.45 43.98
C MET A 657 6.36 38.56 42.75
N TRP A 658 5.16 38.23 42.26
CA TRP A 658 5.04 37.47 41.01
C TRP A 658 5.76 38.17 39.87
N ALA A 659 5.54 39.49 39.73
CA ALA A 659 6.19 40.24 38.67
C ALA A 659 7.71 40.18 38.79
N ARG A 660 8.23 40.29 40.01
CA ARG A 660 9.66 40.17 40.23
C ARG A 660 10.16 38.81 39.73
N LEU A 661 9.45 37.74 40.10
CA LEU A 661 9.85 36.41 39.67
C LEU A 661 9.82 36.29 38.14
N GLN A 662 8.82 36.90 37.51
CA GLN A 662 8.73 36.85 36.05
C GLN A 662 9.87 37.60 35.41
N PHE A 663 10.26 38.74 35.99
CA PHE A 663 11.45 39.44 35.52
C PHE A 663 12.67 38.52 35.55
N ASP A 664 12.90 37.89 36.70
CA ASP A 664 14.03 36.98 36.82
C ASP A 664 13.95 35.87 35.78
N LYS A 665 12.74 35.39 35.49
CA LYS A 665 12.59 34.26 34.59
C LYS A 665 12.86 34.65 33.13
N PHE A 666 12.39 35.82 32.71
CA PHE A 666 12.37 36.17 31.29
C PHE A 666 13.46 37.15 30.89
N PHE A 667 14.26 37.66 31.83
CA PHE A 667 15.37 38.53 31.46
C PHE A 667 16.67 38.19 32.17
N ASN A 668 16.70 37.16 33.00
CA ASN A 668 17.90 36.77 33.72
C ASN A 668 18.19 35.29 33.53
N ASN A 669 17.32 34.44 34.08
CA ASN A 669 17.59 33.00 34.09
C ASN A 669 17.62 32.43 32.68
N ASN A 670 16.67 32.83 31.84
CA ASN A 670 16.60 32.27 30.49
C ASN A 670 17.87 32.59 29.70
N ILE A 671 18.39 33.81 29.84
CA ILE A 671 19.59 34.19 29.10
C ILE A 671 20.80 33.45 29.65
N GLN A 672 20.86 33.25 30.96
CA GLN A 672 21.95 32.48 31.55
C GLN A 672 21.95 31.05 31.01
N GLN A 673 20.77 30.41 31.00
CA GLN A 673 20.67 29.06 30.44
C GLN A 673 21.07 29.05 28.96
N LEU A 674 20.63 30.07 28.21
CA LEU A 674 21.01 30.17 26.80
C LEU A 674 22.52 30.19 26.64
N LEU A 675 23.20 31.07 27.39
CA LEU A 675 24.64 31.15 27.30
C LEU A 675 25.31 29.86 27.75
N PHE A 676 24.70 29.15 28.71
CA PHE A 676 25.25 27.87 29.15
C PHE A 676 25.10 26.81 28.07
N ASN A 677 24.06 26.91 27.24
CA ASN A 677 23.86 25.98 26.14
C ASN A 677 24.60 26.39 24.86
N PHE A 678 24.95 27.66 24.74
CA PHE A 678 25.68 28.16 23.56
C PHE A 678 26.72 29.16 24.02
N PRO A 679 27.82 28.68 24.62
CA PRO A 679 28.89 29.59 25.03
C PRO A 679 29.35 30.48 23.89
N LYS A 680 30.00 31.60 24.21
CA LYS A 680 30.38 32.58 23.21
C LYS A 680 31.35 32.04 22.18
N ASP A 681 31.89 30.83 22.37
CA ASP A 681 32.89 30.27 21.46
C ASP A 681 32.44 28.94 20.86
N SER A 682 31.15 28.64 20.86
CA SER A 682 30.66 27.39 20.31
C SER A 682 30.61 27.48 18.78
N VAL A 683 30.44 26.30 18.15
CA VAL A 683 30.42 26.19 16.69
C VAL A 683 29.22 25.36 16.27
N THR A 684 29.04 25.28 14.95
CA THR A 684 27.90 24.60 14.35
C THR A 684 28.33 23.25 13.78
N SER A 685 27.43 22.62 13.02
CA SER A 685 27.71 21.29 12.45
C SER A 685 28.91 21.31 11.51
N THR A 686 29.26 22.47 10.95
CA THR A 686 30.40 22.58 10.04
C THR A 686 31.63 23.17 10.71
N GLY A 687 31.46 23.91 11.79
CA GLY A 687 32.58 24.51 12.52
C GLY A 687 32.56 26.02 12.57
N GLN A 688 31.66 26.69 11.84
CA GLN A 688 31.60 28.13 11.85
C GLN A 688 31.22 28.64 13.25
N PRO A 689 31.53 29.90 13.55
CA PRO A 689 31.11 30.47 14.83
C PRO A 689 29.59 30.48 14.95
N PHE A 690 29.07 29.86 16.02
CA PHE A 690 27.62 29.80 16.19
C PHE A 690 27.00 31.18 16.33
N TRP A 691 27.76 32.15 16.83
CA TRP A 691 27.22 33.49 17.06
C TRP A 691 27.39 34.32 15.80
N SER A 692 26.26 34.70 15.21
CA SER A 692 26.18 35.26 13.87
C SER A 692 27.27 36.28 13.57
N GLY A 693 27.19 37.44 14.21
CA GLY A 693 28.05 38.54 13.88
C GLY A 693 27.36 39.89 14.00
N PRO A 694 26.24 40.07 13.28
CA PRO A 694 25.55 41.37 13.36
C PRO A 694 25.24 41.81 14.78
N LYS A 695 24.56 40.97 15.56
CA LYS A 695 24.30 41.24 16.96
C LYS A 695 24.81 40.06 17.78
N ARG A 696 25.76 40.32 18.66
CA ARG A 696 26.45 39.27 19.40
C ARG A 696 25.48 38.58 20.35
N ALA A 697 26.02 37.76 21.25
CA ALA A 697 25.22 37.01 22.19
C ALA A 697 24.70 37.94 23.30
N PRO A 698 23.53 37.62 23.86
CA PRO A 698 22.94 38.52 24.85
C PRO A 698 23.65 38.45 26.18
N THR A 699 23.36 39.44 27.03
CA THR A 699 23.87 39.49 28.38
C THR A 699 22.70 39.57 29.36
N PRO A 700 22.72 38.79 30.44
CA PRO A 700 21.58 38.80 31.37
C PRO A 700 21.48 40.10 32.13
N LEU A 701 20.35 40.30 32.78
CA LEU A 701 20.05 41.51 33.53
C LEU A 701 19.95 41.20 35.02
N SER A 702 20.48 42.11 35.83
CA SER A 702 20.36 42.04 37.28
C SER A 702 19.39 43.12 37.73
N PHE A 703 18.27 42.70 38.31
CA PHE A 703 17.19 43.61 38.66
C PHE A 703 17.70 44.71 39.58
N ASP A 704 17.23 45.93 39.33
CA ASP A 704 17.53 47.07 40.19
C ASP A 704 16.41 48.08 40.03
N ILE A 705 15.59 48.23 41.06
CA ILE A 705 14.38 49.04 40.96
C ILE A 705 14.71 50.48 40.61
N HIS A 706 15.90 50.96 40.97
CA HIS A 706 16.28 52.32 40.62
C HIS A 706 16.37 52.51 39.11
N ASN A 707 16.58 51.42 38.36
CA ASN A 707 16.51 51.45 36.90
C ASN A 707 15.05 51.46 36.48
N ARG A 708 14.65 52.47 35.68
CA ARG A 708 13.24 52.71 35.45
C ARG A 708 12.61 51.72 34.48
N GLU A 709 13.38 51.10 33.59
CA GLU A 709 12.82 50.04 32.76
C GLU A 709 12.36 48.87 33.63
N HIS A 710 13.22 48.46 34.57
CA HIS A 710 12.87 47.37 35.48
C HIS A 710 11.62 47.73 36.29
N PHE A 711 11.59 48.96 36.82
CA PHE A 711 10.46 49.40 37.63
C PHE A 711 9.17 49.44 36.82
N ASP A 712 9.25 49.93 35.58
CA ASP A 712 8.06 50.01 34.74
C ASP A 712 7.54 48.61 34.41
N PHE A 713 8.45 47.68 34.11
CA PHE A 713 8.02 46.30 33.90
C PHE A 713 7.33 45.76 35.14
N ILE A 714 7.93 45.98 36.31
CA ILE A 714 7.34 45.50 37.56
C ILE A 714 5.92 46.04 37.71
N VAL A 715 5.76 47.35 37.51
CA VAL A 715 4.46 47.99 37.69
C VAL A 715 3.44 47.40 36.73
N ALA A 716 3.78 47.34 35.45
CA ALA A 716 2.83 46.86 34.45
C ALA A 716 2.45 45.40 34.70
N ALA A 717 3.44 44.55 34.93
CA ALA A 717 3.16 43.14 35.15
C ALA A 717 2.32 42.93 36.40
N ALA A 718 2.63 43.66 37.48
CA ALA A 718 1.84 43.53 38.70
C ALA A 718 0.41 43.98 38.46
N SER A 719 0.23 45.09 37.75
CA SER A 719 -1.12 45.58 37.47
C SER A 719 -1.91 44.56 36.67
N LEU A 720 -1.28 43.96 35.65
CA LEU A 720 -1.99 42.98 34.83
C LEU A 720 -2.32 41.71 35.63
N TYR A 721 -1.36 41.23 36.44
CA TYR A 721 -1.62 40.03 37.23
C TYR A 721 -2.69 40.28 38.28
N ALA A 722 -2.80 41.52 38.80
CA ALA A 722 -3.86 41.84 39.73
C ALA A 722 -5.20 41.99 39.02
N PHE A 723 -5.18 42.54 37.81
CA PHE A 723 -6.40 42.61 37.00
C PHE A 723 -6.93 41.22 36.70
N ASN A 724 -6.05 40.26 36.48
CA ASN A 724 -6.49 38.89 36.20
C ASN A 724 -7.34 38.34 37.34
N TYR A 725 -6.95 38.62 38.58
CA TYR A 725 -7.65 38.11 39.76
C TYR A 725 -8.56 39.14 40.40
N GLY A 726 -8.81 40.26 39.72
CA GLY A 726 -9.72 41.28 40.23
C GLY A 726 -9.16 42.15 41.32
N LEU A 727 -7.92 41.92 41.76
CA LEU A 727 -7.33 42.74 42.81
C LEU A 727 -7.00 44.12 42.30
N LYS A 728 -7.05 45.10 43.20
CA LYS A 728 -6.80 46.49 42.83
C LYS A 728 -5.30 46.72 42.63
N SER A 729 -4.95 47.38 41.54
CA SER A 729 -3.57 47.75 41.28
C SER A 729 -3.28 49.13 41.86
N GLU A 730 -2.00 49.41 42.07
CA GLU A 730 -1.55 50.70 42.57
C GLU A 730 -0.39 51.19 41.72
N THR A 731 -0.30 52.52 41.61
CA THR A 731 0.80 53.16 40.89
C THR A 731 1.72 53.93 41.83
N ASP A 732 1.49 53.87 43.13
CA ASP A 732 2.37 54.53 44.10
C ASP A 732 3.63 53.70 44.29
N PRO A 733 4.83 54.23 43.99
CA PRO A 733 6.04 53.43 44.16
C PRO A 733 6.27 52.96 45.59
N ALA A 734 5.62 53.58 46.57
CA ALA A 734 5.86 53.21 47.97
C ALA A 734 5.55 51.75 48.22
N ILE A 735 4.44 51.25 47.68
CA ILE A 735 4.05 49.86 47.89
C ILE A 735 5.08 48.93 47.25
N TYR A 736 5.52 49.26 46.04
CA TYR A 736 6.52 48.43 45.37
C TYR A 736 7.81 48.38 46.17
N GLU A 737 8.27 49.53 46.67
CA GLU A 737 9.49 49.56 47.47
C GLU A 737 9.31 48.75 48.75
N ARG A 738 8.17 48.90 49.43
CA ARG A 738 7.89 48.10 50.61
C ARG A 738 8.03 46.61 50.32
N VAL A 739 7.31 46.14 49.31
CA VAL A 739 7.23 44.69 49.09
C VAL A 739 8.55 44.14 48.57
N LEU A 740 9.24 44.89 47.71
CA LEU A 740 10.49 44.40 47.13
C LEU A 740 11.68 44.61 48.05
N ALA A 741 11.55 45.40 49.12
CA ALA A 741 12.63 45.51 50.09
C ALA A 741 12.79 44.25 50.91
N GLY A 742 11.79 43.36 50.90
CA GLY A 742 11.84 42.13 51.68
C GLY A 742 11.50 40.90 50.88
N TYR A 743 11.63 40.98 49.54
CA TYR A 743 11.42 39.82 48.69
C TYR A 743 12.53 39.75 47.66
N ASN A 744 13.23 38.62 47.62
CA ASN A 744 14.22 38.33 46.60
C ASN A 744 13.92 36.93 46.08
N PRO A 745 13.62 36.75 44.80
CA PRO A 745 13.35 35.40 44.28
C PRO A 745 14.56 34.51 44.47
N PRO A 746 14.39 33.20 44.34
CA PRO A 746 15.51 32.28 44.60
C PRO A 746 16.62 32.47 43.59
N PRO A 747 17.83 32.05 43.93
CA PRO A 747 18.94 32.13 42.96
C PRO A 747 18.71 31.16 41.80
N PHE A 748 19.59 31.26 40.80
CA PHE A 748 19.48 30.44 39.62
C PHE A 748 20.86 30.06 39.10
N ALA A 749 20.96 28.83 38.59
CA ALA A 749 22.18 28.34 37.97
C ALA A 749 21.75 27.36 36.87
N PRO A 750 22.44 27.34 35.72
CA PRO A 750 22.05 26.44 34.63
C PRO A 750 21.93 24.97 35.07
N ASP A 772 8.68 11.85 32.26
CA ASP A 772 7.52 12.72 32.18
C ASP A 772 6.24 11.93 31.94
N LYS A 773 6.22 10.69 32.42
CA LYS A 773 5.06 9.82 32.31
C LYS A 773 4.19 9.87 33.57
N GLN A 774 4.78 9.60 34.72
CA GLN A 774 4.06 9.65 35.99
C GLN A 774 4.01 11.05 36.59
N GLU A 775 4.92 11.95 36.21
CA GLU A 775 4.92 13.30 36.75
C GLU A 775 3.66 14.05 36.35
N LEU A 776 3.26 13.93 35.08
CA LEU A 776 2.04 14.60 34.62
C LEU A 776 0.84 14.14 35.44
N LYS A 777 0.72 12.83 35.64
CA LYS A 777 -0.45 12.30 36.34
C LYS A 777 -0.42 12.68 37.82
N SER A 778 0.77 12.67 38.43
CA SER A 778 0.87 13.10 39.83
C SER A 778 0.48 14.56 39.98
N ILE A 779 0.95 15.43 39.07
CA ILE A 779 0.57 16.84 39.13
C ILE A 779 -0.93 17.00 38.94
N ALA A 780 -1.50 16.29 37.95
CA ALA A 780 -2.93 16.39 37.69
C ALA A 780 -3.74 15.96 38.90
N ASP A 781 -3.32 14.88 39.57
CA ASP A 781 -4.00 14.43 40.77
C ASP A 781 -3.72 15.34 41.96
N SER A 782 -2.70 16.20 41.87
CA SER A 782 -2.41 17.17 42.91
C SER A 782 -3.25 18.45 42.79
N LEU A 783 -4.27 18.44 41.93
CA LEU A 783 -5.12 19.61 41.75
C LEU A 783 -6.29 19.59 42.72
N PRO A 784 -6.96 20.72 42.91
CA PRO A 784 -8.16 20.75 43.74
C PRO A 784 -9.37 20.28 42.95
N PRO A 785 -10.40 19.78 43.63
CA PRO A 785 -11.60 19.34 42.91
C PRO A 785 -12.25 20.48 42.16
N PRO A 786 -12.64 20.29 40.90
CA PRO A 786 -13.40 21.35 40.21
C PRO A 786 -14.75 21.62 40.82
N SER A 787 -15.23 20.76 41.73
CA SER A 787 -16.51 20.97 42.40
C SER A 787 -16.53 22.22 43.26
N SER A 788 -15.39 22.86 43.47
CA SER A 788 -15.33 24.13 44.21
C SER A 788 -15.69 25.33 43.33
N LEU A 789 -16.67 25.17 42.44
CA LEU A 789 -17.09 26.26 41.56
C LEU A 789 -17.88 27.28 42.36
N VAL A 790 -17.32 28.47 42.54
CA VAL A 790 -18.00 29.56 43.23
C VAL A 790 -18.21 30.69 42.23
N GLY A 791 -18.36 30.35 40.96
CA GLY A 791 -18.45 31.36 39.93
C GLY A 791 -17.19 32.18 39.77
N PHE A 792 -16.07 31.70 40.29
CA PHE A 792 -14.81 32.45 40.24
C PHE A 792 -14.34 32.56 38.80
N ARG A 793 -14.44 33.76 38.24
CA ARG A 793 -13.98 34.04 36.88
C ARG A 793 -12.63 34.74 36.94
N LEU A 794 -11.63 34.18 36.25
CA LEU A 794 -10.34 34.83 36.08
C LEU A 794 -10.41 35.67 34.81
N THR A 795 -10.52 36.99 34.97
CA THR A 795 -10.66 37.89 33.84
C THR A 795 -9.47 37.76 32.90
N PRO A 796 -9.64 37.18 31.72
CA PRO A 796 -8.51 37.08 30.79
C PRO A 796 -8.20 38.41 30.13
N ALA A 797 -6.91 38.61 29.85
CA ALA A 797 -6.45 39.88 29.29
C ALA A 797 -6.65 39.85 27.78
N GLU A 798 -7.59 40.65 27.29
CA GLU A 798 -7.84 40.79 25.87
C GLU A 798 -7.02 41.99 25.38
N PHE A 799 -6.01 41.72 24.56
CA PHE A 799 -5.06 42.76 24.18
C PHE A 799 -5.76 43.89 23.46
N GLU A 800 -5.50 45.12 23.89
CA GLU A 800 -6.07 46.32 23.30
C GLU A 800 -5.02 47.42 23.34
N LYS A 801 -4.71 47.99 22.18
CA LYS A 801 -3.63 48.98 22.10
C LYS A 801 -4.12 50.41 22.21
N ASP A 802 -5.34 50.70 21.75
CA ASP A 802 -5.82 52.07 21.71
C ASP A 802 -6.07 52.64 23.10
N ASP A 803 -6.30 51.79 24.10
CA ASP A 803 -6.49 52.26 25.46
C ASP A 803 -5.15 52.53 26.13
N ASP A 804 -5.13 53.53 27.01
CA ASP A 804 -3.90 53.95 27.68
C ASP A 804 -3.99 53.84 29.19
N SER A 805 -5.07 53.27 29.72
CA SER A 805 -5.22 53.06 31.16
C SER A 805 -5.27 51.58 31.53
N ASN A 806 -4.99 50.69 30.59
CA ASN A 806 -5.04 49.25 30.82
C ASN A 806 -3.66 48.65 31.02
N HIS A 807 -2.60 49.46 31.00
CA HIS A 807 -1.24 49.00 31.24
C HIS A 807 -0.79 47.96 30.22
N HIS A 808 -1.45 47.89 29.07
CA HIS A 808 -1.04 46.93 28.04
C HIS A 808 0.19 47.42 27.28
N ILE A 809 0.11 48.63 26.71
CA ILE A 809 1.27 49.18 26.03
C ILE A 809 2.41 49.38 27.01
N ASP A 810 2.10 49.64 28.28
CA ASP A 810 3.14 49.70 29.30
C ASP A 810 3.94 48.41 29.34
N PHE A 811 3.24 47.28 29.50
CA PHE A 811 3.92 45.98 29.54
C PHE A 811 4.68 45.73 28.24
N ILE A 812 4.06 46.02 27.11
CA ILE A 812 4.71 45.79 25.82
C ILE A 812 6.03 46.55 25.76
N THR A 813 5.98 47.85 26.06
CA THR A 813 7.18 48.67 25.98
C THR A 813 8.25 48.20 26.95
N ALA A 814 7.85 47.89 28.19
CA ALA A 814 8.82 47.48 29.20
C ALA A 814 9.53 46.19 28.77
N ALA A 815 8.75 45.16 28.42
CA ALA A 815 9.35 43.89 28.04
C ALA A 815 10.18 44.03 26.77
N SER A 816 9.67 44.77 25.78
CA SER A 816 10.42 44.98 24.55
C SER A 816 11.78 45.63 24.83
N ASN A 817 11.79 46.68 25.65
CA ASN A 817 13.03 47.38 25.92
C ASN A 817 13.97 46.56 26.77
N LEU A 818 13.45 45.75 27.69
CA LEU A 818 14.31 44.87 28.46
C LEU A 818 14.98 43.83 27.57
N ARG A 819 14.21 43.23 26.65
CA ARG A 819 14.80 42.26 25.73
C ARG A 819 15.77 42.94 24.76
N ALA A 820 15.50 44.19 24.40
CA ALA A 820 16.44 44.95 23.59
C ALA A 820 17.75 45.13 24.33
N MET A 821 17.68 45.58 25.58
CA MET A 821 18.87 45.67 26.43
C MET A 821 19.61 44.35 26.48
N ASN A 822 18.88 43.24 26.61
CA ASN A 822 19.52 41.92 26.59
C ASN A 822 20.43 41.76 25.38
N TYR A 823 19.91 42.08 24.18
CA TYR A 823 20.64 41.87 22.93
C TYR A 823 21.23 43.15 22.36
N ASP A 824 21.39 44.18 23.18
CA ASP A 824 22.01 45.44 22.75
C ASP A 824 21.27 46.01 21.54
N ILE A 825 20.04 46.45 21.81
CA ILE A 825 19.17 47.03 20.80
C ILE A 825 18.65 48.36 21.32
N THR A 826 18.54 49.34 20.43
CA THR A 826 18.07 50.66 20.81
C THR A 826 16.62 50.58 21.30
N PRO A 827 16.33 50.87 22.56
CA PRO A 827 14.94 50.78 23.04
C PRO A 827 14.08 51.87 22.44
N ALA A 828 12.78 51.76 22.71
CA ALA A 828 11.80 52.73 22.27
C ALA A 828 10.94 53.15 23.47
N ASP A 829 10.17 54.22 23.27
CA ASP A 829 9.34 54.78 24.32
C ASP A 829 7.89 54.35 24.12
N ARG A 830 7.03 54.84 25.02
CA ARG A 830 5.61 54.50 24.97
C ARG A 830 5.02 54.79 23.59
N PHE A 831 5.17 56.04 23.13
CA PHE A 831 4.55 56.43 21.87
C PHE A 831 5.10 55.63 20.69
N LYS A 832 6.42 55.54 20.58
CA LYS A 832 7.01 54.83 19.46
C LYS A 832 6.68 53.34 19.50
N THR A 833 6.67 52.75 20.71
CA THR A 833 6.31 51.34 20.83
C THR A 833 4.87 51.12 20.37
N LYS A 834 3.94 51.96 20.83
CA LYS A 834 2.56 51.86 20.37
C LYS A 834 2.49 51.95 18.85
N PHE A 835 3.16 52.96 18.28
CA PHE A 835 3.08 53.16 16.83
C PHE A 835 3.62 51.95 16.08
N VAL A 836 4.82 51.49 16.43
CA VAL A 836 5.41 50.38 15.71
C VAL A 836 4.60 49.10 15.92
N ALA A 837 3.96 48.95 17.08
CA ALA A 837 3.11 47.78 17.30
C ALA A 837 1.88 47.82 16.41
N GLY A 838 1.31 49.01 16.22
CA GLY A 838 0.18 49.13 15.32
C GLY A 838 0.51 48.79 13.88
N LYS A 839 1.79 48.75 13.53
CA LYS A 839 2.23 48.53 12.16
C LYS A 839 2.91 47.17 11.96
N ILE A 840 2.66 46.23 12.86
CA ILE A 840 3.13 44.85 12.69
C ILE A 840 2.03 44.04 12.03
N VAL A 841 2.40 43.27 11.02
CA VAL A 841 1.45 42.40 10.31
C VAL A 841 1.99 40.98 10.36
N PRO A 842 1.24 40.00 10.87
CA PRO A 842 1.72 38.62 10.86
C PRO A 842 1.49 37.98 9.51
N ALA A 843 2.54 37.37 8.96
CA ALA A 843 2.40 36.65 7.70
C ALA A 843 1.31 35.59 7.82
N MET A 844 0.64 35.32 6.70
CA MET A 844 -0.44 34.36 6.65
C MET A 844 -0.03 33.16 5.81
N CYS A 845 -0.45 31.97 6.24
CA CYS A 845 -0.11 30.74 5.53
C CYS A 845 -0.58 30.78 4.08
N THR A 846 -1.68 31.50 3.80
CA THR A 846 -2.23 31.52 2.45
C THR A 846 -1.26 32.14 1.46
N SER A 847 -0.77 33.34 1.77
CA SER A 847 0.20 34.00 0.89
C SER A 847 1.45 33.14 0.72
N THR A 848 1.85 32.44 1.78
CA THR A 848 3.02 31.58 1.71
C THR A 848 2.80 30.45 0.70
N ALA A 849 1.66 29.77 0.81
CA ALA A 849 1.35 28.71 -0.15
C ALA A 849 1.27 29.25 -1.57
N VAL A 850 0.68 30.44 -1.73
CA VAL A 850 0.55 31.03 -3.07
C VAL A 850 1.93 31.27 -3.69
N VAL A 851 2.82 31.91 -2.92
CA VAL A 851 4.15 32.20 -3.46
C VAL A 851 4.91 30.91 -3.72
N SER A 852 4.73 29.89 -2.88
CA SER A 852 5.39 28.61 -3.11
C SER A 852 4.92 28.00 -4.43
N GLY A 853 3.61 28.01 -4.66
CA GLY A 853 3.09 27.48 -5.91
C GLY A 853 3.64 28.22 -7.12
N LEU A 854 3.61 29.56 -7.08
CA LEU A 854 4.11 30.33 -8.21
C LEU A 854 5.61 30.07 -8.43
N VAL A 855 6.37 29.96 -7.34
CA VAL A 855 7.80 29.73 -7.45
C VAL A 855 8.06 28.37 -8.10
N CYS A 856 7.27 27.36 -7.76
CA CYS A 856 7.46 26.04 -8.37
C CYS A 856 7.05 26.06 -9.84
N LEU A 857 5.98 26.82 -10.16
CA LEU A 857 5.61 26.98 -11.56
C LEU A 857 6.71 27.64 -12.37
N GLU A 858 7.50 28.51 -11.73
CA GLU A 858 8.66 29.06 -12.42
C GLU A 858 9.84 28.09 -12.44
N LEU A 859 9.95 27.25 -11.42
CA LEU A 859 11.03 26.27 -11.38
C LEU A 859 10.92 25.29 -12.53
N VAL A 860 9.69 24.84 -12.83
CA VAL A 860 9.51 23.90 -13.94
C VAL A 860 9.91 24.55 -15.26
N LYS A 861 9.81 25.88 -15.36
CA LYS A 861 10.35 26.58 -16.51
C LYS A 861 11.87 26.56 -16.49
N LEU A 862 12.46 26.85 -15.33
CA LEU A 862 13.91 26.92 -15.21
C LEU A 862 14.55 25.59 -15.61
N VAL A 863 13.96 24.47 -15.20
CA VAL A 863 14.54 23.17 -15.52
C VAL A 863 14.34 22.82 -16.99
N ASP A 864 13.33 23.40 -17.64
CA ASP A 864 13.11 23.13 -19.06
C ASP A 864 14.13 23.85 -19.94
N GLY A 865 14.80 24.88 -19.41
CA GLY A 865 15.77 25.61 -20.18
C GLY A 865 15.21 26.72 -21.03
N LYS A 866 14.05 27.26 -20.69
CA LYS A 866 13.44 28.32 -21.48
C LYS A 866 14.36 29.53 -21.52
N LYS A 867 14.59 30.05 -22.73
CA LYS A 867 15.50 31.16 -22.93
C LYS A 867 14.83 32.43 -23.43
N LYS A 868 13.50 32.41 -23.60
CA LYS A 868 12.76 33.59 -24.03
C LYS A 868 12.09 34.22 -22.83
N ILE A 869 12.27 35.54 -22.67
CA ILE A 869 11.79 36.21 -21.47
C ILE A 869 10.27 36.24 -21.43
N GLU A 870 9.61 36.24 -22.59
CA GLU A 870 8.16 36.32 -22.63
C GLU A 870 7.48 35.15 -21.94
N GLU A 871 8.22 34.07 -21.66
CA GLU A 871 7.64 32.88 -21.07
C GLU A 871 7.76 32.82 -19.56
N TYR A 872 8.64 33.62 -18.97
CA TYR A 872 8.71 33.73 -17.52
C TYR A 872 7.69 34.76 -17.03
N LYS A 873 7.37 34.71 -15.74
CA LYS A 873 6.34 35.56 -15.18
C LYS A 873 6.67 35.89 -13.72
N ASN A 874 6.98 37.16 -13.46
CA ASN A 874 7.00 37.66 -12.10
C ASN A 874 5.57 37.96 -11.65
N GLY A 875 5.19 37.42 -10.51
CA GLY A 875 3.83 37.51 -10.01
C GLY A 875 3.73 38.42 -8.80
N PHE A 876 2.55 39.03 -8.64
CA PHE A 876 2.23 39.86 -7.49
C PHE A 876 0.78 39.62 -7.14
N PHE A 877 0.46 39.64 -5.84
CA PHE A 877 -0.91 39.37 -5.46
C PHE A 877 -1.23 39.97 -4.12
N ASN A 878 -2.48 40.39 -3.97
CA ASN A 878 -3.07 40.77 -2.68
C ASN A 878 -4.35 39.97 -2.52
N LEU A 879 -4.36 39.03 -1.57
CA LEU A 879 -5.50 38.16 -1.37
C LEU A 879 -6.67 38.91 -0.73
N ALA A 880 -6.41 40.00 -0.01
CA ALA A 880 -7.48 40.74 0.64
C ALA A 880 -8.50 41.27 -0.35
N ILE A 881 -8.11 41.45 -1.61
CA ILE A 881 -9.00 42.00 -2.63
C ILE A 881 -9.05 41.08 -3.84
N GLY A 882 -8.54 39.86 -3.69
CA GLY A 882 -8.52 38.93 -4.80
C GLY A 882 -7.82 39.46 -6.03
N LEU A 883 -6.68 40.13 -5.84
CA LEU A 883 -5.95 40.76 -6.92
C LEU A 883 -4.72 39.94 -7.25
N PHE A 884 -4.57 39.57 -8.52
CA PHE A 884 -3.38 38.90 -9.02
C PHE A 884 -2.87 39.67 -10.23
N THR A 885 -1.56 39.56 -10.48
CA THR A 885 -0.95 40.20 -11.63
C THR A 885 0.32 39.44 -11.97
N PHE A 886 0.63 39.40 -13.26
CA PHE A 886 1.86 38.77 -13.72
C PHE A 886 2.45 39.61 -14.84
N SER A 887 3.79 39.62 -14.91
CA SER A 887 4.49 40.45 -15.87
C SER A 887 5.77 39.75 -16.30
N ASP A 888 6.10 39.87 -17.58
CA ASP A 888 7.36 39.33 -18.05
C ASP A 888 8.50 40.00 -17.28
N PRO A 889 9.49 39.23 -16.81
CA PRO A 889 10.64 39.86 -16.14
C PRO A 889 11.26 40.94 -17.00
N ILE A 890 12.09 41.79 -16.41
CA ILE A 890 12.81 42.81 -17.16
C ILE A 890 14.08 42.20 -17.71
N ALA A 891 14.27 42.30 -19.02
CA ALA A 891 15.48 41.77 -19.65
C ALA A 891 16.70 42.48 -19.10
N SER A 892 17.81 41.75 -19.04
CA SER A 892 19.06 42.35 -18.57
C SER A 892 19.57 43.36 -19.59
N PRO A 893 20.06 44.51 -19.15
CA PRO A 893 20.49 45.54 -20.11
C PRO A 893 21.76 45.12 -20.83
N LYS A 894 21.71 45.13 -22.16
CA LYS A 894 22.86 44.85 -23.00
C LYS A 894 23.54 46.16 -23.39
N MET A 895 24.84 46.08 -23.65
CA MET A 895 25.62 47.27 -23.97
C MET A 895 26.67 46.94 -25.02
N LYS A 896 27.03 47.94 -25.82
CA LYS A 896 28.00 47.79 -26.90
C LYS A 896 29.35 48.30 -26.43
N VAL A 897 30.36 47.41 -26.44
CA VAL A 897 31.73 47.75 -26.13
C VAL A 897 32.61 47.19 -27.25
N ASN A 898 33.43 48.06 -27.85
CA ASN A 898 34.23 47.71 -29.01
C ASN A 898 33.36 47.19 -30.17
N GLY A 899 32.08 47.52 -30.16
CA GLY A 899 31.16 47.02 -31.17
C GLY A 899 30.60 45.64 -30.87
N LYS A 900 30.69 45.18 -29.63
CA LYS A 900 30.23 43.86 -29.23
C LYS A 900 29.19 44.01 -28.13
N GLU A 901 28.08 43.28 -28.26
CA GLU A 901 27.04 43.28 -27.23
C GLU A 901 27.46 42.42 -26.05
N ILE A 902 27.31 42.95 -24.85
CA ILE A 902 27.66 42.26 -23.62
C ILE A 902 26.61 42.58 -22.56
N ASP A 903 26.38 41.63 -21.66
CA ASP A 903 25.38 41.78 -20.62
C ASP A 903 26.00 42.53 -19.44
N LYS A 904 25.39 43.66 -19.07
CA LYS A 904 25.93 44.48 -17.98
C LYS A 904 25.92 43.75 -16.65
N ILE A 905 25.16 42.66 -16.52
CA ILE A 905 24.96 42.01 -15.23
C ILE A 905 25.61 40.63 -15.16
N TRP A 906 25.71 39.91 -16.27
CA TRP A 906 26.15 38.52 -16.25
C TRP A 906 27.51 38.32 -16.90
N ASP A 907 27.73 38.90 -18.08
CA ASP A 907 29.04 38.81 -18.71
C ASP A 907 30.08 39.53 -17.86
N ARG A 908 31.32 39.08 -17.95
CA ARG A 908 32.40 39.65 -17.16
C ARG A 908 33.73 39.31 -17.81
N TYR A 909 34.79 39.88 -17.27
CA TYR A 909 36.15 39.57 -17.68
C TYR A 909 36.76 38.59 -16.67
N ASN A 910 37.39 37.54 -17.18
CA ASN A 910 38.09 36.56 -16.35
C ASN A 910 39.58 36.67 -16.64
N LEU A 911 40.33 37.14 -15.65
CA LEU A 911 41.76 37.38 -15.79
C LEU A 911 42.50 36.65 -14.68
N PRO A 912 43.81 36.45 -14.84
CA PRO A 912 44.61 35.84 -13.77
C PRO A 912 45.03 36.89 -12.75
N ASP A 913 45.75 36.42 -11.73
CA ASP A 913 46.28 37.29 -10.68
C ASP A 913 47.54 37.97 -11.23
N CYS A 914 47.31 38.97 -12.07
CA CYS A 914 48.39 39.71 -12.70
C CYS A 914 48.75 40.94 -11.86
N THR A 915 49.71 41.72 -12.35
CA THR A 915 50.04 42.98 -11.72
C THR A 915 49.19 44.10 -12.32
N LEU A 916 48.93 45.12 -11.50
CA LEU A 916 48.06 46.21 -11.93
C LEU A 916 48.47 46.75 -13.30
N GLN A 917 49.77 46.93 -13.52
CA GLN A 917 50.23 47.40 -14.83
C GLN A 917 49.86 46.41 -15.93
N GLU A 918 50.02 45.11 -15.66
CA GLU A 918 49.63 44.10 -16.64
C GLU A 918 48.15 44.22 -16.98
N LEU A 919 47.30 44.45 -15.97
CA LEU A 919 45.87 44.57 -16.21
C LEU A 919 45.55 45.82 -17.03
N ILE A 920 46.14 46.95 -16.67
CA ILE A 920 45.95 48.18 -17.44
C ILE A 920 46.33 47.96 -18.89
N ASP A 921 47.50 47.35 -19.11
CA ASP A 921 47.97 47.12 -20.47
C ASP A 921 47.04 46.16 -21.23
N TYR A 922 46.55 45.12 -20.56
CA TYR A 922 45.59 44.23 -21.18
C TYR A 922 44.37 45.00 -21.67
N PHE A 923 43.73 45.74 -20.76
CA PHE A 923 42.54 46.49 -21.15
C PHE A 923 42.83 47.57 -22.19
N GLN A 924 44.08 48.02 -22.31
CA GLN A 924 44.39 49.02 -23.31
C GLN A 924 44.63 48.40 -24.69
N LYS A 925 45.27 47.23 -24.74
CA LYS A 925 45.69 46.63 -25.99
C LYS A 925 44.73 45.56 -26.50
N GLU A 926 44.12 44.78 -25.59
CA GLU A 926 43.14 43.78 -25.98
C GLU A 926 41.72 44.32 -26.05
N GLU A 927 41.47 45.51 -25.51
CA GLU A 927 40.14 46.08 -25.47
C GLU A 927 40.08 47.54 -25.88
N GLY A 928 41.22 48.20 -26.10
CA GLY A 928 41.22 49.61 -26.44
C GLY A 928 40.46 50.44 -25.43
N LEU A 929 40.80 50.28 -24.15
CA LEU A 929 40.13 51.00 -23.07
C LEU A 929 41.18 51.60 -22.14
N GLU A 930 41.03 52.88 -21.84
CA GLU A 930 41.89 53.56 -20.89
C GLU A 930 41.25 53.43 -19.50
N VAL A 931 41.73 52.47 -18.72
CA VAL A 931 41.18 52.24 -17.40
C VAL A 931 41.44 53.45 -16.52
N THR A 932 40.35 54.05 -16.02
CA THR A 932 40.46 55.22 -15.16
C THR A 932 40.21 54.90 -13.69
N MET A 933 39.56 53.78 -13.39
CA MET A 933 39.31 53.41 -12.00
C MET A 933 39.22 51.90 -11.90
N LEU A 934 39.78 51.35 -10.82
CA LEU A 934 39.75 49.92 -10.53
C LEU A 934 39.57 49.76 -9.02
N SER A 935 38.50 49.08 -8.61
CA SER A 935 38.13 48.98 -7.20
C SER A 935 37.75 47.54 -6.87
N SER A 936 37.93 47.19 -5.59
CA SER A 936 37.52 45.89 -5.05
C SER A 936 36.66 46.13 -3.82
N GLY A 937 35.49 45.51 -3.79
CA GLY A 937 34.56 45.78 -2.70
C GLY A 937 34.29 47.27 -2.63
N VAL A 938 34.37 47.83 -1.43
CA VAL A 938 34.22 49.26 -1.22
C VAL A 938 35.58 49.96 -1.13
N SER A 939 36.64 49.31 -1.61
CA SER A 939 37.99 49.84 -1.51
C SER A 939 38.50 50.25 -2.88
N LEU A 940 38.96 51.49 -3.00
CA LEU A 940 39.48 52.02 -4.25
C LEU A 940 40.95 51.65 -4.37
N LEU A 941 41.26 50.86 -5.40
CA LEU A 941 42.63 50.40 -5.62
C LEU A 941 43.41 51.37 -6.49
N TYR A 942 42.99 51.54 -7.74
CA TYR A 942 43.72 52.38 -8.69
C TYR A 942 42.79 53.43 -9.28
N ALA A 943 43.34 54.63 -9.50
CA ALA A 943 42.67 55.68 -10.23
C ALA A 943 43.73 56.45 -11.01
N ASN A 944 43.43 56.78 -12.26
CA ASN A 944 44.42 57.39 -13.13
C ASN A 944 44.79 58.81 -12.74
N PHE A 945 44.11 59.39 -11.75
CA PHE A 945 44.42 60.74 -11.28
C PHE A 945 45.27 60.77 -10.02
N GLN A 946 45.43 59.63 -9.34
CA GLN A 946 46.24 59.61 -8.12
C GLN A 946 47.69 59.97 -8.45
N PRO A 947 48.43 60.51 -7.48
CA PRO A 947 49.77 61.00 -7.80
C PRO A 947 50.71 59.87 -8.12
N PRO A 948 51.75 60.11 -8.93
CA PRO A 948 52.62 59.00 -9.35
C PRO A 948 53.38 58.36 -8.22
N LYS A 949 53.64 59.08 -7.12
CA LYS A 949 54.24 58.45 -5.95
C LYS A 949 53.37 57.33 -5.43
N LYS A 950 52.08 57.61 -5.24
CA LYS A 950 51.14 56.62 -4.73
C LYS A 950 50.95 55.46 -5.71
N LEU A 951 51.23 55.66 -6.99
CA LEU A 951 51.02 54.63 -8.00
C LEU A 951 52.24 53.73 -8.18
N ALA A 952 53.44 54.32 -8.19
CA ALA A 952 54.66 53.53 -8.40
C ALA A 952 54.80 52.42 -7.37
N GLU A 953 54.11 52.53 -6.23
CA GLU A 953 54.11 51.49 -5.22
C GLU A 953 52.96 50.51 -5.38
N ARG A 954 52.09 50.71 -6.37
CA ARG A 954 50.94 49.85 -6.59
C ARG A 954 50.84 49.31 -8.00
N LEU A 955 51.59 49.85 -8.97
CA LEU A 955 51.51 49.35 -10.34
C LEU A 955 52.16 47.97 -10.47
N PRO A 956 53.35 47.72 -9.92
CA PRO A 956 54.00 46.42 -10.12
C PRO A 956 53.51 45.32 -9.19
N LEU A 957 52.51 45.58 -8.35
CA LEU A 957 52.01 44.59 -7.40
C LEU A 957 50.89 43.77 -8.04
N LYS A 958 50.83 42.49 -7.65
CA LYS A 958 49.74 41.64 -8.09
C LYS A 958 48.43 42.10 -7.46
N ILE A 959 47.32 41.83 -8.16
CA ILE A 959 46.02 42.32 -7.70
C ILE A 959 45.70 41.76 -6.32
N SER A 960 46.05 40.49 -6.09
CA SER A 960 45.85 39.91 -4.76
C SER A 960 46.68 40.66 -3.71
N GLU A 961 47.96 40.88 -4.00
CA GLU A 961 48.82 41.62 -3.08
C GLU A 961 48.33 43.06 -2.92
N LEU A 962 47.87 43.67 -4.01
CA LEU A 962 47.32 45.02 -3.93
C LEU A 962 46.13 45.07 -2.98
N VAL A 963 45.21 44.10 -3.11
CA VAL A 963 44.03 44.06 -2.25
C VAL A 963 44.45 43.83 -0.80
N GLU A 964 45.42 42.94 -0.57
CA GLU A 964 45.88 42.69 0.79
C GLU A 964 46.46 43.95 1.42
N GLN A 965 47.26 44.69 0.66
CA GLN A 965 47.88 45.90 1.19
C GLN A 965 46.85 47.00 1.43
N ILE A 966 45.88 47.14 0.51
CA ILE A 966 44.89 48.21 0.64
C ILE A 966 43.92 47.91 1.79
N THR A 967 43.57 46.64 1.96
CA THR A 967 42.57 46.26 2.96
C THR A 967 43.17 46.03 4.35
N LYS A 968 44.50 45.92 4.46
CA LYS A 968 45.16 45.65 5.73
C LYS A 968 44.72 44.31 6.32
N LYS A 969 44.11 43.45 5.51
CA LYS A 969 43.56 42.18 5.97
C LYS A 969 43.88 41.10 4.95
N LYS A 970 44.62 40.09 5.36
CA LYS A 970 45.07 39.06 4.44
C LYS A 970 43.89 38.29 3.86
N LEU A 971 44.12 37.69 2.70
CA LEU A 971 43.11 36.86 2.06
C LEU A 971 43.05 35.49 2.73
N GLU A 972 41.86 35.10 3.17
CA GLU A 972 41.67 33.76 3.68
C GLU A 972 42.10 32.74 2.63
N PRO A 973 42.54 31.55 3.03
CA PRO A 973 43.09 30.60 2.04
C PRO A 973 42.05 30.03 1.08
N PHE A 974 40.77 30.02 1.45
CA PHE A 974 39.76 29.36 0.62
C PHE A 974 39.16 30.29 -0.44
N ARG A 975 39.62 31.52 -0.55
CA ARG A 975 39.16 32.40 -1.62
C ARG A 975 39.85 32.01 -2.92
N LYS A 976 39.06 31.68 -3.94
CA LYS A 976 39.59 31.32 -5.24
C LYS A 976 39.52 32.46 -6.25
N HIS A 977 38.57 33.38 -6.07
CA HIS A 977 38.34 34.44 -7.04
C HIS A 977 38.19 35.78 -6.34
N LEU A 978 38.47 36.85 -7.09
CA LEU A 978 38.30 38.22 -6.65
C LEU A 978 37.44 38.97 -7.66
N VAL A 979 36.63 39.90 -7.17
CA VAL A 979 35.72 40.67 -8.02
C VAL A 979 36.15 42.13 -8.00
N LEU A 980 36.35 42.70 -9.19
CA LEU A 980 36.78 44.09 -9.31
C LEU A 980 35.81 44.84 -10.21
N GLU A 981 35.35 46.00 -9.75
CA GLU A 981 34.67 46.94 -10.63
C GLU A 981 35.70 47.85 -11.29
N ILE A 982 35.41 48.28 -12.51
CA ILE A 982 36.30 49.16 -13.25
C ILE A 982 35.51 50.18 -14.04
N CYS A 983 36.12 51.35 -14.21
CA CYS A 983 35.61 52.42 -15.05
C CYS A 983 36.69 52.79 -16.04
N CYS A 984 36.34 52.82 -17.33
CA CYS A 984 37.31 53.03 -18.39
C CYS A 984 36.80 54.09 -19.36
N ASP A 985 37.72 54.59 -20.19
CA ASP A 985 37.41 55.52 -21.27
C ASP A 985 37.99 54.97 -22.56
N ASP A 986 37.25 55.12 -23.66
CA ASP A 986 37.73 54.64 -24.95
C ASP A 986 38.81 55.56 -25.49
N ALA A 987 39.04 55.56 -26.80
CA ALA A 987 40.07 56.39 -27.39
C ALA A 987 39.67 57.86 -27.48
N ASN A 988 38.42 58.19 -27.20
CA ASN A 988 37.95 59.58 -27.22
C ASN A 988 37.87 60.19 -25.83
N GLY A 989 38.30 59.47 -24.80
CA GLY A 989 38.22 60.00 -23.45
C GLY A 989 36.82 60.02 -22.88
N GLU A 990 35.89 59.27 -23.46
CA GLU A 990 34.52 59.20 -22.98
C GLU A 990 34.31 57.92 -22.20
N ASP A 991 33.77 58.04 -20.99
CA ASP A 991 33.55 56.87 -20.15
C ASP A 991 32.64 55.88 -20.84
N VAL A 992 33.15 54.65 -21.03
CA VAL A 992 32.39 53.56 -21.60
C VAL A 992 32.18 52.53 -20.50
N GLU A 993 30.94 52.40 -20.04
CA GLU A 993 30.62 51.44 -19.00
C GLU A 993 31.01 50.03 -19.45
N VAL A 994 31.58 49.26 -18.53
CA VAL A 994 32.07 47.92 -18.84
C VAL A 994 31.72 46.98 -17.69
N PRO A 995 31.78 45.67 -17.95
CA PRO A 995 31.44 44.70 -16.88
C PRO A 995 32.46 44.72 -15.75
N PHE A 996 32.37 43.75 -14.84
CA PHE A 996 33.34 43.60 -13.77
C PHE A 996 34.36 42.54 -14.17
N ILE A 997 35.37 42.36 -13.31
CA ILE A 997 36.49 41.46 -13.56
C ILE A 997 36.48 40.39 -12.49
N CYS A 998 36.70 39.14 -12.91
CA CYS A 998 36.85 38.00 -12.02
C CYS A 998 38.31 37.55 -12.09
N ILE A 999 39.12 38.06 -11.16
CA ILE A 999 40.52 37.66 -11.06
C ILE A 999 40.59 36.26 -10.46
N LYS A 1000 41.23 35.35 -11.17
CA LYS A 1000 41.41 33.98 -10.70
C LYS A 1000 42.75 33.84 -10.01
N LEU A 1001 42.76 33.16 -8.87
CA LEU A 1001 43.98 32.92 -8.12
C LEU A 1001 43.92 31.58 -7.40
N MET B 1 -6.14 61.53 -23.27
CA MET B 1 -6.95 60.38 -22.80
C MET B 1 -6.88 60.25 -21.28
N GLN B 2 -7.56 59.23 -20.75
CA GLN B 2 -7.63 59.01 -19.31
C GLN B 2 -7.42 57.52 -19.04
N ILE B 3 -6.38 57.21 -18.28
CA ILE B 3 -6.08 55.83 -17.90
C ILE B 3 -6.28 55.67 -16.40
N PHE B 4 -6.33 54.41 -15.97
CA PHE B 4 -6.50 54.06 -14.56
C PHE B 4 -5.31 53.24 -14.09
N VAL B 5 -5.00 53.35 -12.80
CA VAL B 5 -3.87 52.64 -12.20
C VAL B 5 -4.36 52.07 -10.87
N LYS B 6 -4.46 50.75 -10.77
CA LYS B 6 -4.86 50.10 -9.53
C LYS B 6 -3.63 49.54 -8.82
N THR B 7 -3.66 49.59 -7.50
CA THR B 7 -2.52 49.25 -6.67
C THR B 7 -2.79 48.00 -5.85
N LEU B 8 -1.70 47.31 -5.47
CA LEU B 8 -1.82 46.16 -4.59
C LEU B 8 -2.72 46.46 -3.40
N THR B 9 -2.59 47.66 -2.84
CA THR B 9 -3.41 48.05 -1.69
C THR B 9 -4.86 48.32 -2.06
N GLY B 10 -5.23 48.22 -3.34
CA GLY B 10 -6.61 48.39 -3.74
C GLY B 10 -7.04 49.82 -3.96
N LYS B 11 -6.11 50.70 -4.34
CA LYS B 11 -6.41 52.10 -4.59
C LYS B 11 -6.33 52.37 -6.09
N THR B 12 -7.30 53.12 -6.59
CA THR B 12 -7.34 53.50 -8.00
C THR B 12 -6.87 54.93 -8.16
N ILE B 13 -6.12 55.17 -9.24
CA ILE B 13 -5.58 56.48 -9.56
C ILE B 13 -5.96 56.79 -11.00
N THR B 14 -6.72 57.85 -11.21
CA THR B 14 -7.08 58.30 -12.54
C THR B 14 -6.01 59.27 -13.03
N LEU B 15 -5.51 59.03 -14.24
CA LEU B 15 -4.44 59.84 -14.82
C LEU B 15 -4.87 60.38 -16.17
N GLU B 16 -4.59 61.65 -16.41
CA GLU B 16 -4.95 62.33 -17.66
C GLU B 16 -3.68 62.45 -18.48
N VAL B 17 -3.48 61.48 -19.38
CA VAL B 17 -2.29 61.42 -20.21
C VAL B 17 -2.71 61.37 -21.67
N GLU B 18 -1.73 61.58 -22.55
CA GLU B 18 -1.93 61.49 -23.99
C GLU B 18 -1.43 60.14 -24.49
N SER B 19 -1.71 59.87 -25.77
CA SER B 19 -1.38 58.57 -26.35
C SER B 19 0.12 58.34 -26.43
N SER B 20 0.91 59.39 -26.63
CA SER B 20 2.34 59.26 -26.89
C SER B 20 3.21 59.75 -25.73
N ASP B 21 2.65 59.84 -24.53
CA ASP B 21 3.46 60.19 -23.37
C ASP B 21 4.41 59.06 -23.03
N THR B 22 5.66 59.42 -22.74
CA THR B 22 6.65 58.42 -22.36
C THR B 22 6.25 57.77 -21.04
N ILE B 23 6.78 56.57 -20.81
CA ILE B 23 6.55 55.91 -19.53
C ILE B 23 7.05 56.77 -18.38
N ASP B 24 8.14 57.50 -18.61
CA ASP B 24 8.70 58.35 -17.57
C ASP B 24 7.71 59.44 -17.16
N ASN B 25 6.99 60.00 -18.12
CA ASN B 25 6.02 61.05 -17.79
C ASN B 25 4.88 60.49 -16.95
N VAL B 26 4.41 59.28 -17.26
CA VAL B 26 3.36 58.68 -16.46
C VAL B 26 3.86 58.36 -15.06
N LYS B 27 5.09 57.89 -14.95
CA LYS B 27 5.66 57.64 -13.61
C LYS B 27 5.77 58.94 -12.82
N SER B 28 6.15 60.04 -13.46
CA SER B 28 6.25 61.31 -12.76
C SER B 28 4.87 61.83 -12.35
N LYS B 29 3.85 61.59 -13.17
CA LYS B 29 2.50 61.97 -12.78
C LYS B 29 2.03 61.15 -11.58
N ILE B 30 2.32 59.84 -11.59
CA ILE B 30 1.99 59.01 -10.43
C ILE B 30 2.73 59.50 -9.20
N GLN B 31 3.96 59.98 -9.38
CA GLN B 31 4.71 60.57 -8.28
C GLN B 31 3.98 61.80 -7.73
N ASP B 32 3.64 62.74 -8.62
CA ASP B 32 2.91 63.93 -8.20
C ASP B 32 1.63 63.56 -7.47
N LYS B 33 0.98 62.46 -7.87
CA LYS B 33 -0.27 62.06 -7.22
C LYS B 33 -0.03 61.43 -5.84
N GLU B 34 0.96 60.55 -5.74
CA GLU B 34 1.19 59.78 -4.51
C GLU B 34 2.57 59.98 -3.91
N GLY B 35 3.57 60.31 -4.71
CA GLY B 35 4.91 60.55 -4.18
C GLY B 35 5.76 59.31 -4.02
N ILE B 36 5.96 58.58 -5.13
CA ILE B 36 6.83 57.42 -5.16
C ILE B 36 7.83 57.63 -6.30
N PRO B 37 9.12 57.48 -6.08
CA PRO B 37 10.08 57.72 -7.17
C PRO B 37 9.80 56.80 -8.33
N PRO B 38 10.03 57.28 -9.56
CA PRO B 38 9.86 56.38 -10.72
C PRO B 38 10.69 55.12 -10.63
N ASP B 39 11.91 55.22 -10.08
CA ASP B 39 12.78 54.06 -9.96
C ASP B 39 12.25 53.01 -8.99
N GLN B 40 11.16 53.31 -8.28
CA GLN B 40 10.54 52.36 -7.37
C GLN B 40 9.14 51.96 -7.80
N GLN B 41 8.59 52.58 -8.85
CA GLN B 41 7.29 52.19 -9.36
C GLN B 41 7.42 50.98 -10.27
N ARG B 42 6.52 50.02 -10.10
CA ARG B 42 6.41 48.84 -10.96
C ARG B 42 5.05 48.88 -11.64
N LEU B 43 5.04 49.31 -12.90
CA LEU B 43 3.81 49.43 -13.67
C LEU B 43 3.69 48.25 -14.62
N ILE B 44 2.56 47.55 -14.55
CA ILE B 44 2.30 46.36 -15.36
C ILE B 44 1.06 46.61 -16.21
N PHE B 45 1.15 46.25 -17.49
CA PHE B 45 0.02 46.36 -18.40
C PHE B 45 0.02 45.16 -19.33
N ALA B 46 -1.04 44.36 -19.27
CA ALA B 46 -1.23 43.21 -20.15
C ALA B 46 0.02 42.32 -20.13
N GLY B 47 0.38 41.89 -18.92
CA GLY B 47 1.50 40.99 -18.75
C GLY B 47 2.85 41.57 -19.06
N LYS B 48 2.95 42.90 -19.18
CA LYS B 48 4.20 43.57 -19.51
C LYS B 48 4.46 44.66 -18.49
N GLN B 49 5.68 44.71 -17.96
CA GLN B 49 6.09 45.74 -17.02
C GLN B 49 6.63 46.93 -17.81
N LEU B 50 5.99 48.09 -17.65
CA LEU B 50 6.37 49.26 -18.42
C LEU B 50 7.77 49.72 -18.03
N GLU B 51 8.70 49.70 -18.98
CA GLU B 51 10.05 50.20 -18.76
C GLU B 51 10.13 51.65 -19.22
N ASP B 52 11.09 52.37 -18.64
CA ASP B 52 11.32 53.75 -19.03
C ASP B 52 11.87 53.81 -20.46
N GLY B 53 11.76 54.99 -21.06
CA GLY B 53 12.19 55.21 -22.42
C GLY B 53 11.13 54.91 -23.47
N ARG B 54 10.20 54.01 -23.17
CA ARG B 54 9.15 53.64 -24.11
C ARG B 54 8.01 54.67 -24.02
N THR B 55 6.93 54.41 -24.73
CA THR B 55 5.75 55.26 -24.71
C THR B 55 4.52 54.40 -24.46
N LEU B 56 3.39 55.07 -24.19
CA LEU B 56 2.15 54.34 -23.98
C LEU B 56 1.67 53.67 -25.25
N SER B 57 1.92 54.29 -26.41
CA SER B 57 1.56 53.66 -27.68
C SER B 57 2.46 52.48 -27.99
N ASP B 58 3.70 52.49 -27.49
CA ASP B 58 4.59 51.36 -27.70
C ASP B 58 4.09 50.10 -27.01
N TYR B 59 3.29 50.26 -25.95
CA TYR B 59 2.65 49.13 -25.27
C TYR B 59 1.19 48.99 -25.66
N ASN B 60 0.73 49.73 -26.66
CA ASN B 60 -0.66 49.66 -27.14
C ASN B 60 -1.63 49.95 -26.00
N ILE B 61 -1.39 51.07 -25.32
CA ILE B 61 -2.24 51.50 -24.22
C ILE B 61 -3.27 52.48 -24.76
N GLN B 62 -4.55 52.15 -24.56
CA GLN B 62 -5.65 52.93 -25.09
C GLN B 62 -6.34 53.68 -23.96
N LYS B 63 -7.46 54.34 -24.29
CA LYS B 63 -8.25 55.01 -23.28
C LYS B 63 -8.80 54.00 -22.27
N GLU B 64 -9.03 54.49 -21.05
CA GLU B 64 -9.60 53.69 -19.97
C GLU B 64 -8.84 52.38 -19.74
N SER B 65 -7.59 52.31 -20.20
CA SER B 65 -6.75 51.17 -19.85
C SER B 65 -6.53 51.13 -18.35
N THR B 66 -6.16 49.95 -17.85
CA THR B 66 -5.96 49.75 -16.42
C THR B 66 -4.56 49.16 -16.21
N LEU B 67 -3.65 49.99 -15.71
CA LEU B 67 -2.33 49.52 -15.31
C LEU B 67 -2.35 49.09 -13.85
N HIS B 68 -1.32 48.33 -13.47
CA HIS B 68 -1.16 47.85 -12.10
C HIS B 68 0.13 48.43 -11.54
N LEU B 69 0.02 49.14 -10.42
CA LEU B 69 1.17 49.60 -9.66
C LEU B 69 1.43 48.61 -8.53
N VAL B 70 2.57 47.94 -8.57
CA VAL B 70 2.88 46.88 -7.62
C VAL B 70 4.25 47.17 -7.01
N LEU B 71 4.65 46.31 -6.07
CA LEU B 71 5.93 46.41 -5.39
C LEU B 71 6.31 45.03 -4.89
N ARG B 72 7.57 44.89 -4.50
CA ARG B 72 8.06 43.63 -3.96
C ARG B 72 7.95 43.64 -2.44
N LEU B 73 7.68 42.46 -1.89
CA LEU B 73 7.57 42.26 -0.45
C LEU B 73 8.73 41.39 0.02
N ARG B 74 9.13 41.60 1.28
CA ARG B 74 10.30 40.96 1.84
C ARG B 74 10.00 40.02 3.00
N GLY B 75 8.84 40.16 3.64
CA GLY B 75 8.48 39.30 4.74
C GLY B 75 8.43 37.83 4.36
N GLN C 26 19.65 -46.86 -6.28
CA GLN C 26 20.64 -45.82 -6.00
C GLN C 26 20.08 -44.77 -5.04
N SER C 27 18.75 -44.81 -4.83
CA SER C 27 18.07 -43.84 -3.97
C SER C 27 18.22 -44.27 -2.52
N ASN C 28 19.39 -44.01 -1.96
CA ASN C 28 19.70 -44.35 -0.57
C ASN C 28 19.45 -43.12 0.31
N VAL C 29 18.58 -43.28 1.29
CA VAL C 29 18.12 -42.17 2.11
C VAL C 29 18.45 -42.45 3.57
N LEU C 30 18.86 -41.41 4.29
CA LEU C 30 19.05 -41.45 5.73
C LEU C 30 18.13 -40.42 6.38
N ILE C 31 17.54 -40.78 7.51
CA ILE C 31 16.66 -39.89 8.25
C ILE C 31 17.13 -39.85 9.70
N ILE C 32 17.52 -38.67 10.16
CA ILE C 32 17.97 -38.46 11.53
C ILE C 32 16.82 -37.80 12.29
N GLY C 33 16.39 -38.44 13.38
CA GLY C 33 15.25 -37.97 14.15
C GLY C 33 13.98 -38.74 13.84
N CYS C 34 13.32 -39.24 14.88
CA CYS C 34 12.13 -40.06 14.74
C CYS C 34 11.02 -39.57 15.66
N LYS C 35 10.77 -38.27 15.63
CA LYS C 35 9.57 -37.70 16.22
C LYS C 35 8.54 -37.51 15.10
N GLY C 36 7.43 -36.84 15.41
CA GLY C 36 6.36 -36.64 14.45
C GLY C 36 6.86 -36.31 13.05
N LEU C 37 7.77 -35.34 12.97
CA LEU C 37 8.28 -34.89 11.68
C LEU C 37 9.07 -36.00 10.98
N GLY C 38 10.02 -36.60 11.71
CA GLY C 38 10.82 -37.66 11.12
C GLY C 38 9.98 -38.85 10.68
N VAL C 39 9.03 -39.26 11.53
CA VAL C 39 8.21 -40.43 11.18
C VAL C 39 7.31 -40.12 10.00
N GLU C 40 6.80 -38.89 9.91
CA GLU C 40 6.00 -38.52 8.74
C GLU C 40 6.84 -38.57 7.47
N ILE C 41 8.06 -37.99 7.53
CA ILE C 41 8.95 -38.04 6.38
C ILE C 41 9.22 -39.48 5.97
N ALA C 42 9.49 -40.35 6.95
CA ALA C 42 9.77 -41.75 6.66
C ALA C 42 8.57 -42.43 6.03
N LYS C 43 7.39 -42.22 6.59
CA LYS C 43 6.17 -42.82 6.05
C LYS C 43 5.99 -42.43 4.59
N ASN C 44 6.12 -41.14 4.28
CA ASN C 44 5.90 -40.70 2.90
C ASN C 44 6.99 -41.23 1.98
N VAL C 45 8.24 -41.24 2.43
CA VAL C 45 9.32 -41.75 1.58
C VAL C 45 9.13 -43.24 1.32
N CYS C 46 8.54 -43.96 2.26
CA CYS C 46 8.27 -45.38 2.06
C CYS C 46 7.14 -45.57 1.06
N LEU C 47 5.97 -44.97 1.33
CA LEU C 47 4.83 -45.13 0.45
C LEU C 47 5.17 -44.72 -0.98
N ALA C 48 5.96 -43.66 -1.15
CA ALA C 48 6.37 -43.23 -2.48
C ALA C 48 7.42 -44.18 -3.07
N GLY C 49 8.29 -44.72 -2.23
CA GLY C 49 9.24 -45.73 -2.66
C GLY C 49 10.63 -45.21 -2.97
N VAL C 50 11.63 -45.78 -2.30
CA VAL C 50 13.04 -45.51 -2.57
C VAL C 50 13.81 -46.80 -2.28
N LYS C 51 15.12 -46.77 -2.57
CA LYS C 51 15.93 -47.98 -2.42
C LYS C 51 16.03 -48.39 -0.96
N SER C 52 16.59 -47.52 -0.12
CA SER C 52 16.86 -47.86 1.28
C SER C 52 16.54 -46.68 2.18
N VAL C 53 15.81 -46.95 3.25
CA VAL C 53 15.50 -45.95 4.28
C VAL C 53 16.23 -46.36 5.55
N THR C 54 17.02 -45.44 6.10
CA THR C 54 17.82 -45.68 7.29
C THR C 54 17.46 -44.65 8.35
N LEU C 55 17.24 -45.12 9.57
CA LEU C 55 16.85 -44.26 10.69
C LEU C 55 17.97 -44.21 11.72
N TYR C 56 18.01 -43.10 12.46
CA TYR C 56 18.96 -42.94 13.56
C TYR C 56 18.31 -42.02 14.59
N ASP C 57 17.86 -42.60 15.70
CA ASP C 57 17.34 -41.82 16.81
C ASP C 57 17.41 -42.65 18.09
N PRO C 58 18.57 -42.69 18.75
CA PRO C 58 18.67 -43.45 20.01
C PRO C 58 17.94 -42.79 21.17
N GLN C 59 17.49 -41.55 21.02
CA GLN C 59 16.83 -40.85 22.10
C GLN C 59 15.67 -41.69 22.64
N PRO C 60 15.53 -41.82 23.96
CA PRO C 60 14.40 -42.58 24.51
C PRO C 60 13.07 -41.96 24.09
N THR C 61 12.00 -42.69 24.38
CA THR C 61 10.65 -42.26 24.04
C THR C 61 10.06 -41.49 25.21
N ARG C 62 9.80 -40.21 25.01
CA ARG C 62 9.11 -39.39 26.00
C ARG C 62 7.62 -39.35 25.70
N ILE C 63 6.82 -39.18 26.75
CA ILE C 63 5.37 -39.16 26.59
C ILE C 63 4.97 -38.07 25.60
N GLU C 64 5.56 -36.87 25.73
CA GLU C 64 5.17 -35.76 24.86
C GLU C 64 5.40 -36.09 23.39
N ASP C 65 6.31 -37.01 23.09
CA ASP C 65 6.56 -37.38 21.70
C ASP C 65 5.30 -37.92 21.04
N LEU C 66 4.38 -38.51 21.82
CA LEU C 66 3.13 -39.02 21.28
C LEU C 66 2.17 -37.91 20.84
N SER C 67 2.57 -36.64 20.89
CA SER C 67 1.71 -35.58 20.42
C SER C 67 1.56 -35.57 18.91
N SER C 68 2.52 -36.14 18.19
CA SER C 68 2.45 -36.19 16.73
C SER C 68 3.10 -37.44 16.14
N GLN C 69 3.67 -38.32 16.96
CA GLN C 69 4.36 -39.51 16.48
C GLN C 69 3.41 -40.69 16.70
N TYR C 70 2.82 -41.18 15.62
CA TYR C 70 1.74 -42.16 15.68
C TYR C 70 2.22 -43.61 15.71
N PHE C 71 3.53 -43.85 15.65
CA PHE C 71 4.08 -45.19 15.77
C PHE C 71 4.63 -45.49 17.16
N LEU C 72 4.49 -44.55 18.10
CA LEU C 72 4.87 -44.78 19.48
C LEU C 72 3.63 -45.03 20.32
N THR C 73 3.75 -45.95 21.28
CA THR C 73 2.65 -46.30 22.16
C THR C 73 2.98 -45.88 23.59
N GLU C 74 1.92 -45.75 24.40
CA GLU C 74 2.08 -45.28 25.77
C GLU C 74 2.92 -46.23 26.61
N ASP C 75 3.11 -47.47 26.15
CA ASP C 75 3.92 -48.45 26.86
C ASP C 75 5.32 -48.62 26.27
N ASP C 76 5.67 -47.84 25.26
CA ASP C 76 7.01 -47.86 24.68
C ASP C 76 7.94 -46.84 25.34
N ILE C 77 7.56 -46.32 26.50
CA ILE C 77 8.38 -45.31 27.16
C ILE C 77 9.75 -45.90 27.50
N GLY C 78 10.78 -45.05 27.48
CA GLY C 78 12.12 -45.48 27.79
C GLY C 78 12.85 -46.21 26.69
N VAL C 79 12.19 -46.48 25.57
CA VAL C 79 12.79 -47.22 24.47
C VAL C 79 13.29 -46.22 23.43
N PRO C 80 14.42 -46.47 22.76
CA PRO C 80 14.79 -45.62 21.63
C PRO C 80 13.70 -45.61 20.58
N ARG C 81 13.55 -44.46 19.91
CA ARG C 81 12.42 -44.26 19.01
C ARG C 81 12.60 -45.01 17.70
N ALA C 82 13.79 -44.95 17.11
CA ALA C 82 14.03 -45.64 15.85
C ALA C 82 13.75 -47.13 15.98
N LYS C 83 14.24 -47.75 17.06
CA LYS C 83 14.09 -49.19 17.23
C LYS C 83 12.63 -49.60 17.35
N VAL C 84 11.74 -48.70 17.75
CA VAL C 84 10.33 -49.03 17.91
C VAL C 84 9.47 -48.56 16.75
N THR C 85 9.97 -47.63 15.92
CA THR C 85 9.22 -47.20 14.74
C THR C 85 9.62 -47.96 13.48
N VAL C 86 10.81 -48.59 13.47
CA VAL C 86 11.21 -49.35 12.29
C VAL C 86 10.24 -50.50 12.03
N SER C 87 9.76 -51.14 13.09
CA SER C 87 8.89 -52.30 12.92
C SER C 87 7.61 -51.94 12.19
N LYS C 88 7.15 -50.69 12.30
CA LYS C 88 5.94 -50.24 11.63
C LYS C 88 6.22 -49.46 10.35
N LEU C 89 7.46 -48.99 10.15
CA LEU C 89 7.79 -48.31 8.90
C LEU C 89 8.06 -49.29 7.77
N ALA C 90 8.59 -50.48 8.08
CA ALA C 90 8.82 -51.49 7.05
C ALA C 90 7.52 -52.16 6.61
N GLU C 91 6.49 -52.14 7.46
CA GLU C 91 5.20 -52.73 7.12
C GLU C 91 4.40 -51.90 6.13
N LEU C 92 4.90 -50.73 5.73
CA LEU C 92 4.19 -49.89 4.77
C LEU C 92 4.35 -50.43 3.36
N ASN C 93 5.56 -50.32 2.80
CA ASN C 93 5.87 -50.83 1.47
C ASN C 93 6.91 -51.93 1.62
N GLN C 94 6.58 -53.14 1.15
CA GLN C 94 7.46 -54.28 1.32
C GLN C 94 8.70 -54.21 0.46
N TYR C 95 8.70 -53.36 -0.58
CA TYR C 95 9.87 -53.19 -1.43
C TYR C 95 10.87 -52.19 -0.87
N VAL C 96 10.59 -51.61 0.30
CA VAL C 96 11.43 -50.58 0.89
C VAL C 96 11.92 -51.10 2.25
N PRO C 97 13.16 -51.57 2.33
CA PRO C 97 13.68 -52.03 3.63
C PRO C 97 13.98 -50.86 4.55
N VAL C 98 13.53 -50.97 5.79
CA VAL C 98 13.71 -49.92 6.80
C VAL C 98 14.62 -50.48 7.89
N SER C 99 15.80 -49.90 8.02
CA SER C 99 16.79 -50.31 9.01
C SER C 99 17.03 -49.20 10.02
N VAL C 100 17.82 -49.51 11.04
CA VAL C 100 18.16 -48.56 12.09
C VAL C 100 19.65 -48.66 12.38
N VAL C 101 20.27 -47.51 12.66
CA VAL C 101 21.66 -47.45 13.07
C VAL C 101 21.71 -46.85 14.47
N ASP C 102 22.62 -47.35 15.28
CA ASP C 102 22.77 -46.88 16.66
C ASP C 102 23.85 -45.83 16.83
N GLU C 103 24.93 -45.93 16.06
CA GLU C 103 25.96 -44.89 16.04
C GLU C 103 25.79 -44.05 14.77
N LEU C 104 26.70 -43.10 14.57
CA LEU C 104 26.64 -42.25 13.39
C LEU C 104 28.04 -41.71 13.13
N SER C 105 28.74 -42.30 12.16
CA SER C 105 30.04 -41.83 11.75
C SER C 105 29.90 -40.71 10.71
N THR C 106 31.03 -40.08 10.37
CA THR C 106 31.04 -39.04 9.36
C THR C 106 31.17 -39.61 7.96
N GLU C 107 32.04 -40.60 7.77
CA GLU C 107 32.20 -41.22 6.46
C GLU C 107 31.03 -42.12 6.11
N TYR C 108 30.23 -42.51 7.10
CA TYR C 108 29.07 -43.37 6.84
C TYR C 108 28.10 -42.71 5.86
N LEU C 109 27.95 -41.39 5.96
CA LEU C 109 26.97 -40.69 5.13
C LEU C 109 27.22 -40.89 3.64
N LYS C 110 28.44 -41.26 3.25
CA LYS C 110 28.72 -41.51 1.83
C LYS C 110 27.84 -42.61 1.26
N ASN C 111 27.32 -43.50 2.09
CA ASN C 111 26.49 -44.61 1.62
C ASN C 111 25.06 -44.19 1.32
N PHE C 112 24.79 -42.89 1.20
CA PHE C 112 23.44 -42.41 0.98
C PHE C 112 23.42 -41.40 -0.15
N LYS C 113 22.28 -41.33 -0.85
CA LYS C 113 22.04 -40.29 -1.83
C LYS C 113 21.44 -39.04 -1.20
N CYS C 114 20.67 -39.20 -0.13
CA CYS C 114 20.02 -38.07 0.52
C CYS C 114 20.07 -38.24 2.03
N VAL C 115 20.24 -37.12 2.73
CA VAL C 115 20.24 -37.09 4.19
C VAL C 115 19.17 -36.12 4.65
N VAL C 116 18.44 -36.49 5.71
CA VAL C 116 17.38 -35.67 6.28
C VAL C 116 17.68 -35.48 7.76
N VAL C 117 17.48 -34.26 8.24
CA VAL C 117 17.85 -33.88 9.60
C VAL C 117 16.64 -33.29 10.31
N THR C 118 16.26 -33.88 11.44
CA THR C 118 15.22 -33.35 12.30
C THR C 118 15.67 -33.55 13.73
N GLU C 119 15.35 -32.59 14.61
CA GLU C 119 15.70 -32.66 16.02
C GLU C 119 17.22 -32.69 16.20
N THR C 120 17.90 -31.73 15.57
CA THR C 120 19.34 -31.63 15.61
C THR C 120 19.75 -30.20 15.86
N SER C 121 20.75 -30.01 16.72
CA SER C 121 21.28 -28.68 16.96
C SER C 121 21.89 -28.12 15.68
N LEU C 122 22.07 -26.80 15.66
CA LEU C 122 22.58 -26.14 14.46
C LEU C 122 24.04 -26.48 14.20
N THR C 123 24.80 -26.83 15.23
CA THR C 123 26.22 -27.10 15.05
C THR C 123 26.44 -28.42 14.35
N LYS C 124 25.80 -29.49 14.82
CA LYS C 124 25.89 -30.77 14.14
C LYS C 124 25.31 -30.65 12.72
N GLN C 125 24.31 -29.80 12.54
CA GLN C 125 23.80 -29.53 11.20
C GLN C 125 24.89 -28.91 10.33
N LEU C 126 25.62 -27.93 10.86
CA LEU C 126 26.72 -27.33 10.12
C LEU C 126 27.76 -28.38 9.73
N GLU C 127 28.12 -29.25 10.67
CA GLU C 127 29.12 -30.28 10.38
C GLU C 127 28.63 -31.21 9.27
N ILE C 128 27.42 -31.74 9.42
CA ILE C 128 26.87 -32.69 8.45
C ILE C 128 26.76 -32.04 7.08
N ASN C 129 26.31 -30.78 7.03
CA ASN C 129 26.16 -30.10 5.75
C ASN C 129 27.51 -29.83 5.10
N ASP C 130 28.51 -29.43 5.89
CA ASP C 130 29.86 -29.32 5.36
C ASP C 130 30.27 -30.61 4.68
N PHE C 131 30.14 -31.73 5.41
CA PHE C 131 30.57 -33.01 4.87
C PHE C 131 29.81 -33.34 3.58
N THR C 132 28.50 -33.19 3.59
CA THR C 132 27.70 -33.55 2.42
C THR C 132 28.04 -32.67 1.22
N HIS C 133 27.98 -31.35 1.41
CA HIS C 133 28.31 -30.42 0.33
C HIS C 133 29.70 -30.71 -0.24
N LYS C 134 30.64 -31.11 0.61
CA LYS C 134 31.95 -31.51 0.12
C LYS C 134 31.85 -32.79 -0.71
N ASN C 135 31.03 -33.74 -0.28
CA ASN C 135 30.93 -35.04 -0.92
C ASN C 135 29.73 -35.15 -1.85
N HIS C 136 29.15 -34.02 -2.25
CA HIS C 136 28.03 -34.01 -3.20
C HIS C 136 26.93 -34.96 -2.76
N ILE C 137 26.33 -34.66 -1.61
CA ILE C 137 25.25 -35.46 -1.03
C ILE C 137 24.11 -34.52 -0.68
N ALA C 138 22.92 -34.82 -1.19
CA ALA C 138 21.75 -34.00 -0.92
C ALA C 138 21.48 -33.95 0.59
N TYR C 139 21.22 -32.76 1.10
CA TYR C 139 20.99 -32.52 2.52
C TYR C 139 19.71 -31.72 2.68
N ILE C 140 18.78 -32.25 3.46
CA ILE C 140 17.52 -31.57 3.76
C ILE C 140 17.39 -31.51 5.28
N ALA C 141 17.02 -30.34 5.79
CA ALA C 141 16.82 -30.15 7.22
C ALA C 141 15.43 -29.58 7.45
N ALA C 142 14.71 -30.14 8.43
CA ALA C 142 13.35 -29.70 8.71
C ALA C 142 13.14 -29.60 10.20
N ASP C 143 12.28 -28.67 10.60
CA ASP C 143 11.96 -28.49 12.00
C ASP C 143 10.54 -27.95 12.15
N SER C 144 9.81 -28.52 13.11
CA SER C 144 8.45 -28.12 13.43
C SER C 144 8.38 -27.64 14.87
N ARG C 145 7.90 -26.43 15.08
CA ARG C 145 7.87 -25.80 16.40
C ARG C 145 6.52 -25.11 16.56
N GLY C 146 5.58 -25.81 17.20
CA GLY C 146 4.27 -25.23 17.41
C GLY C 146 3.55 -24.99 16.10
N LEU C 147 3.24 -23.73 15.82
CA LEU C 147 2.61 -23.33 14.57
C LEU C 147 3.62 -22.78 13.57
N PHE C 148 4.90 -23.07 13.75
CA PHE C 148 5.96 -22.60 12.86
C PHE C 148 6.72 -23.80 12.31
N GLY C 149 7.32 -23.62 11.14
CA GLY C 149 8.02 -24.71 10.50
C GLY C 149 9.08 -24.19 9.55
N SER C 150 10.14 -24.98 9.39
CA SER C 150 11.27 -24.58 8.56
C SER C 150 11.76 -25.78 7.75
N ILE C 151 12.08 -25.53 6.49
CA ILE C 151 12.69 -26.51 5.60
C ILE C 151 13.89 -25.86 4.91
N PHE C 152 14.96 -26.63 4.75
CA PHE C 152 16.16 -26.17 4.07
C PHE C 152 16.68 -27.30 3.18
N CYS C 153 17.11 -26.94 1.97
CA CYS C 153 17.57 -27.91 0.99
C CYS C 153 18.89 -27.47 0.39
N ASP C 154 19.81 -28.43 0.23
CA ASP C 154 21.11 -28.18 -0.38
C ASP C 154 21.52 -29.46 -1.09
N PHE C 155 21.39 -29.49 -2.41
CA PHE C 155 21.70 -30.67 -3.20
C PHE C 155 23.07 -30.57 -3.88
N GLY C 156 23.90 -29.61 -3.48
CA GLY C 156 25.20 -29.41 -4.08
C GLY C 156 25.18 -28.32 -5.13
N GLU C 157 26.37 -27.93 -5.56
CA GLU C 157 26.54 -26.83 -6.50
C GLU C 157 26.49 -27.28 -7.95
N ASN C 158 26.24 -28.56 -8.22
CA ASN C 158 26.13 -29.07 -9.58
C ASN C 158 24.97 -30.06 -9.68
N PHE C 159 23.83 -29.67 -9.14
CA PHE C 159 22.64 -30.51 -9.22
C PHE C 159 22.03 -30.41 -10.60
N ILE C 160 21.48 -31.52 -11.09
CA ILE C 160 20.85 -31.57 -12.40
C ILE C 160 19.39 -31.97 -12.22
N CYS C 161 18.48 -31.15 -12.73
CA CYS C 161 17.06 -31.46 -12.73
C CYS C 161 16.58 -31.65 -14.16
N THR C 162 15.77 -32.70 -14.37
CA THR C 162 15.33 -33.08 -15.71
C THR C 162 13.95 -32.55 -16.05
N ASP C 163 13.04 -32.50 -15.10
CA ASP C 163 11.68 -31.99 -15.32
C ASP C 163 11.44 -30.90 -14.27
N THR C 164 11.57 -29.64 -14.69
CA THR C 164 11.57 -28.53 -13.75
C THR C 164 10.17 -28.19 -13.23
N ASP C 165 9.12 -28.53 -13.99
CA ASP C 165 7.77 -28.16 -13.60
C ASP C 165 6.82 -29.35 -13.43
N GLY C 166 7.26 -30.56 -13.72
CA GLY C 166 6.44 -31.74 -13.57
C GLY C 166 5.38 -31.94 -14.62
N ASN C 167 5.04 -30.90 -15.39
CA ASN C 167 4.08 -31.05 -16.45
C ASN C 167 4.55 -32.10 -17.46
N GLU C 168 3.63 -32.51 -18.33
CA GLU C 168 4.02 -33.41 -19.40
C GLU C 168 4.23 -32.64 -20.70
N PRO C 169 5.12 -33.12 -21.57
CA PRO C 169 5.41 -32.38 -22.80
C PRO C 169 4.15 -32.02 -23.59
N LEU C 170 3.94 -30.73 -23.82
CA LEU C 170 2.81 -30.28 -24.62
C LEU C 170 2.91 -30.83 -26.03
N THR C 171 1.82 -30.66 -26.79
CA THR C 171 1.78 -31.12 -28.17
C THR C 171 0.58 -30.48 -28.85
N GLY C 172 0.77 -30.04 -30.10
CA GLY C 172 -0.27 -29.35 -30.81
C GLY C 172 -0.18 -29.52 -32.32
N MET C 173 -1.27 -29.14 -32.98
CA MET C 173 -1.39 -29.25 -34.44
C MET C 173 -1.09 -27.90 -35.08
N ILE C 174 -0.11 -27.89 -35.96
CA ILE C 174 0.36 -26.71 -36.68
C ILE C 174 -0.41 -26.61 -37.98
N ALA C 175 -1.18 -25.53 -38.14
CA ALA C 175 -1.84 -25.26 -39.40
C ALA C 175 -0.84 -24.87 -40.48
N SER C 176 0.15 -24.06 -40.14
CA SER C 176 1.15 -23.63 -41.11
C SER C 176 2.25 -22.85 -40.41
N ILE C 177 3.46 -22.96 -40.95
CA ILE C 177 4.62 -22.18 -40.50
C ILE C 177 5.24 -21.52 -41.73
N THR C 178 5.50 -20.22 -41.64
CA THR C 178 6.13 -19.48 -42.72
C THR C 178 7.63 -19.69 -42.68
N ASP C 179 8.33 -19.10 -43.65
CA ASP C 179 9.79 -19.18 -43.68
C ASP C 179 10.44 -18.32 -42.62
N ASP C 180 9.67 -17.49 -41.91
CA ASP C 180 10.21 -16.73 -40.79
C ASP C 180 10.21 -17.54 -39.50
N GLY C 181 9.27 -18.48 -39.37
CA GLY C 181 9.19 -19.33 -38.21
C GLY C 181 7.91 -19.16 -37.42
N VAL C 182 6.95 -18.44 -37.98
CA VAL C 182 5.69 -18.15 -37.29
C VAL C 182 4.79 -19.37 -37.33
N VAL C 183 5.03 -20.33 -36.42
CA VAL C 183 4.14 -21.46 -36.29
C VAL C 183 2.76 -20.97 -35.86
N THR C 184 1.71 -21.59 -36.39
CA THR C 184 0.34 -21.15 -36.14
C THR C 184 -0.53 -22.33 -35.74
N MET C 185 -1.46 -22.07 -34.82
CA MET C 185 -2.38 -23.07 -34.32
C MET C 185 -3.65 -23.11 -35.16
N LEU C 186 -4.37 -24.23 -35.05
CA LEU C 186 -5.72 -24.30 -35.62
C LEU C 186 -6.62 -23.35 -34.83
N GLU C 187 -7.49 -22.64 -35.57
CA GLU C 187 -8.06 -21.39 -35.08
C GLU C 187 -8.62 -21.45 -33.66
N GLU C 188 -8.96 -22.64 -33.15
CA GLU C 188 -9.49 -22.78 -31.79
C GLU C 188 -8.72 -23.86 -31.04
N THR C 189 -7.42 -23.65 -30.90
CA THR C 189 -6.56 -24.47 -30.05
C THR C 189 -5.42 -23.60 -29.54
N ARG C 190 -4.97 -23.89 -28.33
CA ARG C 190 -3.98 -23.08 -27.64
C ARG C 190 -2.66 -23.84 -27.57
N HIS C 191 -1.58 -23.21 -28.06
CA HIS C 191 -0.25 -23.79 -27.95
C HIS C 191 0.24 -23.76 -26.52
N GLY C 192 0.04 -22.64 -25.82
CA GLY C 192 0.36 -22.56 -24.41
C GLY C 192 1.83 -22.61 -24.09
N LEU C 193 2.70 -22.19 -25.00
CA LEU C 193 4.13 -22.17 -24.76
C LEU C 193 4.56 -20.83 -24.18
N GLU C 194 5.69 -20.85 -23.50
CA GLU C 194 6.33 -19.65 -22.97
C GLU C 194 7.58 -19.34 -23.78
N ASN C 195 8.21 -18.21 -23.48
CA ASN C 195 9.46 -17.84 -24.10
C ASN C 195 10.60 -18.61 -23.44
N GLY C 196 11.29 -19.44 -24.22
CA GLY C 196 12.39 -20.25 -23.74
C GLY C 196 12.19 -21.74 -23.91
N ASP C 197 10.97 -22.19 -24.12
CA ASP C 197 10.70 -23.62 -24.30
C ASP C 197 11.17 -24.07 -25.68
N PHE C 198 11.50 -25.36 -25.77
CA PHE C 198 12.00 -25.96 -26.99
C PHE C 198 10.96 -26.94 -27.54
N VAL C 199 10.80 -26.93 -28.86
CA VAL C 199 9.81 -27.76 -29.53
C VAL C 199 10.48 -28.53 -30.65
N LYS C 200 9.90 -29.68 -30.98
CA LYS C 200 10.38 -30.52 -32.07
C LYS C 200 9.22 -30.94 -32.95
N PHE C 201 9.52 -31.15 -34.22
CA PHE C 201 8.52 -31.50 -35.23
C PHE C 201 8.74 -32.92 -35.71
N THR C 202 7.69 -33.50 -36.26
CA THR C 202 7.72 -34.91 -36.68
C THR C 202 7.34 -35.11 -38.13
N GLU C 203 6.35 -34.36 -38.64
CA GLU C 203 5.92 -34.51 -40.03
C GLU C 203 5.35 -33.17 -40.51
N VAL C 204 6.22 -32.36 -41.09
CA VAL C 204 5.84 -31.06 -41.67
C VAL C 204 6.15 -31.15 -43.16
N LYS C 205 5.17 -31.59 -43.94
CA LYS C 205 5.36 -31.68 -45.39
C LYS C 205 5.78 -30.34 -45.95
N GLY C 206 6.65 -30.37 -46.97
CA GLY C 206 7.17 -29.17 -47.56
C GLY C 206 8.58 -28.85 -47.09
N MET C 207 8.80 -28.93 -45.77
CA MET C 207 10.11 -28.70 -45.19
C MET C 207 10.70 -30.03 -44.74
N PRO C 208 11.78 -30.51 -45.38
CA PRO C 208 12.32 -31.84 -45.02
C PRO C 208 13.21 -31.81 -43.78
N GLY C 209 14.01 -30.76 -43.63
CA GLY C 209 15.00 -30.69 -42.58
C GLY C 209 14.50 -30.28 -41.22
N LEU C 210 13.19 -30.18 -41.02
CA LEU C 210 12.64 -29.77 -39.72
C LEU C 210 12.11 -30.95 -38.91
N ASN C 211 12.07 -32.15 -39.47
CA ASN C 211 11.53 -33.32 -38.81
C ASN C 211 12.61 -34.29 -38.35
N ASP C 212 13.81 -33.77 -38.08
CA ASP C 212 14.90 -34.62 -37.61
C ASP C 212 14.79 -34.89 -36.12
N GLY C 213 14.68 -33.83 -35.31
CA GLY C 213 14.54 -34.00 -33.88
C GLY C 213 15.25 -32.92 -33.07
N THR C 214 16.07 -32.12 -33.73
CA THR C 214 16.82 -31.08 -33.05
C THR C 214 15.87 -30.01 -32.53
N PRO C 215 15.72 -29.84 -31.22
CA PRO C 215 14.80 -28.81 -30.71
C PRO C 215 15.23 -27.41 -31.12
N ARG C 216 14.25 -26.51 -31.18
CA ARG C 216 14.48 -25.11 -31.52
C ARG C 216 13.82 -24.24 -30.48
N LYS C 217 14.53 -23.21 -30.01
CA LYS C 217 13.99 -22.30 -29.03
C LYS C 217 12.74 -21.61 -29.58
N VAL C 218 11.99 -20.98 -28.67
CA VAL C 218 10.69 -20.42 -29.02
C VAL C 218 10.62 -18.96 -28.59
N GLU C 219 9.77 -18.21 -29.30
CA GLU C 219 9.46 -16.81 -28.95
C GLU C 219 7.96 -16.63 -29.17
N VAL C 220 7.21 -16.60 -28.07
CA VAL C 220 5.76 -16.54 -28.15
C VAL C 220 5.32 -15.15 -28.64
N LYS C 221 4.20 -15.11 -29.35
CA LYS C 221 3.65 -13.86 -29.86
C LYS C 221 2.13 -13.76 -29.71
N GLY C 222 1.48 -14.74 -29.08
CA GLY C 222 0.05 -14.72 -28.91
C GLY C 222 -0.50 -16.08 -28.56
N PRO C 223 -1.81 -16.18 -28.34
CA PRO C 223 -2.40 -17.49 -28.00
C PRO C 223 -2.46 -18.47 -29.15
N TYR C 224 -1.91 -18.14 -30.32
CA TYR C 224 -1.96 -19.05 -31.46
C TYR C 224 -0.69 -19.06 -32.29
N THR C 225 0.30 -18.20 -31.99
CA THR C 225 1.50 -18.09 -32.80
C THR C 225 2.73 -18.07 -31.91
N PHE C 226 3.88 -18.37 -32.52
CA PHE C 226 5.17 -18.30 -31.85
C PHE C 226 6.26 -18.51 -32.88
N SER C 227 7.37 -17.82 -32.70
CA SER C 227 8.50 -17.91 -33.63
C SER C 227 9.49 -18.97 -33.17
N ILE C 228 10.16 -19.59 -34.14
CA ILE C 228 11.17 -20.61 -33.87
C ILE C 228 12.51 -20.29 -34.52
N GLY C 229 12.63 -19.15 -35.18
CA GLY C 229 13.87 -18.76 -35.84
C GLY C 229 13.75 -18.87 -37.35
N SER C 230 14.70 -18.23 -38.03
CA SER C 230 14.73 -18.26 -39.48
C SER C 230 14.86 -19.69 -39.99
N VAL C 231 13.91 -20.11 -40.81
CA VAL C 231 13.91 -21.46 -41.37
C VAL C 231 13.56 -21.40 -42.85
N LYS C 232 14.23 -20.51 -43.59
CA LYS C 232 13.98 -20.33 -45.01
C LYS C 232 14.96 -21.12 -45.88
N ASP C 233 15.89 -21.87 -45.28
CA ASP C 233 16.88 -22.59 -46.05
C ASP C 233 16.38 -23.95 -46.52
N LEU C 234 15.54 -24.60 -45.72
CA LEU C 234 15.04 -25.94 -46.07
C LEU C 234 13.76 -25.91 -46.89
N GLY C 235 13.01 -24.83 -46.84
CA GLY C 235 11.77 -24.75 -47.61
C GLY C 235 11.14 -23.39 -47.44
N SER C 236 10.23 -23.08 -48.36
CA SER C 236 9.55 -21.79 -48.35
C SER C 236 8.37 -21.74 -47.38
N ALA C 237 7.84 -22.90 -46.98
CA ALA C 237 6.71 -22.95 -46.08
C ALA C 237 6.47 -24.39 -45.65
N GLY C 238 5.91 -24.55 -44.47
CA GLY C 238 5.48 -25.85 -44.00
C GLY C 238 4.03 -25.80 -43.55
N TYR C 239 3.37 -26.96 -43.64
CA TYR C 239 1.97 -27.04 -43.24
C TYR C 239 1.71 -28.37 -42.56
N ASN C 240 0.60 -28.42 -41.83
CA ASN C 240 0.07 -29.65 -41.24
C ASN C 240 1.16 -30.41 -40.47
N GLY C 241 1.69 -29.77 -39.44
CA GLY C 241 2.81 -30.33 -38.68
C GLY C 241 2.50 -30.42 -37.20
N VAL C 242 2.82 -31.54 -36.59
CA VAL C 242 2.45 -31.74 -35.19
C VAL C 242 3.69 -31.50 -34.32
N PHE C 243 3.64 -30.45 -33.50
CA PHE C 243 4.77 -30.06 -32.66
C PHE C 243 4.63 -30.66 -31.27
N THR C 244 5.78 -30.98 -30.67
CA THR C 244 5.83 -31.60 -29.35
C THR C 244 6.94 -30.97 -28.53
N GLN C 245 6.69 -30.77 -27.24
CA GLN C 245 7.64 -30.08 -26.37
C GLN C 245 8.80 -30.98 -26.01
N VAL C 246 9.94 -30.35 -25.71
CA VAL C 246 11.14 -31.04 -25.24
C VAL C 246 11.53 -30.42 -23.91
N LYS C 247 11.52 -31.23 -22.84
CA LYS C 247 11.86 -30.74 -21.51
C LYS C 247 13.38 -30.68 -21.38
N VAL C 248 13.91 -29.46 -21.34
CA VAL C 248 15.36 -29.26 -21.22
C VAL C 248 15.76 -29.44 -19.76
N PRO C 249 16.92 -30.05 -19.47
CA PRO C 249 17.37 -30.13 -18.08
C PRO C 249 17.87 -28.79 -17.60
N THR C 250 18.35 -28.72 -16.35
CA THR C 250 18.84 -27.47 -15.80
C THR C 250 19.82 -27.77 -14.68
N LYS C 251 20.88 -26.97 -14.61
CA LYS C 251 21.83 -27.03 -13.51
C LYS C 251 21.38 -26.09 -12.41
N ILE C 252 21.30 -26.61 -11.19
CA ILE C 252 20.99 -25.82 -10.00
C ILE C 252 22.21 -25.84 -9.10
N SER C 253 22.60 -24.66 -8.61
CA SER C 253 23.77 -24.50 -7.76
C SER C 253 23.28 -24.14 -6.36
N PHE C 254 23.42 -25.07 -5.43
CA PHE C 254 23.00 -24.86 -4.04
C PHE C 254 24.21 -24.46 -3.21
N LYS C 255 24.02 -23.44 -2.37
CA LYS C 255 25.06 -22.98 -1.47
C LYS C 255 24.96 -23.73 -0.14
N SER C 256 26.11 -24.10 0.41
CA SER C 256 26.15 -24.83 1.67
C SER C 256 25.39 -24.08 2.76
N LEU C 257 24.95 -24.81 3.78
CA LEU C 257 24.25 -24.17 4.91
C LEU C 257 25.10 -23.08 5.52
N ARG C 258 26.43 -23.29 5.59
CA ARG C 258 27.30 -22.33 6.25
C ARG C 258 27.26 -20.98 5.56
N GLU C 259 27.66 -20.92 4.30
CA GLU C 259 27.80 -19.66 3.60
C GLU C 259 26.47 -19.08 3.13
N SER C 260 25.33 -19.68 3.50
CA SER C 260 24.03 -19.22 3.05
C SER C 260 23.21 -18.60 4.19
N LEU C 261 23.80 -18.41 5.37
CA LEU C 261 23.07 -17.80 6.47
C LEU C 261 23.06 -16.28 6.40
N LYS C 262 24.12 -15.68 5.86
CA LYS C 262 24.19 -14.23 5.72
C LYS C 262 23.08 -13.72 4.81
N ASP C 263 23.13 -14.10 3.53
CA ASP C 263 22.13 -13.71 2.55
C ASP C 263 21.32 -14.93 2.12
N PRO C 264 20.34 -15.37 2.90
CA PRO C 264 19.60 -16.58 2.56
C PRO C 264 18.60 -16.33 1.44
N GLU C 265 18.42 -17.37 0.62
CA GLU C 265 17.47 -17.34 -0.50
C GLU C 265 16.15 -17.93 -0.03
N TYR C 266 15.13 -17.09 0.09
CA TYR C 266 13.86 -17.50 0.68
C TYR C 266 12.94 -18.15 -0.35
N VAL C 267 11.93 -18.85 0.15
CA VAL C 267 10.81 -19.36 -0.64
C VAL C 267 9.55 -19.08 0.16
N TYR C 268 8.68 -18.23 -0.36
CA TYR C 268 7.58 -17.68 0.42
C TYR C 268 6.33 -18.54 0.25
N PRO C 269 5.75 -19.07 1.33
CA PRO C 269 4.49 -19.82 1.19
C PRO C 269 3.27 -18.93 1.10
N ASP C 270 3.31 -17.79 1.79
CA ASP C 270 2.20 -16.85 1.80
C ASP C 270 2.76 -15.46 1.51
N PHE C 271 2.47 -14.94 0.31
CA PHE C 271 2.96 -13.61 -0.05
C PHE C 271 2.39 -12.52 0.84
N GLY C 272 1.26 -12.78 1.50
CA GLY C 272 0.74 -11.83 2.47
C GLY C 272 1.64 -11.65 3.68
N LYS C 273 2.53 -12.60 3.94
CA LYS C 273 3.45 -12.54 5.06
C LYS C 273 4.89 -12.47 4.54
N MET C 274 5.15 -11.55 3.61
CA MET C 274 6.45 -11.50 2.95
C MET C 274 7.58 -11.11 3.90
N MET C 275 7.28 -10.47 5.01
CA MET C 275 8.30 -9.94 5.91
C MET C 275 8.64 -10.88 7.06
N ARG C 276 8.08 -12.08 7.09
CA ARG C 276 8.25 -12.99 8.22
C ARG C 276 9.40 -13.98 8.05
N PRO C 277 9.76 -14.39 6.84
CA PRO C 277 10.82 -15.41 6.69
C PRO C 277 12.11 -15.00 7.37
N PRO C 278 12.52 -13.73 7.30
CA PRO C 278 13.77 -13.35 7.98
C PRO C 278 13.68 -13.47 9.49
N GLN C 279 12.58 -13.03 10.09
CA GLN C 279 12.38 -13.19 11.52
C GLN C 279 12.53 -14.66 11.92
N TYR C 280 11.90 -15.55 11.16
CA TYR C 280 11.99 -16.98 11.47
C TYR C 280 13.40 -17.50 11.26
N HIS C 281 14.10 -17.00 10.24
CA HIS C 281 15.48 -17.42 10.01
C HIS C 281 16.35 -17.09 11.21
N ILE C 282 16.13 -15.92 11.82
CA ILE C 282 16.88 -15.58 13.02
C ILE C 282 16.43 -16.45 14.19
N ALA C 283 15.12 -16.65 14.33
CA ALA C 283 14.58 -17.32 15.51
C ALA C 283 14.95 -18.79 15.57
N PHE C 284 15.03 -19.47 14.42
CA PHE C 284 15.37 -20.89 14.43
C PHE C 284 16.83 -21.14 14.75
N GLN C 285 17.70 -20.14 14.59
CA GLN C 285 19.07 -20.25 15.09
C GLN C 285 19.15 -19.86 16.56
N ALA C 286 18.40 -18.82 16.95
CA ALA C 286 18.33 -18.44 18.35
C ALA C 286 17.83 -19.58 19.22
N LEU C 287 16.93 -20.41 18.68
CA LEU C 287 16.37 -21.51 19.46
C LEU C 287 17.43 -22.57 19.74
N SER C 288 18.20 -22.95 18.72
CA SER C 288 19.28 -23.92 18.93
C SER C 288 20.34 -23.34 19.86
N ALA C 289 20.59 -22.03 19.76
CA ALA C 289 21.54 -21.41 20.69
C ALA C 289 21.05 -21.52 22.13
N PHE C 290 19.80 -21.12 22.37
CA PHE C 290 19.21 -21.26 23.70
C PHE C 290 19.29 -22.71 24.19
N ALA C 291 19.04 -23.67 23.30
CA ALA C 291 19.13 -25.07 23.68
C ALA C 291 20.53 -25.43 24.12
N ASP C 292 21.53 -25.00 23.35
CA ASP C 292 22.93 -25.26 23.73
C ASP C 292 23.25 -24.64 25.09
N ALA C 293 22.72 -23.46 25.36
CA ALA C 293 23.04 -22.75 26.59
C ALA C 293 22.24 -23.21 27.80
N HIS C 294 21.34 -24.19 27.64
CA HIS C 294 20.50 -24.65 28.74
C HIS C 294 20.35 -26.17 28.71
N GLU C 295 21.48 -26.87 28.53
CA GLU C 295 21.50 -28.33 28.58
C GLU C 295 20.49 -28.94 27.61
N GLY C 296 20.45 -28.40 26.40
CA GLY C 296 19.51 -28.86 25.40
C GLY C 296 18.06 -28.59 25.70
N SER C 297 17.75 -27.93 26.82
CA SER C 297 16.38 -27.64 27.17
C SER C 297 15.83 -26.52 26.29
N LEU C 298 14.52 -26.58 26.04
CA LEU C 298 13.84 -25.58 25.24
C LEU C 298 13.14 -24.57 26.14
N PRO C 299 12.88 -23.36 25.64
CA PRO C 299 12.10 -22.40 26.41
C PRO C 299 10.80 -23.01 26.90
N ARG C 300 10.41 -22.66 28.12
CA ARG C 300 9.18 -23.19 28.68
C ARG C 300 7.98 -22.59 27.95
N PRO C 301 6.86 -23.32 27.90
CA PRO C 301 5.72 -22.86 27.09
C PRO C 301 5.14 -21.57 27.64
N ARG C 302 5.03 -20.56 26.78
CA ARG C 302 4.35 -19.31 27.10
C ARG C 302 5.02 -18.58 28.28
N ASN C 303 6.35 -18.72 28.39
CA ASN C 303 7.11 -18.10 29.46
C ASN C 303 7.77 -16.83 28.95
N ASP C 304 7.81 -15.80 29.79
CA ASP C 304 8.26 -14.48 29.38
C ASP C 304 9.76 -14.27 29.58
N ILE C 305 10.33 -14.73 30.69
CA ILE C 305 11.76 -14.56 30.90
C ILE C 305 12.55 -15.47 29.96
N ASP C 306 12.05 -16.68 29.73
CA ASP C 306 12.61 -17.52 28.68
C ASP C 306 12.58 -16.80 27.34
N ALA C 307 11.47 -16.14 27.03
CA ALA C 307 11.36 -15.41 25.77
C ALA C 307 12.31 -14.23 25.72
N ALA C 308 12.62 -13.61 26.86
CA ALA C 308 13.58 -12.52 26.87
C ALA C 308 14.99 -13.01 26.61
N GLU C 309 15.38 -14.11 27.26
CA GLU C 309 16.64 -14.76 26.91
C GLU C 309 16.69 -15.09 25.42
N PHE C 310 15.58 -15.61 24.90
CA PHE C 310 15.50 -15.94 23.48
C PHE C 310 15.74 -14.72 22.62
N PHE C 311 15.05 -13.62 22.93
CA PHE C 311 15.18 -12.39 22.13
C PHE C 311 16.60 -11.84 22.21
N GLU C 312 17.26 -11.97 23.36
CA GLU C 312 18.66 -11.58 23.44
C GLU C 312 19.52 -12.44 22.53
N PHE C 313 19.28 -13.75 22.51
CA PHE C 313 19.97 -14.61 21.57
C PHE C 313 19.72 -14.16 20.13
N CYS C 314 18.49 -13.75 19.83
CA CYS C 314 18.15 -13.30 18.48
C CYS C 314 18.95 -12.05 18.12
N LYS C 315 19.04 -11.10 19.04
CA LYS C 315 19.84 -9.90 18.80
C LYS C 315 21.29 -10.26 18.55
N LYS C 316 21.84 -11.15 19.37
CA LYS C 316 23.24 -11.57 19.21
C LYS C 316 23.45 -12.18 17.83
N ILE C 317 22.56 -13.08 17.41
CA ILE C 317 22.75 -13.81 16.17
C ILE C 317 22.54 -12.88 14.97
N ALA C 318 21.58 -11.98 15.05
CA ALA C 318 21.38 -11.02 13.97
C ALA C 318 22.56 -10.05 13.87
N SER C 319 23.22 -9.75 14.99
CA SER C 319 24.38 -8.87 14.95
C SER C 319 25.60 -9.58 14.37
N THR C 320 25.84 -10.83 14.79
CA THR C 320 27.01 -11.55 14.28
C THR C 320 26.85 -11.92 12.81
N LEU C 321 25.61 -12.06 12.33
CA LEU C 321 25.35 -12.36 10.93
C LEU C 321 25.22 -11.11 10.07
N GLN C 322 25.39 -9.92 10.65
CA GLN C 322 25.20 -8.67 9.92
C GLN C 322 23.84 -8.63 9.24
N PHE C 323 22.82 -9.08 9.97
CA PHE C 323 21.45 -9.14 9.45
C PHE C 323 20.81 -7.77 9.64
N ASP C 324 20.75 -6.98 8.56
CA ASP C 324 20.24 -5.62 8.62
C ASP C 324 18.72 -5.62 8.46
N VAL C 325 18.06 -6.07 9.52
CA VAL C 325 16.59 -6.14 9.55
C VAL C 325 16.12 -5.85 10.97
N GLU C 326 15.07 -5.05 11.10
CA GLU C 326 14.44 -4.83 12.39
C GLU C 326 13.73 -6.11 12.84
N LEU C 327 13.96 -6.51 14.09
CA LEU C 327 13.39 -7.73 14.63
C LEU C 327 12.03 -7.46 15.26
N ASP C 328 11.08 -8.36 15.02
CA ASP C 328 9.72 -8.22 15.54
C ASP C 328 9.66 -8.95 16.89
N GLU C 329 9.62 -8.17 17.97
CA GLU C 329 9.68 -8.74 19.30
C GLU C 329 8.52 -9.71 19.53
N LYS C 330 7.29 -9.27 19.26
CA LYS C 330 6.12 -10.10 19.51
C LYS C 330 6.17 -11.38 18.68
N LEU C 331 6.37 -11.24 17.37
CA LEU C 331 6.37 -12.40 16.48
C LEU C 331 7.44 -13.40 16.88
N ILE C 332 8.61 -12.92 17.29
CA ILE C 332 9.71 -13.82 17.62
C ILE C 332 9.46 -14.50 18.97
N LYS C 333 9.08 -13.72 19.99
CA LYS C 333 8.75 -14.30 21.28
C LYS C 333 7.61 -15.30 21.17
N GLU C 334 6.77 -15.19 20.14
CA GLU C 334 5.75 -16.19 19.90
C GLU C 334 6.34 -17.54 19.54
N ILE C 335 7.61 -17.58 19.12
CA ILE C 335 8.26 -18.85 18.86
C ILE C 335 8.80 -19.46 20.15
N SER C 336 9.33 -18.63 21.05
CA SER C 336 9.72 -19.12 22.37
C SER C 336 8.51 -19.65 23.13
N TYR C 337 7.38 -18.93 23.04
CA TYR C 337 6.17 -19.39 23.73
C TYR C 337 5.76 -20.79 23.25
N GLN C 338 5.84 -21.03 21.93
CA GLN C 338 5.41 -22.29 21.35
C GLN C 338 6.58 -23.22 21.04
N ALA C 339 7.76 -22.96 21.61
CA ALA C 339 8.95 -23.74 21.26
C ALA C 339 8.72 -25.23 21.50
N ARG C 340 8.02 -25.58 22.57
CA ARG C 340 7.74 -26.97 22.89
C ARG C 340 6.49 -27.49 22.21
N GLY C 341 6.04 -26.80 21.15
CA GLY C 341 4.86 -27.24 20.42
C GLY C 341 5.21 -28.33 19.43
N ASP C 342 4.45 -29.44 19.48
CA ASP C 342 4.64 -30.59 18.60
C ASP C 342 3.27 -30.96 18.06
N LEU C 343 2.83 -30.25 17.02
CA LEU C 343 1.49 -30.41 16.46
C LEU C 343 1.54 -31.36 15.27
N VAL C 344 0.61 -32.32 15.26
CA VAL C 344 0.58 -33.30 14.18
C VAL C 344 0.26 -32.65 12.86
N ALA C 345 -0.42 -31.50 12.87
CA ALA C 345 -0.75 -30.82 11.63
C ALA C 345 0.51 -30.30 10.95
N MET C 346 1.35 -29.57 11.69
CA MET C 346 2.61 -29.09 11.14
C MET C 346 3.49 -30.26 10.75
N SER C 347 3.48 -31.33 11.54
CA SER C 347 4.25 -32.52 11.21
C SER C 347 3.83 -33.08 9.86
N ALA C 348 2.52 -33.25 9.65
CA ALA C 348 2.02 -33.76 8.37
C ALA C 348 2.42 -32.85 7.23
N PHE C 349 2.12 -31.56 7.34
CA PHE C 349 2.45 -30.61 6.29
C PHE C 349 3.93 -30.70 5.91
N LEU C 350 4.81 -30.45 6.88
CA LEU C 350 6.24 -30.41 6.62
C LEU C 350 6.77 -31.77 6.20
N GLY C 351 6.18 -32.86 6.68
CA GLY C 351 6.64 -34.18 6.30
C GLY C 351 6.31 -34.51 4.86
N GLY C 352 5.10 -34.18 4.42
CA GLY C 352 4.78 -34.32 3.02
C GLY C 352 5.71 -33.50 2.14
N ALA C 353 5.89 -32.23 2.49
CA ALA C 353 6.76 -31.37 1.70
C ALA C 353 8.18 -31.94 1.65
N VAL C 354 8.73 -32.32 2.79
CA VAL C 354 10.11 -32.80 2.85
C VAL C 354 10.25 -34.13 2.12
N ALA C 355 9.25 -34.98 2.20
CA ALA C 355 9.30 -36.24 1.47
C ALA C 355 9.34 -36.00 -0.02
N GLN C 356 8.53 -35.04 -0.51
CA GLN C 356 8.61 -34.71 -1.93
C GLN C 356 9.97 -34.13 -2.27
N GLU C 357 10.58 -33.37 -1.36
CA GLU C 357 11.93 -32.84 -1.63
C GLU C 357 12.94 -33.97 -1.71
N VAL C 358 12.81 -34.99 -0.87
CA VAL C 358 13.67 -36.16 -0.95
C VAL C 358 13.49 -36.85 -2.30
N LEU C 359 12.24 -36.99 -2.75
CA LEU C 359 11.99 -37.56 -4.06
C LEU C 359 12.67 -36.74 -5.15
N LYS C 360 12.61 -35.42 -5.04
CA LYS C 360 13.29 -34.56 -5.99
C LYS C 360 14.79 -34.85 -5.99
N ALA C 361 15.38 -34.94 -4.81
CA ALA C 361 16.81 -35.19 -4.72
C ALA C 361 17.19 -36.53 -5.34
N THR C 362 16.34 -37.55 -5.15
CA THR C 362 16.70 -38.90 -5.59
C THR C 362 16.44 -39.10 -7.08
N THR C 363 15.21 -38.85 -7.53
CA THR C 363 14.84 -39.09 -8.92
C THR C 363 15.27 -37.96 -9.85
N SER C 364 15.67 -36.81 -9.32
CA SER C 364 16.11 -35.68 -10.13
C SER C 364 14.96 -35.12 -10.96
N LYS C 365 13.76 -35.09 -10.38
CA LYS C 365 12.58 -34.54 -11.03
C LYS C 365 11.97 -33.47 -10.15
N PHE C 366 11.24 -32.55 -10.80
CA PHE C 366 10.60 -31.44 -10.10
C PHE C 366 11.63 -30.47 -9.54
N TYR C 367 11.29 -29.18 -9.49
CA TYR C 367 12.22 -28.15 -9.05
C TYR C 367 12.19 -28.04 -7.53
N PRO C 368 13.30 -28.26 -6.83
CA PRO C 368 13.27 -28.29 -5.37
C PRO C 368 13.27 -26.89 -4.77
N LEU C 369 13.02 -26.85 -3.46
CA LEU C 369 13.06 -25.58 -2.73
C LEU C 369 14.48 -25.04 -2.68
N LYS C 370 14.65 -23.78 -3.07
CA LYS C 370 15.96 -23.15 -3.19
C LYS C 370 15.89 -21.81 -2.44
N GLN C 371 16.23 -21.79 -1.16
CA GLN C 371 16.66 -22.95 -0.37
C GLN C 371 15.95 -22.99 0.99
N TYR C 372 15.58 -21.82 1.52
CA TYR C 372 14.99 -21.71 2.84
C TYR C 372 13.47 -21.51 2.70
N PHE C 373 12.71 -22.25 3.51
CA PHE C 373 11.25 -22.22 3.46
C PHE C 373 10.76 -22.12 4.90
N TYR C 374 10.36 -20.92 5.30
CA TYR C 374 9.86 -20.66 6.65
C TYR C 374 8.37 -20.39 6.57
N PHE C 375 7.58 -21.27 7.18
CA PHE C 375 6.12 -21.23 7.10
C PHE C 375 5.52 -21.08 8.50
N ASP C 376 4.40 -20.39 8.58
CA ASP C 376 3.68 -20.22 9.83
C ASP C 376 2.19 -20.31 9.57
N SER C 377 1.47 -20.84 10.56
CA SER C 377 0.02 -20.83 10.54
C SER C 377 -0.46 -20.15 11.82
N LEU C 378 0.12 -18.99 12.13
CA LEU C 378 -0.15 -18.33 13.40
C LEU C 378 -1.61 -17.93 13.55
N GLU C 379 -2.37 -17.90 12.45
CA GLU C 379 -3.80 -17.64 12.56
C GLU C 379 -4.54 -18.77 13.26
N SER C 380 -3.90 -19.91 13.46
CA SER C 380 -4.53 -21.03 14.14
C SER C 380 -4.63 -20.82 15.65
N LEU C 381 -3.78 -19.98 16.22
CA LEU C 381 -3.70 -19.86 17.66
C LEU C 381 -5.07 -19.48 18.22
N PRO C 382 -5.59 -20.20 19.22
CA PRO C 382 -6.93 -19.92 19.72
C PRO C 382 -7.08 -18.49 20.24
N SER C 383 -8.32 -18.13 20.48
CA SER C 383 -8.65 -16.84 21.09
C SER C 383 -9.91 -16.89 21.93
N SER C 384 -10.58 -18.04 22.03
CA SER C 384 -11.75 -18.19 22.89
C SER C 384 -11.41 -18.75 24.27
N VAL C 385 -10.15 -19.11 24.49
CA VAL C 385 -9.72 -19.67 25.78
C VAL C 385 -8.44 -18.96 26.22
N THR C 386 -8.13 -19.08 27.50
CA THR C 386 -6.94 -18.47 28.07
C THR C 386 -5.71 -19.27 27.64
N ILE C 387 -4.74 -18.59 27.03
CA ILE C 387 -3.50 -19.22 26.61
C ILE C 387 -2.35 -18.59 27.40
N SER C 388 -2.19 -19.02 28.65
CA SER C 388 -1.20 -18.45 29.55
C SER C 388 -0.10 -19.47 29.84
N GLU C 389 0.78 -19.12 30.77
CA GLU C 389 1.83 -20.04 31.21
C GLU C 389 1.24 -21.18 32.03
N GLU C 390 0.17 -20.92 32.78
CA GLU C 390 -0.41 -21.94 33.64
C GLU C 390 -1.17 -22.99 32.84
N THR C 391 -1.84 -22.57 31.76
CA THR C 391 -2.59 -23.52 30.94
C THR C 391 -1.66 -24.40 30.12
N CYS C 392 -0.73 -23.78 29.40
CA CYS C 392 0.20 -24.50 28.52
C CYS C 392 1.25 -25.30 29.26
N LYS C 393 1.19 -25.46 30.59
CA LYS C 393 2.20 -26.24 31.28
C LYS C 393 2.04 -27.72 30.92
N PRO C 394 3.14 -28.44 30.71
CA PRO C 394 3.03 -29.89 30.45
C PRO C 394 2.33 -30.60 31.60
N ARG C 395 1.59 -31.65 31.24
CA ARG C 395 0.84 -32.44 32.21
C ARG C 395 1.34 -33.87 32.33
N GLY C 396 2.17 -34.33 31.41
CA GLY C 396 2.64 -35.70 31.42
C GLY C 396 1.84 -36.66 30.58
N CYS C 397 0.98 -36.16 29.69
CA CYS C 397 0.15 -36.99 28.84
C CYS C 397 0.66 -36.92 27.40
N ARG C 398 -0.07 -37.56 26.49
CA ARG C 398 0.34 -37.63 25.10
C ARG C 398 0.03 -36.34 24.33
N TYR C 399 -0.83 -35.49 24.86
CA TYR C 399 -1.20 -34.25 24.18
C TYR C 399 -0.33 -33.07 24.60
N ASP C 400 0.71 -33.29 25.40
CA ASP C 400 1.55 -32.19 25.87
C ASP C 400 2.02 -31.32 24.72
N GLY C 401 2.65 -31.93 23.71
CA GLY C 401 3.15 -31.15 22.59
C GLY C 401 2.11 -30.24 21.97
N GLN C 402 0.83 -30.61 22.08
CA GLN C 402 -0.24 -29.75 21.60
C GLN C 402 -0.67 -28.73 22.63
N ILE C 403 -0.80 -29.14 23.90
CA ILE C 403 -1.23 -28.22 24.94
C ILE C 403 -0.29 -27.02 25.01
N ALA C 404 1.01 -27.26 24.89
CA ALA C 404 1.99 -26.18 24.93
C ALA C 404 1.64 -25.04 23.99
N VAL C 405 0.80 -25.29 22.98
CA VAL C 405 0.37 -24.26 22.05
C VAL C 405 -1.07 -23.83 22.32
N PHE C 406 -1.93 -24.77 22.71
CA PHE C 406 -3.36 -24.51 22.79
C PHE C 406 -3.91 -24.45 24.20
N GLY C 407 -3.27 -25.10 25.17
CA GLY C 407 -3.72 -25.04 26.55
C GLY C 407 -4.68 -26.15 26.92
N SER C 408 -5.11 -26.11 28.19
CA SER C 408 -5.97 -27.15 28.72
C SER C 408 -7.40 -27.00 28.19
N GLU C 409 -7.93 -25.77 28.23
CA GLU C 409 -9.32 -25.55 27.86
C GLU C 409 -9.56 -25.90 26.40
N PHE C 410 -8.62 -25.54 25.52
CA PHE C 410 -8.75 -25.90 24.12
C PHE C 410 -8.65 -27.41 23.93
N GLN C 411 -7.81 -28.07 24.71
CA GLN C 411 -7.75 -29.52 24.66
C GLN C 411 -9.10 -30.13 25.00
N GLU C 412 -9.77 -29.60 26.02
CA GLU C 412 -11.08 -30.15 26.40
C GLU C 412 -12.12 -29.83 25.33
N LYS C 413 -12.03 -28.65 24.71
CA LYS C 413 -12.91 -28.35 23.58
C LYS C 413 -12.75 -29.37 22.47
N ILE C 414 -11.50 -29.69 22.12
CA ILE C 414 -11.24 -30.68 21.08
C ILE C 414 -11.78 -32.04 21.49
N ALA C 415 -11.61 -32.41 22.75
CA ALA C 415 -12.09 -33.70 23.22
C ALA C 415 -13.60 -33.82 23.08
N SER C 416 -14.31 -32.70 23.19
CA SER C 416 -15.77 -32.69 23.05
C SER C 416 -16.17 -32.19 21.66
N LEU C 417 -15.69 -32.91 20.65
CA LEU C 417 -15.97 -32.58 19.25
C LEU C 417 -16.84 -33.66 18.62
N SER C 418 -17.74 -33.25 17.73
CA SER C 418 -18.55 -34.17 16.95
C SER C 418 -18.21 -33.96 15.48
N THR C 419 -17.57 -34.95 14.87
CA THR C 419 -17.11 -34.87 13.50
C THR C 419 -17.88 -35.84 12.61
N PHE C 420 -18.11 -35.42 11.37
CA PHE C 420 -18.68 -36.29 10.34
C PHE C 420 -17.67 -36.37 9.19
N LEU C 421 -17.00 -37.51 9.06
CA LEU C 421 -15.98 -37.72 8.05
C LEU C 421 -16.59 -38.47 6.87
N VAL C 422 -16.71 -37.79 5.73
CA VAL C 422 -17.30 -38.36 4.53
C VAL C 422 -16.15 -38.85 3.66
N GLY C 423 -15.90 -40.16 3.69
CA GLY C 423 -14.82 -40.74 2.91
C GLY C 423 -13.68 -41.27 3.76
N ALA C 424 -13.30 -42.53 3.55
CA ALA C 424 -12.23 -43.14 4.31
C ALA C 424 -11.13 -43.68 3.39
N GLY C 425 -10.71 -42.87 2.45
CA GLY C 425 -9.59 -43.20 1.57
C GLY C 425 -8.27 -42.79 2.17
N ALA C 426 -7.32 -42.46 1.30
CA ALA C 426 -6.03 -41.97 1.77
C ALA C 426 -6.20 -40.68 2.57
N ILE C 427 -6.92 -39.71 2.00
CA ILE C 427 -7.16 -38.45 2.69
C ILE C 427 -7.90 -38.70 4.01
N GLY C 428 -8.91 -39.58 3.98
CA GLY C 428 -9.63 -39.89 5.19
C GLY C 428 -8.75 -40.54 6.25
N CYS C 429 -7.84 -41.43 5.82
CA CYS C 429 -6.94 -42.07 6.76
C CYS C 429 -6.00 -41.05 7.40
N GLU C 430 -5.45 -40.13 6.59
CA GLU C 430 -4.62 -39.08 7.16
C GLU C 430 -5.42 -38.22 8.14
N MET C 431 -6.66 -37.87 7.78
CA MET C 431 -7.49 -37.06 8.65
C MET C 431 -7.73 -37.77 9.98
N LEU C 432 -7.98 -39.08 9.92
CA LEU C 432 -8.24 -39.83 11.15
C LEU C 432 -6.98 -39.95 12.00
N LYS C 433 -5.81 -40.13 11.37
CA LYS C 433 -4.56 -40.13 12.11
C LYS C 433 -4.37 -38.80 12.83
N ASN C 434 -4.62 -37.69 12.15
CA ASN C 434 -4.48 -36.38 12.78
C ASN C 434 -5.46 -36.22 13.93
N TRP C 435 -6.73 -36.59 13.71
CA TRP C 435 -7.73 -36.48 14.77
C TRP C 435 -7.36 -37.36 15.97
N ALA C 436 -6.71 -38.50 15.72
CA ALA C 436 -6.33 -39.38 16.81
C ALA C 436 -5.15 -38.80 17.60
N MET C 437 -4.15 -38.28 16.90
CA MET C 437 -3.02 -37.66 17.59
C MET C 437 -3.44 -36.41 18.35
N MET C 438 -4.44 -35.68 17.84
CA MET C 438 -4.90 -34.47 18.50
C MET C 438 -5.85 -34.73 19.66
N GLY C 439 -6.36 -35.95 19.80
CA GLY C 439 -7.32 -36.24 20.86
C GLY C 439 -8.75 -35.86 20.52
N VAL C 440 -9.07 -35.67 19.24
CA VAL C 440 -10.44 -35.33 18.86
C VAL C 440 -11.40 -36.37 19.38
N ALA C 441 -12.56 -35.91 19.85
CA ALA C 441 -13.67 -36.76 20.28
C ALA C 441 -13.29 -37.69 21.43
N THR C 442 -12.14 -37.48 22.06
CA THR C 442 -11.76 -38.30 23.21
C THR C 442 -12.62 -37.99 24.42
N GLY C 443 -13.35 -36.88 24.42
CA GLY C 443 -14.15 -36.49 25.55
C GLY C 443 -15.42 -37.31 25.68
N GLU C 444 -16.11 -37.11 26.80
CA GLU C 444 -17.30 -37.89 27.10
C GLU C 444 -18.46 -37.56 26.17
N SER C 445 -18.47 -36.36 25.58
CA SER C 445 -19.51 -35.97 24.63
C SER C 445 -19.08 -36.10 23.19
N GLY C 446 -17.79 -35.90 22.90
CA GLY C 446 -17.33 -35.95 21.53
C GLY C 446 -17.47 -37.33 20.91
N HIS C 447 -17.39 -37.36 19.59
CA HIS C 447 -17.55 -38.60 18.84
C HIS C 447 -17.10 -38.37 17.41
N ILE C 448 -16.77 -39.47 16.71
CA ILE C 448 -16.37 -39.44 15.31
C ILE C 448 -17.29 -40.34 14.52
N SER C 449 -17.61 -39.93 13.30
CA SER C 449 -18.47 -40.69 12.40
C SER C 449 -17.78 -40.77 11.03
N VAL C 450 -17.30 -41.96 10.69
CA VAL C 450 -16.72 -42.20 9.37
C VAL C 450 -17.75 -42.94 8.53
N THR C 451 -17.65 -42.79 7.21
CA THR C 451 -18.53 -43.50 6.31
C THR C 451 -17.86 -43.65 4.96
N ASP C 452 -17.96 -44.85 4.39
CA ASP C 452 -17.40 -45.15 3.08
C ASP C 452 -17.81 -46.54 2.64
N MET C 453 -18.76 -46.62 1.69
CA MET C 453 -19.28 -47.91 1.26
C MET C 453 -18.23 -48.75 0.55
N ASP C 454 -17.18 -48.14 0.01
CA ASP C 454 -16.15 -48.88 -0.71
C ASP C 454 -15.39 -49.78 0.25
N SER C 455 -14.86 -50.87 -0.30
CA SER C 455 -14.11 -51.86 0.46
C SER C 455 -12.66 -51.88 -0.01
N ILE C 456 -11.80 -52.52 0.79
CA ILE C 456 -10.38 -52.55 0.51
C ILE C 456 -10.08 -53.70 -0.44
N GLU C 457 -9.40 -53.38 -1.55
CA GLU C 457 -9.09 -54.37 -2.57
C GLU C 457 -7.59 -54.36 -2.84
N LYS C 458 -7.09 -55.49 -3.34
CA LYS C 458 -5.68 -55.66 -3.60
C LYS C 458 -5.21 -54.71 -4.69
N SER C 459 -3.94 -54.31 -4.62
CA SER C 459 -3.33 -53.44 -5.60
C SER C 459 -1.88 -53.83 -5.80
N ASN C 460 -1.44 -53.87 -7.06
CA ASN C 460 -0.07 -54.21 -7.40
C ASN C 460 0.82 -52.99 -7.63
N LEU C 461 0.28 -51.77 -7.46
CA LEU C 461 1.07 -50.57 -7.70
C LEU C 461 0.49 -49.38 -6.95
N ASN C 462 0.09 -49.58 -5.70
CA ASN C 462 -0.45 -48.51 -4.88
C ASN C 462 -0.46 -48.97 -3.42
N ARG C 463 0.36 -48.32 -2.60
CA ARG C 463 0.45 -48.63 -1.18
C ARG C 463 -0.34 -47.63 -0.36
N GLN C 464 -0.85 -48.08 0.78
CA GLN C 464 -1.65 -47.27 1.67
C GLN C 464 -0.92 -47.09 3.00
N PHE C 465 -1.39 -46.10 3.78
CA PHE C 465 -0.82 -45.84 5.09
C PHE C 465 -1.34 -46.83 6.13
N LEU C 466 -2.66 -46.97 6.22
CA LEU C 466 -3.27 -47.81 7.25
C LEU C 466 -3.70 -49.18 6.71
N PHE C 467 -4.27 -49.22 5.52
CA PHE C 467 -4.78 -50.47 4.97
C PHE C 467 -3.62 -51.38 4.59
N ARG C 468 -3.61 -52.58 5.16
CA ARG C 468 -2.59 -53.59 4.93
C ARG C 468 -3.06 -54.60 3.90
N PRO C 469 -2.16 -55.42 3.37
CA PRO C 469 -2.61 -56.51 2.49
C PRO C 469 -3.53 -57.50 3.19
N ARG C 470 -3.32 -57.74 4.49
CA ARG C 470 -4.19 -58.62 5.24
C ARG C 470 -5.52 -57.98 5.62
N ASP C 471 -5.76 -56.74 5.22
CA ASP C 471 -7.02 -56.06 5.47
C ASP C 471 -7.99 -56.16 4.29
N VAL C 472 -7.58 -56.81 3.19
CA VAL C 472 -8.43 -56.89 2.01
C VAL C 472 -9.70 -57.65 2.33
N GLY C 473 -10.84 -57.09 1.95
CA GLY C 473 -12.14 -57.65 2.24
C GLY C 473 -12.94 -56.86 3.26
N LYS C 474 -12.27 -56.03 4.05
CA LYS C 474 -12.93 -55.21 5.06
C LYS C 474 -13.44 -53.92 4.44
N LEU C 475 -14.32 -53.25 5.17
CA LEU C 475 -14.76 -51.91 4.80
C LEU C 475 -13.71 -50.90 5.24
N LYS C 476 -13.39 -49.97 4.34
CA LYS C 476 -12.34 -48.99 4.63
C LYS C 476 -12.56 -48.31 5.98
N SER C 477 -13.81 -47.92 6.25
CA SER C 477 -14.11 -47.16 7.46
C SER C 477 -13.72 -47.95 8.71
N GLU C 478 -14.16 -49.20 8.81
CA GLU C 478 -13.93 -49.99 10.03
C GLU C 478 -12.45 -50.30 10.22
N CYS C 479 -11.74 -50.62 9.13
CA CYS C 479 -10.31 -50.89 9.24
C CYS C 479 -9.55 -49.66 9.69
N ALA C 480 -9.88 -48.49 9.11
CA ALA C 480 -9.26 -47.25 9.56
C ALA C 480 -9.58 -46.98 11.02
N SER C 481 -10.81 -47.25 11.43
CA SER C 481 -11.20 -47.03 12.82
C SER C 481 -10.36 -47.88 13.76
N THR C 482 -10.16 -49.16 13.41
CA THR C 482 -9.37 -50.03 14.28
C THR C 482 -7.91 -49.59 14.30
N ALA C 483 -7.35 -49.23 13.14
CA ALA C 483 -5.97 -48.73 13.12
C ALA C 483 -5.82 -47.50 14.01
N VAL C 484 -6.78 -46.58 13.94
CA VAL C 484 -6.72 -45.37 14.74
C VAL C 484 -6.85 -45.69 16.22
N SER C 485 -7.80 -46.55 16.58
CA SER C 485 -7.92 -46.98 17.97
C SER C 485 -6.59 -47.53 18.46
N ILE C 486 -5.89 -48.28 17.62
CA ILE C 486 -4.56 -48.76 18.00
C ILE C 486 -3.61 -47.58 18.20
N MET C 487 -3.75 -46.54 17.37
CA MET C 487 -2.90 -45.36 17.53
C MET C 487 -3.19 -44.65 18.85
N ASN C 488 -4.46 -44.37 19.13
CA ASN C 488 -4.87 -43.73 20.38
C ASN C 488 -6.00 -44.55 20.99
N PRO C 489 -5.67 -45.50 21.87
CA PRO C 489 -6.72 -46.33 22.49
C PRO C 489 -7.84 -45.55 23.12
N SER C 490 -7.60 -44.26 23.42
CA SER C 490 -8.63 -43.42 24.03
C SER C 490 -9.82 -43.21 23.11
N LEU C 491 -9.73 -43.70 21.87
CA LEU C 491 -10.84 -43.62 20.92
C LEU C 491 -11.68 -44.88 20.86
N THR C 492 -11.29 -45.95 21.55
CA THR C 492 -12.10 -47.16 21.58
C THR C 492 -13.49 -46.83 22.12
N GLY C 493 -14.51 -47.05 21.29
CA GLY C 493 -15.87 -46.69 21.64
C GLY C 493 -16.28 -45.29 21.25
N LYS C 494 -15.43 -44.56 20.53
CA LYS C 494 -15.70 -43.17 20.15
C LYS C 494 -15.76 -42.99 18.64
N ILE C 495 -15.72 -44.07 17.87
CA ILE C 495 -15.66 -44.00 16.41
C ILE C 495 -16.79 -44.89 15.87
N THR C 496 -17.89 -44.28 15.45
CA THR C 496 -18.90 -44.99 14.67
C THR C 496 -18.47 -44.97 13.20
N SER C 497 -18.53 -46.12 12.56
CA SER C 497 -18.09 -46.26 11.17
C SER C 497 -19.20 -46.94 10.38
N TYR C 498 -19.87 -46.18 9.52
CA TYR C 498 -20.89 -46.71 8.63
C TYR C 498 -20.27 -47.18 7.33
N GLN C 499 -21.09 -47.84 6.50
CA GLN C 499 -20.70 -48.29 5.18
C GLN C 499 -21.64 -47.74 4.11
N GLU C 500 -22.20 -46.57 4.36
CA GLU C 500 -23.23 -46.00 3.51
C GLU C 500 -22.64 -45.00 2.52
N ARG C 501 -23.22 -44.97 1.32
CA ARG C 501 -22.93 -43.91 0.36
C ARG C 501 -23.69 -42.66 0.75
N VAL C 502 -23.02 -41.51 0.68
CA VAL C 502 -23.62 -40.23 1.03
C VAL C 502 -24.33 -39.68 -0.21
N GLY C 503 -25.63 -39.45 -0.08
CA GLY C 503 -26.44 -38.96 -1.18
C GLY C 503 -27.90 -38.91 -0.80
N PRO C 504 -28.75 -38.47 -1.73
CA PRO C 504 -30.18 -38.36 -1.41
C PRO C 504 -30.80 -39.66 -0.93
N GLU C 505 -30.17 -40.82 -1.20
CA GLU C 505 -30.76 -42.08 -0.81
C GLU C 505 -30.45 -42.44 0.64
N SER C 506 -29.35 -41.93 1.18
CA SER C 506 -28.95 -42.22 2.56
C SER C 506 -29.42 -41.15 3.54
N GLU C 507 -30.34 -40.27 3.14
CA GLU C 507 -30.86 -39.28 4.07
C GLU C 507 -31.64 -39.92 5.21
N GLY C 508 -32.08 -41.17 5.04
CA GLY C 508 -32.75 -41.86 6.13
C GLY C 508 -31.87 -42.01 7.36
N ILE C 509 -30.56 -42.05 7.16
CA ILE C 509 -29.61 -42.18 8.27
C ILE C 509 -28.98 -40.83 8.61
N PHE C 510 -28.53 -40.09 7.59
CA PHE C 510 -27.88 -38.80 7.79
C PHE C 510 -28.93 -37.69 7.69
N GLY C 511 -29.85 -37.70 8.66
CA GLY C 511 -30.97 -36.79 8.69
C GLY C 511 -30.80 -35.68 9.70
N ASP C 512 -31.92 -35.22 10.26
CA ASP C 512 -31.88 -34.09 11.19
C ASP C 512 -31.19 -34.48 12.49
N GLU C 513 -31.57 -35.61 13.08
CA GLU C 513 -30.95 -36.03 14.33
C GLU C 513 -29.45 -36.22 14.18
N PHE C 514 -29.00 -36.67 13.00
CA PHE C 514 -27.58 -36.93 12.80
C PHE C 514 -26.78 -35.62 12.77
N PHE C 515 -27.24 -34.65 11.96
CA PHE C 515 -26.50 -33.40 11.84
C PHE C 515 -26.61 -32.55 13.09
N GLU C 516 -27.78 -32.55 13.73
CA GLU C 516 -27.99 -31.70 14.90
C GLU C 516 -26.86 -31.85 15.91
N LYS C 517 -26.39 -33.07 16.13
CA LYS C 517 -25.35 -33.34 17.11
C LYS C 517 -23.94 -33.17 16.57
N LEU C 518 -23.79 -32.78 15.30
CA LEU C 518 -22.47 -32.65 14.69
C LEU C 518 -21.88 -31.28 15.00
N SER C 519 -20.56 -31.25 15.14
CA SER C 519 -19.80 -30.01 15.28
C SER C 519 -19.17 -29.57 13.97
N LEU C 520 -18.67 -30.51 13.16
CA LEU C 520 -18.13 -30.12 11.86
C LEU C 520 -18.08 -31.33 10.95
N VAL C 521 -18.12 -31.06 9.64
CA VAL C 521 -18.07 -32.10 8.61
C VAL C 521 -16.80 -31.92 7.82
N THR C 522 -16.23 -33.04 7.35
CA THR C 522 -14.99 -33.03 6.60
C THR C 522 -15.09 -34.00 5.44
N ASN C 523 -14.82 -33.50 4.24
CA ASN C 523 -14.81 -34.31 3.03
C ASN C 523 -13.46 -35.00 2.85
N ALA C 524 -13.50 -36.23 2.36
CA ALA C 524 -12.31 -36.98 1.97
C ALA C 524 -12.68 -37.81 0.73
N LEU C 525 -13.07 -37.11 -0.33
CA LEU C 525 -13.77 -37.70 -1.46
C LEU C 525 -12.86 -37.77 -2.68
N ASP C 526 -13.45 -38.24 -3.78
CA ASP C 526 -12.74 -38.35 -5.05
C ASP C 526 -13.57 -37.87 -6.24
N ASN C 527 -14.77 -37.35 -6.01
CA ASN C 527 -15.61 -36.81 -7.08
C ASN C 527 -16.22 -35.51 -6.61
N VAL C 528 -16.70 -34.73 -7.58
CA VAL C 528 -17.22 -33.39 -7.27
C VAL C 528 -18.71 -33.41 -6.90
N GLU C 529 -19.47 -34.39 -7.41
CA GLU C 529 -20.88 -34.47 -7.06
C GLU C 529 -21.08 -34.63 -5.56
N ALA C 530 -20.29 -35.53 -4.95
CA ALA C 530 -20.40 -35.75 -3.51
C ALA C 530 -20.01 -34.49 -2.75
N ARG C 531 -18.96 -33.80 -3.19
CA ARG C 531 -18.60 -32.53 -2.58
C ARG C 531 -19.78 -31.57 -2.59
N MET C 532 -20.40 -31.39 -3.76
CA MET C 532 -21.53 -30.46 -3.87
C MET C 532 -22.67 -30.87 -2.97
N TYR C 533 -22.96 -32.17 -2.90
CA TYR C 533 -24.09 -32.64 -2.10
C TYR C 533 -23.84 -32.41 -0.62
N VAL C 534 -22.67 -32.81 -0.12
CA VAL C 534 -22.33 -32.58 1.27
C VAL C 534 -22.33 -31.09 1.58
N ASP C 535 -21.89 -30.27 0.61
CA ASP C 535 -21.87 -28.83 0.81
C ASP C 535 -23.29 -28.28 0.99
N ARG C 536 -24.21 -28.69 0.12
CA ARG C 536 -25.60 -28.26 0.26
C ARG C 536 -26.19 -28.73 1.59
N ARG C 537 -25.88 -29.97 2.00
CA ARG C 537 -26.36 -30.47 3.28
C ARG C 537 -25.88 -29.59 4.43
N CYS C 538 -24.57 -29.29 4.45
CA CYS C 538 -24.02 -28.44 5.50
C CYS C 538 -24.64 -27.06 5.48
N VAL C 539 -24.87 -26.51 4.29
CA VAL C 539 -25.51 -25.19 4.18
C VAL C 539 -26.89 -25.24 4.81
N PHE C 540 -27.64 -26.31 4.55
CA PHE C 540 -28.98 -26.43 5.13
C PHE C 540 -28.90 -26.51 6.65
N PHE C 541 -28.14 -27.49 7.17
CA PHE C 541 -28.07 -27.70 8.60
C PHE C 541 -27.20 -26.67 9.32
N GLU C 542 -26.48 -25.82 8.59
CA GLU C 542 -25.64 -24.78 9.18
C GLU C 542 -24.55 -25.39 10.04
N LYS C 543 -23.69 -26.18 9.38
CA LYS C 543 -22.55 -26.80 10.04
C LYS C 543 -21.28 -26.50 9.27
N PRO C 544 -20.17 -26.20 9.95
CA PRO C 544 -18.91 -25.94 9.22
C PRO C 544 -18.47 -27.15 8.43
N LEU C 545 -17.80 -26.87 7.30
CA LEU C 545 -17.33 -27.92 6.40
C LEU C 545 -15.87 -27.67 6.04
N LEU C 546 -15.12 -28.77 5.96
CA LEU C 546 -13.74 -28.75 5.51
C LEU C 546 -13.63 -29.57 4.24
N GLU C 547 -12.89 -29.04 3.26
CA GLU C 547 -12.77 -29.66 1.94
C GLU C 547 -11.31 -29.74 1.54
N SER C 548 -10.94 -30.86 0.91
CA SER C 548 -9.59 -31.04 0.41
C SER C 548 -9.64 -31.84 -0.89
N GLY C 549 -8.66 -31.62 -1.74
CA GLY C 549 -8.55 -32.36 -2.98
C GLY C 549 -7.10 -32.41 -3.44
N THR C 550 -6.80 -33.42 -4.26
CA THR C 550 -5.44 -33.61 -4.74
C THR C 550 -5.45 -33.90 -6.22
N LEU C 551 -4.25 -33.92 -6.80
CA LEU C 551 -4.05 -34.20 -8.22
C LEU C 551 -2.56 -34.32 -8.50
N GLY C 552 -2.04 -35.53 -8.46
CA GLY C 552 -0.60 -35.70 -8.58
C GLY C 552 0.09 -35.02 -7.42
N THR C 553 0.97 -34.08 -7.74
CA THR C 553 1.67 -33.30 -6.72
C THR C 553 0.92 -32.03 -6.32
N LYS C 554 -0.24 -31.77 -6.91
CA LYS C 554 -1.03 -30.59 -6.59
C LYS C 554 -2.08 -30.92 -5.53
N GLY C 555 -2.51 -29.90 -4.81
CA GLY C 555 -3.55 -30.07 -3.82
C GLY C 555 -4.18 -28.75 -3.44
N ASN C 556 -5.41 -28.83 -2.94
CA ASN C 556 -6.15 -27.66 -2.52
C ASN C 556 -6.93 -27.96 -1.24
N THR C 557 -7.19 -26.91 -0.48
CA THR C 557 -7.86 -26.97 0.81
C THR C 557 -8.77 -25.76 0.94
N GLN C 558 -10.01 -26.00 1.36
CA GLN C 558 -11.00 -24.94 1.48
C GLN C 558 -11.84 -25.16 2.74
N VAL C 559 -12.39 -24.07 3.26
CA VAL C 559 -13.19 -24.09 4.47
C VAL C 559 -14.51 -23.38 4.19
N VAL C 560 -15.56 -23.81 4.87
CA VAL C 560 -16.89 -23.22 4.76
C VAL C 560 -17.41 -23.00 6.17
N VAL C 561 -17.58 -21.75 6.56
CA VAL C 561 -18.01 -21.37 7.90
C VAL C 561 -19.43 -20.83 7.81
N PRO C 562 -20.37 -21.33 8.62
CA PRO C 562 -21.75 -20.83 8.53
C PRO C 562 -21.84 -19.34 8.76
N HIS C 563 -22.63 -18.67 7.92
CA HIS C 563 -22.91 -17.24 8.05
C HIS C 563 -21.64 -16.40 7.96
N LEU C 564 -20.66 -16.85 7.18
CA LEU C 564 -19.40 -16.13 7.08
C LEU C 564 -18.84 -16.22 5.66
N THR C 565 -18.56 -17.43 5.19
CA THR C 565 -17.97 -17.64 3.88
C THR C 565 -19.00 -18.21 2.91
N GLU C 566 -18.66 -18.18 1.63
CA GLU C 566 -19.45 -18.88 0.64
C GLU C 566 -19.24 -20.38 0.78
N SER C 567 -20.13 -21.15 0.16
CA SER C 567 -20.06 -22.59 0.21
C SER C 567 -19.20 -23.13 -0.93
N TYR C 568 -18.94 -24.44 -0.90
CA TYR C 568 -18.16 -25.05 -1.98
C TYR C 568 -18.88 -24.93 -3.32
N GLY C 569 -20.22 -24.97 -3.30
CA GLY C 569 -20.98 -24.89 -4.54
C GLY C 569 -21.14 -23.51 -5.11
N SER C 570 -20.75 -22.47 -4.37
CA SER C 570 -20.92 -21.10 -4.83
C SER C 570 -19.98 -20.74 -5.98
N SER C 571 -19.09 -21.65 -6.39
CA SER C 571 -18.16 -21.36 -7.47
C SER C 571 -17.83 -22.67 -8.19
N GLN C 572 -17.27 -22.55 -9.38
CA GLN C 572 -16.92 -23.69 -10.20
C GLN C 572 -15.49 -23.57 -10.68
N ASP C 573 -14.95 -24.69 -11.16
CA ASP C 573 -13.59 -24.82 -11.62
C ASP C 573 -13.55 -25.15 -13.10
N PRO C 574 -12.43 -24.91 -13.78
CA PRO C 574 -12.36 -25.19 -15.22
C PRO C 574 -12.50 -26.68 -15.47
N PRO C 575 -12.76 -27.08 -16.72
CA PRO C 575 -12.91 -28.51 -17.03
C PRO C 575 -11.61 -29.26 -16.81
N GLU C 576 -11.73 -30.47 -16.27
CA GLU C 576 -10.55 -31.23 -15.87
C GLU C 576 -9.80 -31.73 -17.10
N LYS C 577 -8.49 -31.47 -17.14
CA LYS C 577 -7.64 -31.91 -18.23
C LYS C 577 -7.00 -33.26 -17.97
N SER C 578 -7.10 -33.79 -16.75
CA SER C 578 -6.51 -35.07 -16.40
C SER C 578 -7.41 -35.80 -15.43
N PHE C 579 -7.18 -37.10 -15.27
CA PHE C 579 -7.99 -37.94 -14.42
C PHE C 579 -7.14 -38.43 -13.25
N PRO C 580 -7.49 -38.13 -12.00
CA PRO C 580 -6.72 -38.64 -10.86
C PRO C 580 -7.26 -39.95 -10.32
N ILE C 581 -6.34 -40.82 -9.90
CA ILE C 581 -6.70 -42.08 -9.27
C ILE C 581 -5.87 -42.27 -8.02
N CYS C 582 -6.52 -42.63 -6.92
CA CYS C 582 -5.84 -42.88 -5.65
C CYS C 582 -5.78 -44.36 -5.29
N THR C 583 -6.75 -45.16 -5.72
CA THR C 583 -6.79 -46.58 -5.42
C THR C 583 -7.93 -47.20 -6.22
N LEU C 584 -7.69 -48.41 -6.74
CA LEU C 584 -8.69 -49.08 -7.56
C LEU C 584 -10.02 -49.13 -6.84
N LYS C 585 -11.09 -48.81 -7.57
CA LYS C 585 -12.43 -48.79 -7.00
C LYS C 585 -13.12 -50.12 -7.24
N ASN C 586 -13.88 -50.58 -6.24
CA ASN C 586 -14.50 -51.90 -6.32
C ASN C 586 -15.67 -51.91 -7.29
N PHE C 587 -16.35 -50.78 -7.46
CA PHE C 587 -17.54 -50.67 -8.30
C PHE C 587 -17.30 -49.58 -9.33
N PRO C 588 -16.60 -49.89 -10.42
CA PRO C 588 -16.33 -48.85 -11.42
C PRO C 588 -17.60 -48.25 -11.99
N ASN C 589 -17.51 -46.96 -12.34
CA ASN C 589 -18.61 -46.27 -13.01
C ASN C 589 -18.16 -45.45 -14.21
N ARG C 590 -16.85 -45.26 -14.40
CA ARG C 590 -16.32 -44.61 -15.59
C ARG C 590 -15.32 -45.54 -16.27
N ILE C 591 -14.87 -45.14 -17.45
CA ILE C 591 -13.95 -45.96 -18.21
C ILE C 591 -12.54 -45.87 -17.63
N GLU C 592 -12.17 -44.71 -17.06
CA GLU C 592 -10.83 -44.57 -16.50
C GLU C 592 -10.60 -45.55 -15.36
N HIS C 593 -11.66 -45.89 -14.63
CA HIS C 593 -11.53 -46.89 -13.56
C HIS C 593 -11.06 -48.22 -14.13
N THR C 594 -11.69 -48.68 -15.21
CA THR C 594 -11.29 -49.94 -15.82
C THR C 594 -9.93 -49.83 -16.51
N ILE C 595 -9.58 -48.65 -17.03
CA ILE C 595 -8.25 -48.46 -17.60
C ILE C 595 -7.19 -48.67 -16.53
N ALA C 596 -7.36 -48.03 -15.37
CA ALA C 596 -6.41 -48.20 -14.28
C ALA C 596 -6.40 -49.64 -13.77
N TRP C 597 -7.58 -50.25 -13.62
CA TRP C 597 -7.65 -51.64 -13.19
C TRP C 597 -6.90 -52.55 -14.15
N ALA C 598 -7.00 -52.28 -15.46
CA ALA C 598 -6.32 -53.09 -16.46
C ALA C 598 -4.81 -52.88 -16.42
N ARG C 599 -4.38 -51.65 -16.15
CA ARG C 599 -2.95 -51.42 -15.96
C ARG C 599 -2.42 -52.19 -14.77
N ASP C 600 -3.19 -52.22 -13.68
CA ASP C 600 -2.81 -52.99 -12.51
C ASP C 600 -2.76 -54.48 -12.82
N LEU C 601 -3.74 -54.96 -13.60
CA LEU C 601 -3.73 -56.36 -14.03
C LEU C 601 -2.48 -56.67 -14.86
N PHE C 602 -2.14 -55.78 -15.79
CA PHE C 602 -0.92 -55.92 -16.58
C PHE C 602 0.28 -56.08 -15.66
N GLU C 603 0.44 -55.15 -14.72
CA GLU C 603 1.57 -55.19 -13.82
C GLU C 603 1.60 -56.48 -13.02
N GLY C 604 0.43 -56.98 -12.62
CA GLY C 604 0.38 -58.19 -11.82
C GLY C 604 0.54 -59.48 -12.60
N LEU C 605 0.31 -59.44 -13.92
CA LEU C 605 0.37 -60.64 -14.75
C LEU C 605 1.68 -60.81 -15.48
N PHE C 606 2.27 -59.73 -16.01
CA PHE C 606 3.43 -59.84 -16.87
C PHE C 606 4.67 -59.14 -16.33
N LYS C 607 4.68 -58.72 -15.07
CA LYS C 607 5.79 -57.95 -14.54
C LYS C 607 6.24 -58.45 -13.17
N GLN C 608 5.32 -58.58 -12.22
CA GLN C 608 5.69 -58.83 -10.84
C GLN C 608 6.11 -60.28 -10.62
N PRO C 609 5.34 -61.26 -11.08
CA PRO C 609 5.84 -62.64 -11.01
C PRO C 609 7.14 -62.84 -11.78
N ILE C 610 7.31 -62.13 -12.89
CA ILE C 610 8.53 -62.26 -13.68
C ILE C 610 9.73 -61.77 -12.88
N ASP C 611 9.57 -60.65 -12.16
CA ASP C 611 10.65 -60.16 -11.32
C ASP C 611 10.92 -61.11 -10.16
N ASN C 612 9.86 -61.68 -9.58
CA ASN C 612 10.05 -62.69 -8.53
C ASN C 612 10.89 -63.84 -9.05
N VAL C 613 10.58 -64.34 -10.25
CA VAL C 613 11.32 -65.47 -10.81
C VAL C 613 12.76 -65.06 -11.14
N ASN C 614 12.95 -63.85 -11.67
CA ASN C 614 14.28 -63.40 -12.03
C ASN C 614 15.17 -63.27 -10.80
N MET C 615 14.63 -62.74 -9.69
CA MET C 615 15.40 -62.65 -8.47
C MET C 615 15.53 -63.99 -7.76
N TYR C 616 14.63 -64.94 -8.03
CA TYR C 616 14.73 -66.27 -7.43
C TYR C 616 15.99 -67.01 -7.87
N LEU C 617 16.56 -66.65 -9.03
CA LEU C 617 17.78 -67.27 -9.53
C LEU C 617 18.99 -66.37 -9.37
N SER C 618 18.87 -65.32 -8.55
CA SER C 618 19.97 -64.39 -8.30
C SER C 618 20.32 -64.27 -6.83
N SER C 619 19.32 -64.24 -5.94
CA SER C 619 19.58 -64.15 -4.50
C SER C 619 19.66 -65.54 -3.89
N PRO C 620 20.75 -65.88 -3.18
CA PRO C 620 20.83 -67.22 -2.58
C PRO C 620 19.69 -67.50 -1.61
N ASN C 621 19.57 -66.67 -0.57
CA ASN C 621 18.54 -66.83 0.45
C ASN C 621 17.26 -66.10 0.09
N PHE C 622 16.80 -66.22 -1.16
CA PHE C 622 15.60 -65.50 -1.58
C PHE C 622 14.39 -65.94 -0.76
N LEU C 623 14.21 -67.24 -0.60
CA LEU C 623 13.05 -67.74 0.15
C LEU C 623 13.22 -67.55 1.65
N GLU C 624 14.41 -67.87 2.17
CA GLU C 624 14.66 -67.72 3.60
C GLU C 624 14.46 -66.28 4.05
N THR C 625 14.70 -65.31 3.17
CA THR C 625 14.45 -63.92 3.48
C THR C 625 13.04 -63.48 3.11
N SER C 626 12.38 -64.16 2.17
CA SER C 626 10.99 -63.87 1.87
C SER C 626 10.08 -64.21 3.04
N LEU C 627 10.42 -65.27 3.80
CA LEU C 627 9.67 -65.61 4.99
C LEU C 627 9.55 -64.42 5.93
N LYS C 628 10.53 -63.53 5.93
CA LYS C 628 10.54 -62.35 6.77
C LYS C 628 10.28 -61.07 5.98
N THR C 629 11.00 -60.86 4.87
CA THR C 629 10.91 -59.64 4.10
C THR C 629 9.51 -59.42 3.55
N SER C 630 9.08 -60.28 2.64
CA SER C 630 7.81 -60.10 1.95
C SER C 630 6.65 -60.23 2.94
N SER C 631 5.64 -59.36 2.77
CA SER C 631 4.41 -59.44 3.55
C SER C 631 3.43 -60.45 2.99
N ASN C 632 3.77 -61.12 1.88
CA ASN C 632 2.90 -62.12 1.28
C ASN C 632 3.78 -63.18 0.61
N PRO C 633 4.45 -64.01 1.41
CA PRO C 633 5.31 -65.05 0.82
C PRO C 633 4.53 -66.12 0.08
N ARG C 634 3.28 -66.36 0.47
CA ARG C 634 2.45 -67.36 -0.22
C ARG C 634 2.34 -67.03 -1.71
N GLU C 635 1.95 -65.80 -2.03
CA GLU C 635 1.81 -65.43 -3.44
C GLU C 635 3.17 -65.39 -4.14
N VAL C 636 4.24 -65.09 -3.40
CA VAL C 636 5.58 -65.12 -4.00
C VAL C 636 5.92 -66.54 -4.44
N LEU C 637 5.69 -67.52 -3.56
CA LEU C 637 5.94 -68.91 -3.91
C LEU C 637 5.04 -69.34 -5.07
N GLU C 638 3.77 -68.93 -5.05
CA GLU C 638 2.86 -69.31 -6.13
C GLU C 638 3.30 -68.70 -7.45
N ASN C 639 3.83 -67.48 -7.43
CA ASN C 639 4.37 -66.87 -8.64
C ASN C 639 5.58 -67.64 -9.14
N ILE C 640 6.52 -67.92 -8.25
CA ILE C 640 7.73 -68.66 -8.64
C ILE C 640 7.36 -70.03 -9.20
N ARG C 641 6.28 -70.64 -8.70
CA ARG C 641 5.89 -71.97 -9.12
C ARG C 641 5.14 -71.95 -10.45
N ASP C 642 4.03 -71.22 -10.50
CA ASP C 642 3.19 -71.20 -11.69
C ASP C 642 3.98 -70.76 -12.91
N TYR C 643 4.83 -69.76 -12.77
CA TYR C 643 5.57 -69.21 -13.90
C TYR C 643 6.82 -70.01 -14.25
N LEU C 644 7.03 -71.18 -13.64
CA LEU C 644 8.21 -71.99 -13.92
C LEU C 644 7.94 -73.48 -14.06
N VAL C 645 6.81 -74.00 -13.59
CA VAL C 645 6.53 -75.43 -13.66
C VAL C 645 5.08 -75.65 -14.04
N THR C 646 4.16 -75.31 -13.12
CA THR C 646 2.74 -75.57 -13.33
C THR C 646 2.25 -74.96 -14.63
N GLU C 647 2.22 -73.63 -14.71
CA GLU C 647 1.71 -72.92 -15.87
C GLU C 647 2.84 -72.35 -16.73
N LYS C 648 3.83 -73.17 -17.05
CA LYS C 648 4.93 -72.74 -17.92
C LYS C 648 4.59 -73.07 -19.36
N PRO C 649 4.53 -72.09 -20.26
CA PRO C 649 4.18 -72.38 -21.66
C PRO C 649 5.39 -72.86 -22.44
N LEU C 650 5.26 -74.02 -23.08
CA LEU C 650 6.29 -74.52 -23.97
C LEU C 650 6.01 -74.20 -25.44
N SER C 651 4.78 -73.77 -25.76
CA SER C 651 4.44 -73.33 -27.10
C SER C 651 3.42 -72.21 -26.99
N PHE C 652 3.29 -71.44 -28.08
CA PHE C 652 2.35 -70.34 -28.09
C PHE C 652 0.91 -70.83 -27.87
N GLU C 653 0.63 -72.08 -28.22
CA GLU C 653 -0.70 -72.64 -27.96
C GLU C 653 -0.97 -72.73 -26.46
N GLU C 654 0.04 -73.14 -25.69
CA GLU C 654 -0.12 -73.13 -24.24
C GLU C 654 -0.29 -71.71 -23.71
N CYS C 655 0.31 -70.72 -24.37
CA CYS C 655 0.06 -69.34 -24.01
C CYS C 655 -1.39 -68.96 -24.26
N ILE C 656 -1.98 -69.46 -25.36
CA ILE C 656 -3.38 -69.15 -25.64
C ILE C 656 -4.28 -69.83 -24.62
N MET C 657 -3.96 -71.06 -24.22
CA MET C 657 -4.71 -71.72 -23.15
C MET C 657 -4.64 -70.90 -21.87
N TRP C 658 -3.43 -70.44 -21.51
CA TRP C 658 -3.27 -69.61 -20.33
C TRP C 658 -4.09 -68.34 -20.43
N ALA C 659 -4.16 -67.75 -21.64
CA ALA C 659 -4.93 -66.52 -21.82
C ALA C 659 -6.41 -66.78 -21.62
N ARG C 660 -6.92 -67.89 -22.16
CA ARG C 660 -8.31 -68.28 -21.89
C ARG C 660 -8.54 -68.41 -20.39
N LEU C 661 -7.62 -69.07 -19.69
CA LEU C 661 -7.76 -69.22 -18.25
C LEU C 661 -7.80 -67.87 -17.55
N GLN C 662 -6.95 -66.93 -17.98
CA GLN C 662 -6.93 -65.60 -17.36
C GLN C 662 -8.24 -64.86 -17.63
N PHE C 663 -8.80 -65.01 -18.82
CA PHE C 663 -10.12 -64.45 -19.10
C PHE C 663 -11.13 -64.97 -18.08
N ASP C 664 -11.22 -66.30 -17.94
CA ASP C 664 -12.16 -66.87 -16.99
C ASP C 664 -11.86 -66.41 -15.57
N LYS C 665 -10.60 -66.13 -15.25
CA LYS C 665 -10.20 -65.79 -13.89
C LYS C 665 -10.53 -64.35 -13.53
N PHE C 666 -10.47 -63.43 -14.51
CA PHE C 666 -10.62 -62.02 -14.22
C PHE C 666 -11.85 -61.37 -14.84
N PHE C 667 -12.71 -62.13 -15.52
CA PHE C 667 -13.94 -61.55 -16.06
C PHE C 667 -15.15 -62.45 -15.88
N ASN C 668 -15.01 -63.63 -15.28
CA ASN C 668 -16.14 -64.52 -15.07
C ASN C 668 -16.23 -64.95 -13.60
N ASN C 669 -15.23 -65.71 -13.14
CA ASN C 669 -15.31 -66.29 -11.80
C ASN C 669 -15.30 -65.23 -10.72
N ASN C 670 -14.46 -64.20 -10.88
CA ASN C 670 -14.39 -63.14 -9.88
C ASN C 670 -15.77 -62.51 -9.65
N ILE C 671 -16.50 -62.26 -10.74
CA ILE C 671 -17.81 -61.64 -10.61
C ILE C 671 -18.79 -62.57 -9.91
N GLN C 672 -18.73 -63.87 -10.22
CA GLN C 672 -19.59 -64.84 -9.54
C GLN C 672 -19.30 -64.87 -8.05
N GLN C 673 -18.02 -64.81 -7.67
CA GLN C 673 -17.68 -64.78 -6.24
C GLN C 673 -18.20 -63.51 -5.60
N LEU C 674 -18.03 -62.37 -6.26
CA LEU C 674 -18.54 -61.11 -5.73
C LEU C 674 -20.05 -61.18 -5.51
N LEU C 675 -20.78 -61.77 -6.45
CA LEU C 675 -22.23 -61.85 -6.33
C LEU C 675 -22.65 -62.85 -5.27
N PHE C 676 -21.88 -63.94 -5.10
CA PHE C 676 -22.16 -64.87 -4.01
C PHE C 676 -21.90 -64.25 -2.65
N ASN C 677 -20.94 -63.32 -2.58
CA ASN C 677 -20.68 -62.62 -1.33
C ASN C 677 -21.69 -61.52 -1.06
N PHE C 678 -22.17 -60.85 -2.11
CA PHE C 678 -23.12 -59.74 -1.98
C PHE C 678 -24.25 -59.95 -2.97
N PRO C 679 -25.25 -60.77 -2.61
CA PRO C 679 -26.40 -60.97 -3.50
C PRO C 679 -27.04 -59.66 -3.93
N LYS C 680 -27.86 -59.70 -4.99
CA LYS C 680 -28.45 -58.51 -5.55
C LYS C 680 -29.42 -57.81 -4.59
N ASP C 681 -29.81 -58.47 -3.49
CA ASP C 681 -30.71 -57.89 -2.51
C ASP C 681 -30.05 -57.69 -1.15
N SER C 682 -28.73 -57.85 -1.06
CA SER C 682 -28.03 -57.69 0.21
C SER C 682 -28.07 -56.23 0.66
N VAL C 683 -28.07 -56.04 1.98
CA VAL C 683 -28.15 -54.70 2.56
C VAL C 683 -26.83 -54.37 3.24
N THR C 684 -26.82 -53.31 4.02
CA THR C 684 -25.64 -52.82 4.72
C THR C 684 -25.87 -52.87 6.22
N SER C 685 -24.94 -52.29 6.98
CA SER C 685 -25.06 -52.27 8.44
C SER C 685 -26.35 -51.57 8.88
N THR C 686 -26.83 -50.60 8.11
CA THR C 686 -28.00 -49.81 8.48
C THR C 686 -29.23 -50.19 7.66
N GLY C 687 -29.22 -51.36 7.02
CA GLY C 687 -30.36 -51.84 6.28
C GLY C 687 -30.55 -51.25 4.90
N GLN C 688 -29.70 -50.31 4.50
CA GLN C 688 -29.83 -49.72 3.18
C GLN C 688 -29.38 -50.70 2.11
N PRO C 689 -29.91 -50.59 0.89
CA PRO C 689 -29.48 -51.49 -0.18
C PRO C 689 -27.98 -51.39 -0.40
N PHE C 690 -27.31 -52.54 -0.40
CA PHE C 690 -25.85 -52.54 -0.57
C PHE C 690 -25.46 -52.01 -1.94
N TRP C 691 -26.18 -52.40 -2.98
CA TRP C 691 -25.78 -52.03 -4.33
C TRP C 691 -26.06 -50.55 -4.57
N SER C 692 -25.00 -49.84 -4.96
CA SER C 692 -24.95 -48.38 -4.98
C SER C 692 -26.26 -47.76 -5.44
N GLY C 693 -26.61 -47.94 -6.70
CA GLY C 693 -27.71 -47.23 -7.31
C GLY C 693 -27.23 -46.53 -8.57
N PRO C 694 -26.20 -45.70 -8.43
CA PRO C 694 -25.54 -45.16 -9.63
C PRO C 694 -25.07 -46.26 -10.58
N LYS C 695 -24.61 -47.38 -10.05
CA LYS C 695 -24.18 -48.51 -10.87
C LYS C 695 -24.70 -49.80 -10.26
N ARG C 696 -25.09 -50.73 -11.13
CA ARG C 696 -25.72 -51.96 -10.70
C ARG C 696 -24.68 -52.98 -10.25
N ALA C 697 -25.15 -54.16 -9.91
CA ALA C 697 -24.25 -55.28 -9.67
C ALA C 697 -23.69 -55.79 -11.00
N PRO C 698 -22.41 -56.12 -11.07
CA PRO C 698 -21.85 -56.59 -12.34
C PRO C 698 -22.47 -57.90 -12.80
N THR C 699 -22.11 -58.30 -14.01
CA THR C 699 -22.57 -59.55 -14.59
C THR C 699 -21.38 -60.26 -15.22
N PRO C 700 -21.21 -61.56 -14.98
CA PRO C 700 -20.03 -62.26 -15.52
C PRO C 700 -20.12 -62.43 -17.02
N LEU C 701 -18.99 -62.79 -17.61
CA LEU C 701 -18.84 -62.90 -19.07
C LEU C 701 -18.65 -64.37 -19.45
N SER C 702 -19.51 -64.88 -20.30
CA SER C 702 -19.36 -66.21 -20.88
C SER C 702 -18.56 -66.07 -22.18
N PHE C 703 -17.36 -66.67 -22.20
CA PHE C 703 -16.46 -66.49 -23.33
C PHE C 703 -17.12 -66.94 -24.63
N ASP C 704 -16.86 -66.19 -25.69
CA ASP C 704 -17.33 -66.55 -27.03
C ASP C 704 -16.38 -65.88 -28.02
N ILE C 705 -15.57 -66.69 -28.70
CA ILE C 705 -14.56 -66.16 -29.62
C ILE C 705 -15.17 -65.26 -30.68
N HIS C 706 -16.47 -65.37 -30.94
CA HIS C 706 -17.11 -64.53 -31.94
C HIS C 706 -17.26 -63.10 -31.47
N ASN C 707 -17.29 -62.86 -30.16
CA ASN C 707 -17.23 -61.51 -29.61
C ASN C 707 -15.79 -61.03 -29.67
N ARG C 708 -15.56 -59.94 -30.41
CA ARG C 708 -14.19 -59.58 -30.75
C ARG C 708 -13.40 -59.01 -29.57
N GLU C 709 -14.08 -58.48 -28.55
CA GLU C 709 -13.36 -58.04 -27.36
C GLU C 709 -12.68 -59.21 -26.67
N HIS C 710 -13.40 -60.33 -26.54
CA HIS C 710 -12.81 -61.53 -25.94
C HIS C 710 -11.62 -62.01 -26.75
N PHE C 711 -11.76 -62.03 -28.08
CA PHE C 711 -10.67 -62.50 -28.94
C PHE C 711 -9.47 -61.57 -28.86
N ASP C 712 -9.70 -60.25 -28.79
CA ASP C 712 -8.60 -59.31 -28.64
C ASP C 712 -7.87 -59.54 -27.32
N PHE C 713 -8.61 -59.73 -26.23
CA PHE C 713 -7.97 -60.02 -24.96
C PHE C 713 -7.12 -61.29 -25.06
N ILE C 714 -7.69 -62.34 -25.65
CA ILE C 714 -6.95 -63.60 -25.80
C ILE C 714 -5.65 -63.35 -26.55
N VAL C 715 -5.72 -62.64 -27.68
CA VAL C 715 -4.54 -62.42 -28.50
C VAL C 715 -3.48 -61.65 -27.72
N ALA C 716 -3.89 -60.55 -27.08
CA ALA C 716 -2.92 -59.70 -26.39
C ALA C 716 -2.29 -60.44 -25.22
N ALA C 717 -3.12 -61.10 -24.40
CA ALA C 717 -2.60 -61.83 -23.25
C ALA C 717 -1.66 -62.94 -23.68
N ALA C 718 -2.00 -63.67 -24.75
CA ALA C 718 -1.13 -64.73 -25.22
C ALA C 718 0.19 -64.17 -25.74
N SER C 719 0.13 -63.08 -26.51
CA SER C 719 1.35 -62.47 -27.02
C SER C 719 2.26 -62.03 -25.89
N LEU C 720 1.70 -61.45 -24.82
CA LEU C 720 2.53 -61.00 -23.71
C LEU C 720 3.09 -62.18 -22.92
N TYR C 721 2.25 -63.19 -22.65
CA TYR C 721 2.73 -64.36 -21.92
C TYR C 721 3.82 -65.08 -22.70
N ALA C 722 3.79 -65.00 -24.04
CA ALA C 722 4.85 -65.58 -24.85
C ALA C 722 6.09 -64.70 -24.86
N PHE C 723 5.90 -63.38 -24.91
CA PHE C 723 7.02 -62.46 -24.83
C PHE C 723 7.81 -62.65 -23.54
N ASN C 724 7.12 -62.99 -22.45
CA ASN C 724 7.82 -63.27 -21.20
C ASN C 724 8.82 -64.42 -21.38
N TYR C 725 8.37 -65.55 -21.92
CA TYR C 725 9.19 -66.74 -22.07
C TYR C 725 9.93 -66.80 -23.39
N GLY C 726 10.09 -65.66 -24.08
CA GLY C 726 10.83 -65.63 -25.33
C GLY C 726 10.17 -66.39 -26.46
N LEU C 727 8.99 -66.93 -26.22
CA LEU C 727 8.28 -67.66 -27.27
C LEU C 727 7.74 -66.68 -28.31
N LYS C 728 7.65 -67.15 -29.56
CA LYS C 728 7.16 -66.32 -30.64
C LYS C 728 5.63 -66.31 -30.63
N SER C 729 5.07 -65.10 -30.72
CA SER C 729 3.63 -64.94 -30.81
C SER C 729 3.17 -65.01 -32.25
N GLU C 730 1.89 -65.34 -32.44
CA GLU C 730 1.27 -65.45 -33.74
C GLU C 730 -0.04 -64.68 -33.75
N THR C 731 -0.45 -64.26 -34.94
CA THR C 731 -1.63 -63.40 -35.09
C THR C 731 -2.69 -63.98 -36.00
N ASP C 732 -2.46 -65.15 -36.60
CA ASP C 732 -3.47 -65.76 -37.48
C ASP C 732 -4.60 -66.33 -36.63
N PRO C 733 -5.85 -65.89 -36.84
CA PRO C 733 -6.96 -66.44 -36.04
C PRO C 733 -7.10 -67.95 -36.14
N ALA C 734 -6.53 -68.57 -37.19
CA ALA C 734 -6.65 -70.02 -37.33
C ALA C 734 -6.06 -70.74 -36.13
N ILE C 735 -4.89 -70.29 -35.67
CA ILE C 735 -4.24 -70.94 -34.52
C ILE C 735 -5.11 -70.80 -33.28
N TYR C 736 -5.64 -69.60 -33.04
CA TYR C 736 -6.47 -69.37 -31.86
C TYR C 736 -7.71 -70.25 -31.89
N GLU C 737 -8.38 -70.33 -33.04
CA GLU C 737 -9.55 -71.20 -33.16
C GLU C 737 -9.17 -72.65 -32.93
N ARG C 738 -8.09 -73.11 -33.56
CA ARG C 738 -7.70 -74.51 -33.44
C ARG C 738 -7.40 -74.88 -32.00
N VAL C 739 -6.72 -74.00 -31.26
CA VAL C 739 -6.31 -74.33 -29.91
C VAL C 739 -7.45 -74.15 -28.92
N LEU C 740 -8.34 -73.16 -29.13
CA LEU C 740 -9.44 -72.95 -28.22
C LEU C 740 -10.60 -73.91 -28.46
N ALA C 741 -10.68 -74.54 -29.63
CA ALA C 741 -11.70 -75.56 -29.85
C ALA C 741 -11.57 -76.70 -28.84
N GLY C 742 -10.34 -77.05 -28.49
CA GLY C 742 -10.09 -78.17 -27.60
C GLY C 742 -9.52 -77.77 -26.25
N TYR C 743 -10.10 -76.72 -25.65
CA TYR C 743 -9.69 -76.32 -24.30
C TYR C 743 -10.89 -75.64 -23.64
N ASN C 744 -11.54 -76.37 -22.74
CA ASN C 744 -12.57 -75.80 -21.87
C ASN C 744 -12.04 -75.81 -20.44
N PRO C 745 -11.66 -74.67 -19.86
CA PRO C 745 -11.06 -74.68 -18.52
C PRO C 745 -12.01 -75.32 -17.51
N PRO C 746 -11.51 -75.66 -16.32
CA PRO C 746 -12.36 -76.36 -15.34
C PRO C 746 -13.53 -75.51 -14.90
N PRO C 747 -14.62 -76.12 -14.45
CA PRO C 747 -15.78 -75.34 -14.02
C PRO C 747 -15.47 -74.48 -12.80
N PHE C 748 -16.45 -73.71 -12.35
CA PHE C 748 -16.24 -72.83 -11.20
C PHE C 748 -17.54 -72.70 -10.43
N ALA C 749 -17.40 -72.58 -9.10
CA ALA C 749 -18.53 -72.35 -8.21
C ALA C 749 -17.99 -71.75 -6.93
N PRO C 750 -18.68 -70.78 -6.31
CA PRO C 750 -18.18 -70.17 -5.07
C PRO C 750 -17.85 -71.19 -3.98
N ASP C 772 -1.78 -72.89 9.33
CA ASP C 772 -1.63 -72.62 7.90
C ASP C 772 -0.21 -72.20 7.58
N LYS C 773 0.76 -72.99 8.05
CA LYS C 773 2.17 -72.75 7.79
C LYS C 773 2.83 -73.91 7.07
N GLN C 774 2.48 -75.15 7.41
CA GLN C 774 3.01 -76.30 6.70
C GLN C 774 2.63 -76.28 5.23
N GLU C 775 1.43 -75.78 4.91
CA GLU C 775 1.03 -75.66 3.50
C GLU C 775 2.02 -74.79 2.73
N LEU C 776 2.29 -73.59 3.25
CA LEU C 776 3.20 -72.68 2.57
C LEU C 776 4.60 -73.25 2.50
N LYS C 777 5.09 -73.83 3.60
CA LYS C 777 6.44 -74.39 3.60
C LYS C 777 6.57 -75.56 2.64
N SER C 778 5.50 -76.35 2.48
CA SER C 778 5.55 -77.48 1.55
C SER C 778 5.50 -77.00 0.11
N ILE C 779 4.62 -76.04 -0.19
CA ILE C 779 4.61 -75.48 -1.53
C ILE C 779 5.96 -74.85 -1.86
N ALA C 780 6.66 -74.32 -0.84
CA ALA C 780 8.00 -73.81 -1.06
C ALA C 780 8.98 -74.94 -1.37
N ASP C 781 9.03 -75.95 -0.51
CA ASP C 781 9.96 -77.07 -0.72
C ASP C 781 9.69 -77.79 -2.03
N SER C 782 8.48 -77.69 -2.59
CA SER C 782 8.15 -78.33 -3.85
C SER C 782 8.58 -77.51 -5.06
N LEU C 783 9.70 -76.79 -4.96
CA LEU C 783 10.22 -75.98 -6.05
C LEU C 783 11.50 -76.57 -6.61
N PRO C 784 11.77 -76.41 -7.90
CA PRO C 784 13.08 -76.77 -8.43
C PRO C 784 14.17 -75.92 -7.83
N PRO C 785 15.42 -76.39 -7.82
CA PRO C 785 16.49 -75.64 -7.18
C PRO C 785 16.93 -74.47 -8.05
N PRO C 786 17.17 -73.29 -7.44
CA PRO C 786 17.77 -72.19 -8.22
C PRO C 786 19.20 -72.48 -8.67
N SER C 787 19.80 -73.57 -8.20
CA SER C 787 21.11 -74.01 -8.67
C SER C 787 21.11 -74.44 -10.12
N SER C 788 19.95 -74.42 -10.79
CA SER C 788 19.88 -74.67 -12.22
C SER C 788 20.26 -73.40 -12.98
N LEU C 789 21.36 -72.77 -12.57
CA LEU C 789 21.81 -71.52 -13.18
C LEU C 789 22.20 -71.73 -14.63
N VAL C 790 21.25 -71.52 -15.54
CA VAL C 790 21.50 -71.69 -16.97
C VAL C 790 21.17 -70.38 -17.67
N GLY C 791 21.38 -69.27 -16.97
CA GLY C 791 21.08 -67.96 -17.52
C GLY C 791 19.65 -67.85 -18.01
N PHE C 792 18.76 -68.62 -17.41
CA PHE C 792 17.35 -68.65 -17.83
C PHE C 792 16.69 -67.34 -17.40
N ARG C 793 16.56 -66.41 -18.34
CA ARG C 793 15.94 -65.12 -18.07
C ARG C 793 14.51 -65.10 -18.58
N LEU C 794 13.63 -64.46 -17.82
CA LEU C 794 12.24 -64.24 -18.21
C LEU C 794 12.09 -62.74 -18.49
N THR C 795 12.03 -62.39 -19.77
CA THR C 795 11.94 -60.99 -20.18
C THR C 795 10.77 -60.32 -19.46
N PRO C 796 11.02 -59.31 -18.62
CA PRO C 796 9.91 -58.63 -17.94
C PRO C 796 9.15 -57.71 -18.89
N ALA C 797 7.89 -57.48 -18.57
CA ALA C 797 7.01 -56.65 -19.40
C ALA C 797 7.10 -55.21 -18.90
N GLU C 798 8.08 -54.47 -19.42
CA GLU C 798 8.26 -53.07 -19.06
C GLU C 798 7.27 -52.24 -19.84
N PHE C 799 6.29 -51.65 -19.14
CA PHE C 799 5.18 -51.00 -19.81
C PHE C 799 5.66 -49.85 -20.69
N GLU C 800 5.20 -49.86 -21.95
CA GLU C 800 5.55 -48.83 -22.93
C GLU C 800 4.30 -48.55 -23.76
N LYS C 801 3.71 -47.37 -23.58
CA LYS C 801 2.44 -47.06 -24.21
C LYS C 801 2.60 -46.55 -25.64
N ASP C 802 3.72 -45.92 -25.96
CA ASP C 802 3.87 -45.27 -27.26
C ASP C 802 4.22 -46.27 -28.36
N ASP C 803 4.84 -47.39 -28.02
CA ASP C 803 5.06 -48.45 -28.97
C ASP C 803 3.76 -49.23 -29.18
N ASP C 804 3.44 -49.53 -30.44
CA ASP C 804 2.16 -50.10 -30.78
C ASP C 804 2.24 -51.53 -31.30
N SER C 805 3.44 -52.06 -31.54
CA SER C 805 3.61 -53.45 -31.90
C SER C 805 3.91 -54.34 -30.69
N ASN C 806 3.85 -53.78 -29.49
CA ASN C 806 4.19 -54.51 -28.27
C ASN C 806 2.97 -55.10 -27.57
N HIS C 807 1.77 -54.91 -28.11
CA HIS C 807 0.54 -55.48 -27.58
C HIS C 807 0.21 -54.98 -26.18
N HIS C 808 0.91 -53.96 -25.69
CA HIS C 808 0.61 -53.43 -24.37
C HIS C 808 -0.76 -52.76 -24.35
N ILE C 809 -0.95 -51.76 -25.21
CA ILE C 809 -2.23 -51.06 -25.24
C ILE C 809 -3.34 -51.99 -25.73
N ASP C 810 -3.00 -52.98 -26.57
CA ASP C 810 -4.00 -53.98 -26.94
C ASP C 810 -4.57 -54.64 -25.70
N PHE C 811 -3.70 -55.17 -24.84
CA PHE C 811 -4.14 -55.80 -23.61
C PHE C 811 -4.91 -54.82 -22.72
N ILE C 812 -4.36 -53.61 -22.58
CA ILE C 812 -5.02 -52.60 -21.75
C ILE C 812 -6.46 -52.40 -22.21
N THR C 813 -6.64 -52.14 -23.51
CA THR C 813 -7.96 -51.84 -24.03
C THR C 813 -8.90 -53.04 -23.92
N ALA C 814 -8.40 -54.24 -24.25
CA ALA C 814 -9.25 -55.41 -24.17
C ALA C 814 -9.73 -55.65 -22.74
N ALA C 815 -8.81 -55.61 -21.76
CA ALA C 815 -9.19 -55.86 -20.39
C ALA C 815 -10.10 -54.76 -19.84
N SER C 816 -9.81 -53.51 -20.17
CA SER C 816 -10.67 -52.41 -19.75
C SER C 816 -12.08 -52.58 -20.31
N ASN C 817 -12.19 -52.92 -21.59
CA ASN C 817 -13.50 -53.05 -22.21
C ASN C 817 -14.26 -54.26 -21.66
N LEU C 818 -13.56 -55.35 -21.39
CA LEU C 818 -14.21 -56.50 -20.78
C LEU C 818 -14.73 -56.15 -19.39
N ARG C 819 -13.94 -55.43 -18.59
CA ARG C 819 -14.42 -55.02 -17.27
C ARG C 819 -15.56 -54.02 -17.39
N ALA C 820 -15.54 -53.18 -18.42
CA ALA C 820 -16.65 -52.25 -18.65
C ALA C 820 -17.93 -53.02 -18.96
N MET C 821 -17.82 -54.05 -19.80
CA MET C 821 -18.96 -54.93 -20.05
C MET C 821 -19.42 -55.61 -18.77
N ASN C 822 -18.48 -55.93 -17.87
CA ASN C 822 -18.86 -56.50 -16.59
C ASN C 822 -19.80 -55.57 -15.83
N TYR C 823 -19.43 -54.31 -15.70
CA TYR C 823 -20.18 -53.34 -14.91
C TYR C 823 -21.02 -52.40 -15.77
N ASP C 824 -21.22 -52.72 -17.05
CA ASP C 824 -22.09 -51.96 -17.93
C ASP C 824 -21.58 -50.52 -18.08
N ILE C 825 -20.42 -50.41 -18.73
CA ILE C 825 -19.80 -49.14 -19.04
C ILE C 825 -19.45 -49.11 -20.52
N THR C 826 -19.71 -47.99 -21.18
CA THR C 826 -19.40 -47.83 -22.59
C THR C 826 -17.91 -48.01 -22.81
N PRO C 827 -17.48 -49.05 -23.52
CA PRO C 827 -16.04 -49.26 -23.71
C PRO C 827 -15.46 -48.21 -24.65
N ALA C 828 -14.13 -48.15 -24.65
CA ALA C 828 -13.37 -47.27 -25.53
C ALA C 828 -12.45 -48.10 -26.41
N ASP C 829 -11.93 -47.46 -27.45
CA ASP C 829 -11.13 -48.14 -28.46
C ASP C 829 -9.64 -47.92 -28.19
N ARG C 830 -8.82 -48.50 -29.07
CA ARG C 830 -7.37 -48.39 -28.96
C ARG C 830 -6.95 -46.92 -28.78
N PHE C 831 -7.35 -46.06 -29.72
CA PHE C 831 -6.90 -44.67 -29.69
C PHE C 831 -7.34 -43.97 -28.41
N LYS C 832 -8.64 -44.03 -28.09
CA LYS C 832 -9.14 -43.34 -26.91
C LYS C 832 -8.57 -43.94 -25.63
N THR C 833 -8.47 -45.27 -25.56
CA THR C 833 -7.90 -45.90 -24.38
C THR C 833 -6.47 -45.43 -24.15
N LYS C 834 -5.66 -45.43 -25.20
CA LYS C 834 -4.29 -44.94 -25.09
C LYS C 834 -4.27 -43.49 -24.61
N PHE C 835 -5.06 -42.63 -25.24
CA PHE C 835 -5.08 -41.22 -24.86
C PHE C 835 -5.44 -41.05 -23.39
N VAL C 836 -6.54 -41.66 -22.96
CA VAL C 836 -7.01 -41.45 -21.59
C VAL C 836 -6.03 -42.04 -20.58
N ALA C 837 -5.39 -43.16 -20.93
CA ALA C 837 -4.36 -43.71 -20.05
C ALA C 837 -3.20 -42.75 -19.91
N GLY C 838 -2.75 -42.17 -21.02
CA GLY C 838 -1.68 -41.19 -20.95
C GLY C 838 -2.00 -39.99 -20.08
N LYS C 839 -3.28 -39.70 -19.85
CA LYS C 839 -3.70 -38.53 -19.10
C LYS C 839 -4.24 -38.88 -17.72
N ILE C 840 -3.70 -39.92 -17.10
CA ILE C 840 -4.09 -40.33 -15.76
C ILE C 840 -2.92 -40.07 -14.81
N VAL C 841 -3.23 -39.55 -13.63
CA VAL C 841 -2.22 -39.24 -12.62
C VAL C 841 -2.58 -40.02 -11.34
N PRO C 842 -1.65 -40.80 -10.78
CA PRO C 842 -1.91 -41.40 -9.47
C PRO C 842 -1.52 -40.45 -8.35
N ALA C 843 -2.43 -40.24 -7.42
CA ALA C 843 -2.18 -39.34 -6.30
C ALA C 843 -0.95 -39.78 -5.53
N MET C 844 -0.28 -38.80 -4.91
CA MET C 844 0.94 -39.04 -4.15
C MET C 844 0.69 -38.81 -2.67
N CYS C 845 1.29 -39.66 -1.84
CA CYS C 845 1.07 -39.56 -0.39
C CYS C 845 1.48 -38.20 0.15
N THR C 846 2.47 -37.56 -0.47
CA THR C 846 2.92 -36.25 0.02
C THR C 846 1.80 -35.23 -0.01
N SER C 847 1.10 -35.13 -1.14
CA SER C 847 0.00 -34.18 -1.25
C SER C 847 -1.11 -34.51 -0.25
N THR C 848 -1.38 -35.81 -0.05
CA THR C 848 -2.40 -36.21 0.92
C THR C 848 -2.03 -35.71 2.32
N ALA C 849 -0.77 -35.92 2.72
CA ALA C 849 -0.32 -35.43 4.02
C ALA C 849 -0.45 -33.92 4.11
N VAL C 850 -0.04 -33.21 3.06
CA VAL C 850 -0.10 -31.76 3.07
C VAL C 850 -1.53 -31.29 3.29
N VAL C 851 -2.47 -31.85 2.54
CA VAL C 851 -3.86 -31.41 2.65
C VAL C 851 -4.43 -31.77 4.01
N SER C 852 -4.06 -32.93 4.56
CA SER C 852 -4.52 -33.29 5.89
C SER C 852 -4.05 -32.27 6.91
N GLY C 853 -2.76 -31.93 6.87
CA GLY C 853 -2.22 -30.95 7.80
C GLY C 853 -2.92 -29.61 7.70
N LEU C 854 -3.08 -29.10 6.47
CA LEU C 854 -3.72 -27.81 6.30
C LEU C 854 -5.18 -27.85 6.76
N VAL C 855 -5.89 -28.95 6.48
CA VAL C 855 -7.28 -29.07 6.89
C VAL C 855 -7.38 -29.03 8.41
N CYS C 856 -6.46 -29.71 9.11
CA CYS C 856 -6.52 -29.69 10.57
C CYS C 856 -6.11 -28.34 11.13
N LEU C 857 -5.21 -27.63 10.45
CA LEU C 857 -4.88 -26.27 10.84
C LEU C 857 -6.10 -25.36 10.75
N GLU C 858 -6.94 -25.58 9.75
CA GLU C 858 -8.21 -24.83 9.69
C GLU C 858 -9.22 -25.36 10.70
N LEU C 859 -9.14 -26.64 11.04
CA LEU C 859 -10.06 -27.20 12.03
C LEU C 859 -9.85 -26.59 13.40
N VAL C 860 -8.58 -26.39 13.80
CA VAL C 860 -8.33 -25.75 15.09
C VAL C 860 -8.93 -24.35 15.10
N LYS C 861 -8.98 -23.68 13.94
CA LYS C 861 -9.66 -22.40 13.86
C LYS C 861 -11.16 -22.57 14.03
N LEU C 862 -11.74 -23.57 13.37
CA LEU C 862 -13.18 -23.82 13.49
C LEU C 862 -13.57 -24.04 14.95
N VAL C 863 -12.86 -24.93 15.65
CA VAL C 863 -13.23 -25.24 17.04
C VAL C 863 -13.10 -24.01 17.91
N ASP C 864 -12.19 -23.10 17.56
CA ASP C 864 -12.00 -21.89 18.35
C ASP C 864 -13.17 -20.93 18.21
N GLY C 865 -13.99 -21.09 17.18
CA GLY C 865 -15.12 -20.20 16.99
C GLY C 865 -14.77 -18.88 16.35
N LYS C 866 -13.74 -18.85 15.51
CA LYS C 866 -13.30 -17.60 14.90
C LYS C 866 -14.40 -17.04 14.00
N LYS C 867 -14.71 -15.76 14.19
CA LYS C 867 -15.82 -15.12 13.50
C LYS C 867 -15.39 -14.14 12.43
N LYS C 868 -14.09 -13.85 12.30
CA LYS C 868 -13.58 -12.95 11.28
C LYS C 868 -13.04 -13.75 10.10
N ILE C 869 -13.29 -13.26 8.89
CA ILE C 869 -12.93 -14.00 7.69
C ILE C 869 -11.43 -13.96 7.40
N GLU C 870 -10.73 -12.94 7.90
CA GLU C 870 -9.30 -12.84 7.63
C GLU C 870 -8.52 -13.98 8.26
N GLU C 871 -9.06 -14.61 9.31
CA GLU C 871 -8.33 -15.62 10.06
C GLU C 871 -8.40 -17.00 9.42
N TYR C 872 -9.34 -17.22 8.52
CA TYR C 872 -9.42 -18.48 7.79
C TYR C 872 -8.57 -18.40 6.53
N LYS C 873 -8.19 -19.57 6.02
CA LYS C 873 -7.28 -19.64 4.88
C LYS C 873 -7.62 -20.83 4.00
N ASN C 874 -7.90 -20.56 2.73
CA ASN C 874 -7.91 -21.57 1.70
C ASN C 874 -6.50 -21.68 1.12
N GLY C 875 -6.03 -22.91 0.94
CA GLY C 875 -4.68 -23.16 0.50
C GLY C 875 -4.64 -23.87 -0.83
N PHE C 876 -3.60 -23.58 -1.61
CA PHE C 876 -3.39 -24.21 -2.91
C PHE C 876 -1.89 -24.43 -3.09
N PHE C 877 -1.49 -25.66 -3.37
CA PHE C 877 -0.07 -25.97 -3.46
C PHE C 877 0.21 -26.90 -4.64
N ASN C 878 1.42 -26.75 -5.18
CA ASN C 878 1.98 -27.67 -6.16
C ASN C 878 3.40 -27.98 -5.69
N LEU C 879 3.62 -29.23 -5.25
CA LEU C 879 4.93 -29.63 -4.76
C LEU C 879 5.96 -29.79 -5.87
N ALA C 880 5.51 -30.01 -7.11
CA ALA C 880 6.47 -30.19 -8.20
C ALA C 880 7.33 -28.96 -8.40
N ILE C 881 6.82 -27.78 -8.03
CA ILE C 881 7.56 -26.53 -8.19
C ILE C 881 7.72 -25.79 -6.87
N GLY C 882 7.46 -26.47 -5.74
CA GLY C 882 7.54 -25.83 -4.44
C GLY C 882 6.76 -24.53 -4.40
N LEU C 883 5.49 -24.59 -4.79
CA LEU C 883 4.61 -23.42 -4.79
C LEU C 883 3.51 -23.62 -3.77
N PHE C 884 3.36 -22.66 -2.86
CA PHE C 884 2.26 -22.64 -1.91
C PHE C 884 1.61 -21.27 -1.97
N THR C 885 0.29 -21.25 -1.79
CA THR C 885 -0.45 -19.99 -1.79
C THR C 885 -1.63 -20.13 -0.84
N PHE C 886 -2.01 -19.03 -0.21
CA PHE C 886 -3.13 -19.00 0.71
C PHE C 886 -3.94 -17.74 0.46
N SER C 887 -5.24 -17.84 0.68
CA SER C 887 -6.14 -16.72 0.42
C SER C 887 -7.29 -16.77 1.42
N ASP C 888 -7.70 -15.60 1.89
CA ASP C 888 -8.88 -15.52 2.73
C ASP C 888 -10.09 -16.01 1.94
N PRO C 889 -10.94 -16.85 2.53
CA PRO C 889 -12.13 -17.30 1.81
C PRO C 889 -12.97 -16.11 1.36
N ILE C 890 -13.80 -16.35 0.35
CA ILE C 890 -14.73 -15.33 -0.11
C ILE C 890 -15.88 -15.25 0.88
N ALA C 891 -16.36 -14.03 1.14
CA ALA C 891 -17.40 -13.82 2.13
C ALA C 891 -18.77 -14.04 1.50
N SER C 892 -19.63 -14.72 2.26
CA SER C 892 -20.99 -14.93 1.78
C SER C 892 -21.67 -13.59 1.55
N PRO C 893 -22.42 -13.43 0.45
CA PRO C 893 -22.99 -12.12 0.14
C PRO C 893 -24.13 -11.77 1.10
N LYS C 894 -24.03 -10.59 1.71
CA LYS C 894 -25.08 -10.04 2.56
C LYS C 894 -25.91 -9.07 1.73
N MET C 895 -27.24 -9.20 1.83
CA MET C 895 -28.14 -8.35 1.08
C MET C 895 -29.19 -7.76 2.01
N LYS C 896 -29.67 -6.57 1.66
CA LYS C 896 -30.64 -5.85 2.47
C LYS C 896 -32.05 -6.19 2.01
N VAL C 897 -32.85 -6.73 2.94
CA VAL C 897 -34.26 -6.98 2.73
C VAL C 897 -35.02 -6.33 3.88
N ASN C 898 -35.99 -5.49 3.56
CA ASN C 898 -36.69 -4.67 4.56
C ASN C 898 -35.73 -3.81 5.37
N GLY C 899 -34.54 -3.53 4.82
CA GLY C 899 -33.52 -2.80 5.51
C GLY C 899 -32.58 -3.66 6.34
N LYS C 900 -32.97 -4.89 6.67
CA LYS C 900 -32.15 -5.76 7.48
C LYS C 900 -31.21 -6.58 6.60
N GLU C 901 -29.96 -6.70 7.03
CA GLU C 901 -28.99 -7.52 6.32
C GLU C 901 -29.27 -8.99 6.58
N ILE C 902 -29.28 -9.79 5.52
CA ILE C 902 -29.45 -11.24 5.63
C ILE C 902 -28.51 -11.90 4.63
N ASP C 903 -28.13 -13.13 4.94
CA ASP C 903 -27.17 -13.87 4.13
C ASP C 903 -27.90 -14.67 3.07
N LYS C 904 -27.58 -14.42 1.80
CA LYS C 904 -28.22 -15.15 0.70
C LYS C 904 -28.05 -16.65 0.86
N ILE C 905 -26.87 -17.08 1.31
CA ILE C 905 -26.54 -18.50 1.31
C ILE C 905 -27.00 -19.21 2.58
N TRP C 906 -27.04 -18.53 3.72
CA TRP C 906 -27.24 -19.18 5.00
C TRP C 906 -28.58 -18.85 5.65
N ASP C 907 -28.92 -17.57 5.76
CA ASP C 907 -30.20 -17.21 6.37
C ASP C 907 -31.36 -17.79 5.56
N ARG C 908 -32.45 -18.08 6.25
CA ARG C 908 -33.62 -18.66 5.62
C ARG C 908 -34.85 -18.33 6.46
N TYR C 909 -36.02 -18.74 5.96
CA TYR C 909 -37.28 -18.56 6.66
C TYR C 909 -37.74 -19.91 7.20
N ASN C 910 -37.85 -20.02 8.53
CA ASN C 910 -38.36 -21.22 9.18
C ASN C 910 -39.85 -20.99 9.46
N LEU C 911 -40.70 -21.58 8.61
CA LEU C 911 -42.14 -21.40 8.70
C LEU C 911 -42.82 -22.75 8.85
N PRO C 912 -44.01 -22.80 9.48
CA PRO C 912 -44.76 -24.07 9.55
C PRO C 912 -45.27 -24.50 8.18
N ASP C 913 -46.03 -25.60 8.15
CA ASP C 913 -46.62 -26.11 6.92
C ASP C 913 -47.99 -25.45 6.69
N CYS C 914 -47.97 -24.13 6.62
CA CYS C 914 -49.19 -23.35 6.43
C CYS C 914 -49.73 -23.59 5.01
N THR C 915 -50.76 -22.85 4.65
CA THR C 915 -51.30 -22.88 3.29
C THR C 915 -50.70 -21.77 2.46
N LEU C 916 -50.76 -21.93 1.14
CA LEU C 916 -50.19 -20.95 0.23
C LEU C 916 -50.71 -19.55 0.54
N GLN C 917 -52.02 -19.41 0.77
CA GLN C 917 -52.58 -18.11 1.11
C GLN C 917 -51.97 -17.58 2.41
N GLU C 918 -51.82 -18.44 3.42
CA GLU C 918 -51.20 -18.02 4.68
C GLU C 918 -49.78 -17.53 4.45
N LEU C 919 -49.01 -18.26 3.62
CA LEU C 919 -47.63 -17.88 3.36
C LEU C 919 -47.55 -16.54 2.64
N ILE C 920 -48.41 -16.33 1.63
CA ILE C 920 -48.41 -15.07 0.90
C ILE C 920 -48.77 -13.92 1.82
N ASP C 921 -49.82 -14.10 2.63
CA ASP C 921 -50.24 -13.04 3.55
C ASP C 921 -49.19 -12.77 4.61
N TYR C 922 -48.45 -13.80 5.03
CA TYR C 922 -47.37 -13.58 5.99
C TYR C 922 -46.25 -12.76 5.37
N PHE C 923 -45.81 -13.13 4.16
CA PHE C 923 -44.76 -12.37 3.50
C PHE C 923 -45.22 -10.98 3.09
N GLN C 924 -46.53 -10.74 3.01
CA GLN C 924 -47.04 -9.43 2.65
C GLN C 924 -47.22 -8.50 3.85
N LYS C 925 -47.81 -9.01 4.93
CA LYS C 925 -48.17 -8.16 6.06
C LYS C 925 -47.08 -8.11 7.12
N GLU C 926 -46.45 -9.25 7.43
CA GLU C 926 -45.38 -9.30 8.42
C GLU C 926 -44.01 -9.06 7.82
N GLU C 927 -43.91 -8.91 6.50
CA GLU C 927 -42.63 -8.64 5.84
C GLU C 927 -42.72 -7.70 4.65
N GLY C 928 -43.87 -7.56 3.99
CA GLY C 928 -44.02 -6.62 2.90
C GLY C 928 -43.35 -7.05 1.62
N LEU C 929 -43.67 -8.26 1.14
CA LEU C 929 -43.12 -8.78 -0.09
C LEU C 929 -44.25 -9.37 -0.94
N GLU C 930 -44.35 -8.90 -2.18
CA GLU C 930 -45.31 -9.45 -3.14
C GLU C 930 -44.68 -10.69 -3.77
N VAL C 931 -45.02 -11.87 -3.24
CA VAL C 931 -44.47 -13.10 -3.78
C VAL C 931 -44.94 -13.27 -5.21
N THR C 932 -43.99 -13.37 -6.14
CA THR C 932 -44.30 -13.52 -7.56
C THR C 932 -44.12 -14.95 -8.05
N MET C 933 -43.22 -15.72 -7.46
CA MET C 933 -43.01 -17.09 -7.88
C MET C 933 -42.52 -17.91 -6.68
N LEU C 934 -43.05 -19.13 -6.56
CA LEU C 934 -42.71 -20.03 -5.47
C LEU C 934 -42.58 -21.42 -6.05
N SER C 935 -41.43 -22.07 -5.84
CA SER C 935 -41.14 -23.35 -6.46
C SER C 935 -40.41 -24.24 -5.46
N SER C 936 -40.52 -25.55 -5.69
CA SER C 936 -39.84 -26.56 -4.89
C SER C 936 -39.00 -27.42 -5.84
N GLY C 937 -37.70 -27.16 -5.87
CA GLY C 937 -36.82 -27.81 -6.82
C GLY C 937 -36.99 -27.23 -8.20
N VAL C 938 -37.43 -28.06 -9.16
CA VAL C 938 -37.73 -27.58 -10.50
C VAL C 938 -39.22 -27.46 -10.76
N SER C 939 -40.06 -27.92 -9.83
CA SER C 939 -41.51 -27.81 -10.00
C SER C 939 -41.97 -26.42 -9.60
N LEU C 940 -42.83 -25.82 -10.43
CA LEU C 940 -43.37 -24.49 -10.17
C LEU C 940 -44.68 -24.66 -9.41
N LEU C 941 -44.69 -24.21 -8.15
CA LEU C 941 -45.86 -24.35 -7.29
C LEU C 941 -46.85 -23.21 -7.47
N TYR C 942 -46.36 -21.97 -7.44
CA TYR C 942 -47.23 -20.81 -7.59
C TYR C 942 -46.52 -19.73 -8.39
N ALA C 943 -47.30 -19.00 -9.18
CA ALA C 943 -46.80 -17.85 -9.92
C ALA C 943 -47.89 -16.78 -9.95
N ASN C 944 -47.49 -15.52 -9.72
CA ASN C 944 -48.45 -14.43 -9.67
C ASN C 944 -49.04 -14.11 -11.04
N PHE C 945 -48.53 -14.72 -12.12
CA PHE C 945 -49.08 -14.51 -13.45
C PHE C 945 -49.92 -15.66 -13.95
N GLN C 946 -49.94 -16.79 -13.24
CA GLN C 946 -50.78 -17.90 -13.64
C GLN C 946 -52.26 -17.49 -13.59
N PRO C 947 -53.12 -18.15 -14.35
CA PRO C 947 -54.53 -17.78 -14.37
C PRO C 947 -55.18 -17.98 -13.02
N PRO C 948 -56.32 -17.31 -12.76
CA PRO C 948 -56.95 -17.48 -11.44
C PRO C 948 -57.63 -18.83 -11.24
N LYS C 949 -58.19 -19.42 -12.31
CA LYS C 949 -58.88 -20.70 -12.15
C LYS C 949 -57.90 -21.81 -11.77
N LYS C 950 -56.66 -21.74 -12.25
CA LYS C 950 -55.62 -22.68 -11.87
C LYS C 950 -54.94 -22.32 -10.56
N LEU C 951 -55.24 -21.14 -10.01
CA LEU C 951 -54.65 -20.66 -8.78
C LEU C 951 -55.52 -20.91 -7.56
N ALA C 952 -56.84 -20.70 -7.70
CA ALA C 952 -57.74 -20.92 -6.57
C ALA C 952 -57.71 -22.36 -6.10
N GLU C 953 -57.44 -23.30 -7.01
CA GLU C 953 -57.42 -24.71 -6.63
C GLU C 953 -56.29 -25.01 -5.65
N ARG C 954 -55.21 -24.23 -5.69
CA ARG C 954 -54.03 -24.50 -4.88
C ARG C 954 -53.78 -23.46 -3.78
N LEU C 955 -54.48 -22.33 -3.81
CA LEU C 955 -54.29 -21.34 -2.74
C LEU C 955 -54.63 -21.89 -1.37
N PRO C 956 -55.78 -22.52 -1.13
CA PRO C 956 -56.13 -22.96 0.22
C PRO C 956 -55.52 -24.29 0.64
N LEU C 957 -54.53 -24.81 -0.09
CA LEU C 957 -53.91 -26.08 0.24
C LEU C 957 -52.63 -25.84 1.04
N LYS C 958 -52.26 -26.84 1.85
CA LYS C 958 -51.01 -26.77 2.59
C LYS C 958 -49.84 -27.02 1.65
N ILE C 959 -48.67 -26.49 2.03
CA ILE C 959 -47.50 -26.60 1.15
C ILE C 959 -47.15 -28.05 0.89
N SER C 960 -47.26 -28.90 1.92
CA SER C 960 -47.00 -30.32 1.73
C SER C 960 -47.95 -30.92 0.71
N GLU C 961 -49.25 -30.68 0.87
CA GLU C 961 -50.23 -31.19 -0.07
C GLU C 961 -49.96 -30.69 -1.48
N LEU C 962 -49.66 -29.39 -1.62
CA LEU C 962 -49.42 -28.80 -2.94
C LEU C 962 -48.21 -29.44 -3.59
N VAL C 963 -47.12 -29.60 -2.85
CA VAL C 963 -45.90 -30.20 -3.38
C VAL C 963 -46.18 -31.64 -3.81
N GLU C 964 -46.91 -32.40 -2.97
CA GLU C 964 -47.21 -33.78 -3.31
C GLU C 964 -48.07 -33.87 -4.57
N GLN C 965 -49.05 -32.98 -4.70
CA GLN C 965 -49.93 -33.03 -5.87
C GLN C 965 -49.19 -32.63 -7.14
N ILE C 966 -48.40 -31.56 -7.09
CA ILE C 966 -47.71 -31.09 -8.29
C ILE C 966 -46.52 -31.97 -8.65
N THR C 967 -45.96 -32.71 -7.69
CA THR C 967 -44.84 -33.61 -7.95
C THR C 967 -45.27 -35.05 -8.16
N LYS C 968 -46.50 -35.41 -7.79
CA LYS C 968 -47.02 -36.77 -7.98
C LYS C 968 -46.24 -37.79 -7.16
N LYS C 969 -45.63 -37.34 -6.06
CA LYS C 969 -44.85 -38.22 -5.18
C LYS C 969 -45.12 -37.83 -3.74
N LYS C 970 -45.56 -38.79 -2.93
CA LYS C 970 -45.75 -38.55 -1.51
C LYS C 970 -44.40 -38.47 -0.80
N LEU C 971 -44.35 -37.67 0.25
CA LEU C 971 -43.11 -37.46 0.98
C LEU C 971 -42.81 -38.64 1.89
N GLU C 972 -41.59 -39.15 1.81
CA GLU C 972 -41.12 -40.21 2.69
C GLU C 972 -41.38 -39.81 4.14
N PRO C 973 -41.43 -40.76 5.07
CA PRO C 973 -41.76 -40.40 6.45
C PRO C 973 -40.62 -39.71 7.18
N PHE C 974 -39.37 -39.96 6.80
CA PHE C 974 -38.24 -39.40 7.52
C PHE C 974 -37.89 -37.97 7.07
N ARG C 975 -38.74 -37.34 6.26
CA ARG C 975 -38.52 -35.96 5.85
C ARG C 975 -39.13 -35.03 6.90
N LYS C 976 -38.28 -34.30 7.62
CA LYS C 976 -38.73 -33.38 8.65
C LYS C 976 -38.91 -31.96 8.13
N HIS C 977 -38.29 -31.62 7.00
CA HIS C 977 -38.36 -30.27 6.46
C HIS C 977 -38.55 -30.34 4.95
N LEU C 978 -38.79 -29.17 4.36
CA LEU C 978 -38.91 -29.03 2.92
C LEU C 978 -38.35 -27.68 2.51
N VAL C 979 -37.65 -27.64 1.38
CA VAL C 979 -36.96 -26.45 0.92
C VAL C 979 -37.74 -25.83 -0.23
N LEU C 980 -37.97 -24.52 -0.16
CA LEU C 980 -38.65 -23.80 -1.21
C LEU C 980 -37.83 -22.60 -1.67
N GLU C 981 -37.73 -22.42 -2.98
CA GLU C 981 -37.11 -21.23 -3.54
C GLU C 981 -38.18 -20.28 -4.04
N ILE C 982 -38.09 -19.01 -3.63
CA ILE C 982 -39.10 -18.02 -3.95
C ILE C 982 -38.42 -16.81 -4.56
N CYS C 983 -39.17 -16.13 -5.44
CA CYS C 983 -38.75 -14.86 -6.02
C CYS C 983 -39.91 -13.89 -5.88
N CYS C 984 -39.72 -12.84 -5.10
CA CYS C 984 -40.78 -11.91 -4.74
C CYS C 984 -40.34 -10.48 -4.99
N ASP C 985 -41.32 -9.58 -5.01
CA ASP C 985 -41.07 -8.15 -5.17
C ASP C 985 -41.37 -7.42 -3.86
N ASP C 986 -40.64 -6.33 -3.63
CA ASP C 986 -40.81 -5.55 -2.42
C ASP C 986 -42.01 -4.60 -2.58
N ALA C 987 -42.20 -3.72 -1.60
CA ALA C 987 -43.32 -2.78 -1.65
C ALA C 987 -43.30 -1.92 -2.90
N ASN C 988 -42.13 -1.72 -3.51
CA ASN C 988 -42.00 -0.88 -4.69
C ASN C 988 -42.23 -1.66 -5.99
N GLY C 989 -42.65 -2.92 -5.91
CA GLY C 989 -42.88 -3.72 -7.09
C GLY C 989 -41.62 -4.15 -7.82
N GLU C 990 -40.44 -3.82 -7.31
CA GLU C 990 -39.18 -4.19 -7.95
C GLU C 990 -38.72 -5.55 -7.42
N ASP C 991 -38.36 -6.45 -8.32
CA ASP C 991 -37.92 -7.77 -7.93
C ASP C 991 -36.73 -7.67 -6.97
N VAL C 992 -36.78 -8.46 -5.90
CA VAL C 992 -35.72 -8.49 -4.89
C VAL C 992 -35.33 -9.94 -4.65
N GLU C 993 -34.03 -10.22 -4.70
CA GLU C 993 -33.54 -11.54 -4.36
C GLU C 993 -33.73 -11.79 -2.87
N VAL C 994 -34.17 -13.00 -2.53
CA VAL C 994 -34.47 -13.35 -1.15
C VAL C 994 -33.93 -14.74 -0.85
N PRO C 995 -33.85 -15.13 0.43
CA PRO C 995 -33.40 -16.49 0.77
C PRO C 995 -34.46 -17.54 0.45
N PHE C 996 -34.18 -18.78 0.82
CA PHE C 996 -35.13 -19.87 0.66
C PHE C 996 -35.96 -20.03 1.93
N ILE C 997 -36.99 -20.86 1.83
CA ILE C 997 -37.88 -21.15 2.95
C ILE C 997 -37.66 -22.59 3.38
N CYS C 998 -37.69 -22.80 4.69
CA CYS C 998 -37.57 -24.12 5.31
C CYS C 998 -38.90 -24.42 5.99
N ILE C 999 -39.80 -25.09 5.27
CA ILE C 999 -41.10 -25.46 5.80
C ILE C 999 -40.92 -26.67 6.70
N LYS C 1000 -41.26 -26.53 7.98
CA LYS C 1000 -41.19 -27.63 8.93
C LYS C 1000 -42.51 -28.41 8.90
N LEU C 1001 -42.40 -29.73 8.91
CA LEU C 1001 -43.57 -30.60 8.83
C LEU C 1001 -43.33 -31.94 9.50
N MET D 1 0.84 0.22 -16.37
CA MET D 1 1.75 -0.67 -15.62
C MET D 1 1.70 -2.10 -16.18
N GLN D 2 2.45 -3.00 -15.56
CA GLN D 2 2.57 -4.38 -16.03
C GLN D 2 2.61 -5.30 -14.82
N ILE D 3 1.72 -6.30 -14.78
CA ILE D 3 1.65 -7.24 -13.68
C ILE D 3 1.95 -8.64 -14.20
N PHE D 4 2.16 -9.55 -13.27
CA PHE D 4 2.46 -10.95 -13.59
C PHE D 4 1.49 -11.85 -12.84
N VAL D 5 1.19 -12.99 -13.46
CA VAL D 5 0.26 -13.98 -12.92
C VAL D 5 0.91 -15.34 -13.06
N LYS D 6 1.14 -16.00 -11.93
CA LYS D 6 1.73 -17.34 -11.91
C LYS D 6 0.66 -18.37 -11.61
N THR D 7 0.72 -19.49 -12.32
CA THR D 7 -0.29 -20.54 -12.22
C THR D 7 0.25 -21.74 -11.46
N LEU D 8 -0.68 -22.54 -10.93
CA LEU D 8 -0.29 -23.77 -10.24
C LEU D 8 0.64 -24.61 -11.11
N THR D 9 0.32 -24.73 -12.40
CA THR D 9 1.13 -25.54 -13.30
C THR D 9 2.56 -25.04 -13.42
N GLY D 10 2.82 -23.80 -13.03
CA GLY D 10 4.15 -23.24 -13.10
C GLY D 10 4.38 -22.40 -14.34
N LYS D 11 3.35 -21.67 -14.76
CA LYS D 11 3.42 -20.81 -15.94
C LYS D 11 3.27 -19.36 -15.53
N THR D 12 4.03 -18.49 -16.19
CA THR D 12 4.00 -17.06 -15.92
C THR D 12 3.31 -16.33 -17.07
N ILE D 13 2.44 -15.37 -16.72
CA ILE D 13 1.65 -14.62 -17.69
C ILE D 13 1.86 -13.15 -17.41
N THR D 14 2.32 -12.40 -18.41
CA THR D 14 2.46 -10.96 -18.30
C THR D 14 1.15 -10.30 -18.75
N LEU D 15 0.68 -9.33 -17.97
CA LEU D 15 -0.57 -8.64 -18.26
C LEU D 15 -0.33 -7.14 -18.25
N GLU D 16 -0.83 -6.45 -19.27
CA GLU D 16 -0.80 -5.00 -19.35
C GLU D 16 -2.11 -4.45 -18.79
N VAL D 17 -2.03 -3.66 -17.73
CA VAL D 17 -3.21 -3.19 -17.02
C VAL D 17 -2.98 -1.76 -16.54
N GLU D 18 -4.06 -1.14 -16.06
CA GLU D 18 -4.01 0.19 -15.49
C GLU D 18 -4.00 0.10 -13.96
N SER D 19 -3.65 1.22 -13.33
CA SER D 19 -3.52 1.24 -11.87
C SER D 19 -4.83 0.88 -11.18
N SER D 20 -5.97 1.16 -11.82
CA SER D 20 -7.27 0.95 -11.22
C SER D 20 -8.20 0.22 -12.18
N ASP D 21 -7.68 -0.76 -12.91
CA ASP D 21 -8.52 -1.59 -13.75
C ASP D 21 -9.42 -2.47 -12.89
N THR D 22 -10.58 -2.81 -13.44
CA THR D 22 -11.53 -3.67 -12.73
C THR D 22 -11.04 -5.11 -12.75
N ILE D 23 -11.28 -5.82 -11.65
CA ILE D 23 -10.92 -7.24 -11.58
C ILE D 23 -11.54 -8.00 -12.75
N ASP D 24 -12.77 -7.62 -13.13
CA ASP D 24 -13.41 -8.26 -14.26
C ASP D 24 -12.61 -8.05 -15.54
N ASN D 25 -12.04 -6.85 -15.71
CA ASN D 25 -11.23 -6.57 -16.90
C ASN D 25 -10.01 -7.48 -16.95
N VAL D 26 -9.32 -7.65 -15.81
CA VAL D 26 -8.14 -8.50 -15.78
C VAL D 26 -8.52 -9.95 -16.02
N LYS D 27 -9.66 -10.38 -15.46
CA LYS D 27 -10.11 -11.75 -15.69
C LYS D 27 -10.45 -11.99 -17.15
N SER D 28 -11.03 -10.98 -17.82
CA SER D 28 -11.30 -11.14 -19.25
C SER D 28 -10.01 -11.15 -20.06
N LYS D 29 -9.01 -10.38 -19.64
CA LYS D 29 -7.70 -10.47 -20.29
C LYS D 29 -7.10 -11.87 -20.13
N ILE D 30 -7.22 -12.43 -18.92
CA ILE D 30 -6.72 -13.79 -18.69
C ILE D 30 -7.51 -14.80 -19.52
N GLN D 31 -8.81 -14.53 -19.73
CA GLN D 31 -9.60 -15.39 -20.61
C GLN D 31 -9.08 -15.32 -22.04
N ASP D 32 -8.80 -14.11 -22.53
CA ASP D 32 -8.22 -13.96 -23.86
C ASP D 32 -6.88 -14.65 -23.96
N LYS D 33 -6.11 -14.68 -22.88
CA LYS D 33 -4.76 -15.24 -22.90
C LYS D 33 -4.77 -16.75 -22.85
N GLU D 34 -5.48 -17.34 -21.88
CA GLU D 34 -5.49 -18.78 -21.67
C GLU D 34 -6.82 -19.44 -22.00
N GLY D 35 -7.92 -18.71 -21.98
CA GLY D 35 -9.22 -19.27 -22.31
C GLY D 35 -9.95 -19.85 -21.11
N ILE D 36 -9.91 -19.14 -19.98
CA ILE D 36 -10.61 -19.54 -18.77
C ILE D 36 -11.72 -18.53 -18.50
N PRO D 37 -12.97 -18.96 -18.34
CA PRO D 37 -14.03 -18.00 -18.04
C PRO D 37 -13.76 -17.30 -16.73
N PRO D 38 -14.18 -16.04 -16.60
CA PRO D 38 -13.96 -15.33 -15.32
C PRO D 38 -14.54 -16.06 -14.12
N ASP D 39 -15.74 -16.63 -14.25
CA ASP D 39 -16.37 -17.29 -13.11
C ASP D 39 -15.53 -18.44 -12.57
N GLN D 40 -14.59 -18.97 -13.36
CA GLN D 40 -13.78 -20.10 -12.97
C GLN D 40 -12.36 -19.71 -12.56
N GLN D 41 -12.01 -18.43 -12.66
CA GLN D 41 -10.68 -17.97 -12.29
C GLN D 41 -10.62 -17.67 -10.79
N ARG D 42 -9.57 -18.15 -10.15
CA ARG D 42 -9.31 -17.88 -8.73
C ARG D 42 -7.96 -17.16 -8.65
N LEU D 43 -8.03 -15.84 -8.55
CA LEU D 43 -6.84 -14.99 -8.45
C LEU D 43 -6.58 -14.62 -7.00
N ILE D 44 -5.33 -14.76 -6.57
CA ILE D 44 -4.92 -14.52 -5.20
C ILE D 44 -3.77 -13.53 -5.21
N PHE D 45 -3.82 -12.56 -4.31
CA PHE D 45 -2.75 -11.57 -4.17
C PHE D 45 -2.60 -11.22 -2.70
N ALA D 46 -1.41 -11.48 -2.16
CA ALA D 46 -1.09 -11.14 -0.77
C ALA D 46 -2.17 -11.68 0.16
N GLY D 47 -2.45 -12.98 0.04
CA GLY D 47 -3.39 -13.62 0.94
C GLY D 47 -4.84 -13.29 0.72
N LYS D 48 -5.16 -12.53 -0.33
CA LYS D 48 -6.52 -12.11 -0.62
C LYS D 48 -6.90 -12.53 -2.03
N GLN D 49 -8.11 -13.08 -2.17
CA GLN D 49 -8.61 -13.53 -3.46
C GLN D 49 -9.38 -12.39 -4.14
N LEU D 50 -8.99 -12.08 -5.37
CA LEU D 50 -9.59 -10.95 -6.09
C LEU D 50 -11.04 -11.24 -6.40
N GLU D 51 -11.94 -10.34 -5.98
CA GLU D 51 -13.35 -10.47 -6.23
C GLU D 51 -13.79 -9.51 -7.33
N ASP D 52 -14.81 -9.91 -8.08
CA ASP D 52 -15.35 -9.07 -9.14
C ASP D 52 -15.95 -7.80 -8.56
N GLY D 53 -16.01 -6.77 -9.39
CA GLY D 53 -16.59 -5.49 -9.00
C GLY D 53 -15.62 -4.54 -8.32
N ARG D 54 -14.39 -4.97 -8.04
CA ARG D 54 -13.39 -4.12 -7.41
C ARG D 54 -12.40 -3.65 -8.46
N THR D 55 -11.32 -3.02 -8.00
CA THR D 55 -10.24 -2.58 -8.87
C THR D 55 -8.91 -3.06 -8.27
N LEU D 56 -7.86 -3.00 -9.10
CA LEU D 56 -6.53 -3.34 -8.60
C LEU D 56 -6.08 -2.38 -7.52
N SER D 57 -6.48 -1.11 -7.59
CA SER D 57 -6.12 -0.14 -6.58
C SER D 57 -6.90 -0.33 -5.28
N ASP D 58 -7.99 -1.10 -5.29
CA ASP D 58 -8.68 -1.43 -4.05
C ASP D 58 -7.89 -2.42 -3.21
N TYR D 59 -7.00 -3.20 -3.83
CA TYR D 59 -6.17 -4.17 -3.14
C TYR D 59 -4.71 -3.75 -3.07
N ASN D 60 -4.38 -2.55 -3.55
CA ASN D 60 -3.00 -2.05 -3.56
C ASN D 60 -2.10 -2.88 -4.47
N ILE D 61 -2.65 -3.39 -5.58
CA ILE D 61 -1.89 -4.17 -6.54
C ILE D 61 -1.14 -3.18 -7.42
N GLN D 62 0.14 -2.98 -7.13
CA GLN D 62 0.93 -1.96 -7.79
C GLN D 62 1.69 -2.56 -8.98
N LYS D 63 2.75 -1.90 -9.42
CA LYS D 63 3.52 -2.37 -10.57
C LYS D 63 4.18 -3.72 -10.26
N GLU D 64 4.43 -4.48 -11.33
CA GLU D 64 5.18 -5.75 -11.25
C GLU D 64 4.69 -6.65 -10.12
N SER D 65 3.45 -6.48 -9.66
CA SER D 65 2.91 -7.39 -8.68
C SER D 65 2.85 -8.80 -9.27
N THR D 66 2.61 -9.79 -8.41
CA THR D 66 2.58 -11.18 -8.81
C THR D 66 1.35 -11.84 -8.20
N LEU D 67 0.31 -12.02 -9.01
CA LEU D 67 -0.88 -12.73 -8.62
C LEU D 67 -0.70 -14.23 -8.84
N HIS D 68 -1.59 -15.02 -8.24
CA HIS D 68 -1.59 -16.47 -8.39
C HIS D 68 -2.95 -16.90 -8.93
N LEU D 69 -2.94 -17.56 -10.07
CA LEU D 69 -4.14 -18.16 -10.66
C LEU D 69 -4.17 -19.63 -10.26
N VAL D 70 -5.12 -20.02 -9.42
CA VAL D 70 -5.19 -21.40 -8.94
C VAL D 70 -6.53 -22.01 -9.30
N LEU D 71 -6.78 -23.22 -8.82
CA LEU D 71 -8.03 -23.93 -9.06
C LEU D 71 -8.20 -24.99 -7.98
N ARG D 72 -9.44 -25.40 -7.78
CA ARG D 72 -9.73 -26.47 -6.83
C ARG D 72 -9.56 -27.82 -7.52
N LEU D 73 -9.09 -28.79 -6.75
CA LEU D 73 -8.88 -30.15 -7.23
C LEU D 73 -9.86 -31.10 -6.54
N ARG D 74 -10.08 -32.24 -7.17
CA ARG D 74 -11.10 -33.17 -6.72
C ARG D 74 -10.59 -34.59 -6.50
N GLY D 75 -9.33 -34.88 -6.81
CA GLY D 75 -8.77 -36.19 -6.57
C GLY D 75 -8.82 -36.56 -5.11
CA CA E . -15.51 8.49 -25.67
C TRS F . 34.13 31.06 -13.00
C1 TRS F . 33.69 31.09 -11.54
C2 TRS F . 34.55 32.45 -13.45
C3 TRS F . 33.01 30.52 -13.89
N TRS F . 35.29 30.17 -13.13
O1 TRS F . 33.49 29.79 -11.06
O2 TRS F . 33.56 33.41 -13.09
O3 TRS F . 31.88 31.35 -13.81
C1 MPD G . -13.13 47.62 -2.74
C2 MPD G . -12.39 47.28 -4.03
O2 MPD G . -11.06 46.80 -3.68
CM MPD G . -12.26 48.55 -4.87
C3 MPD G . -13.15 46.19 -4.77
C4 MPD G . -12.33 45.39 -5.79
O4 MPD G . -13.21 44.82 -6.74
C5 MPD G . -11.28 46.23 -6.53
C1 MPD H . -15.73 26.77 -11.68
C2 MPD H . -16.06 25.38 -11.15
O2 MPD H . -17.23 25.48 -10.29
CM MPD H . -14.91 24.84 -10.33
C3 MPD H . -16.40 24.42 -12.29
C4 MPD H . -17.38 24.99 -13.31
O4 MPD H . -18.22 25.95 -12.69
C5 MPD H . -16.67 25.63 -14.48
C1 MPD I . 2.12 35.68 44.38
C2 MPD I . 3.01 34.59 44.96
O2 MPD I . 2.42 33.30 44.68
CM MPD I . 3.11 34.76 46.46
C3 MPD I . 4.39 34.65 44.31
C4 MPD I . 5.26 33.46 44.67
O4 MPD I . 4.52 32.53 45.43
C5 MPD I . 5.79 32.77 43.41
C1 MPD J . 27.42 41.72 -9.70
C2 MPD J . 28.50 41.29 -8.72
O2 MPD J . 28.75 39.88 -8.90
CM MPD J . 28.04 41.52 -7.27
C3 MPD J . 29.79 42.05 -8.98
C4 MPD J . 29.57 43.55 -8.89
O4 MPD J . 29.65 43.95 -7.54
C5 MPD J . 30.60 44.31 -9.71
C1 MPD K . 11.15 55.57 39.75
C2 MPD K . 12.51 54.99 40.12
O2 MPD K . 12.45 53.55 40.05
CM MPD K . 13.58 55.48 39.14
C3 MPD K . 12.88 55.40 41.55
C4 MPD K . 12.49 54.31 42.54
O4 MPD K . 13.03 54.64 43.81
C5 MPD K . 10.97 54.19 42.66
S VMX L . 9.99 33.01 6.74
N1 VMX L . 20.43 32.51 6.09
C2 VMX L . 19.59 31.55 6.46
N3 VMX L . 18.37 31.88 7.00
C4 VMX L . 18.03 33.15 7.16
C5 VMX L . 18.87 34.11 6.79
C6 VMX L . 20.09 33.78 6.24
N6 VMX L . 21.03 34.84 5.82
N7 VMX L . 18.29 35.30 7.04
C8 VMX L . 17.08 35.06 7.58
N9 VMX L . 16.92 33.75 7.65
C1' VMX L . 16.02 32.70 8.06
C10 VMX L . 8.01 34.89 6.34
C11 VMX L . 7.67 35.63 5.08
N12 VMX L . 7.92 37.02 5.29
C1S VMX L . 9.54 34.73 6.41
C2' VMX L . 15.30 33.09 9.09
O2' VMX L . 15.98 32.74 10.33
O2S VMX L . 9.77 32.70 8.19
C3' VMX L . 13.90 32.28 8.97
O3' VMX L . 14.06 30.95 9.48
O3S VMX L . 9.15 32.07 5.91
C4' VMX L . 13.62 32.23 7.64
O4' VMX L . 14.95 32.42 6.92
C5' VMX L . 12.65 33.34 7.25
N5' VMX L . 11.64 32.80 6.34
CA CA M . 18.39 -19.20 31.14
C TRS N . -33.16 -26.41 10.84
C1 TRS N . -34.06 -25.94 11.99
C2 TRS N . -31.72 -26.01 11.10
C3 TRS N . -33.66 -25.83 9.51
N TRS N . -33.23 -27.88 10.75
O1 TRS N . -35.39 -26.37 11.78
O2 TRS N . -31.66 -24.65 11.50
O3 TRS N . -33.66 -24.41 9.56
C1 MPD O . -3.48 -75.03 -19.09
C2 MPD O . -2.51 -74.02 -18.48
O2 MPD O . -1.70 -74.68 -17.48
CM MPD O . -3.28 -72.89 -17.82
C3 MPD O . -1.59 -73.46 -19.56
C4 MPD O . -0.15 -73.87 -19.32
O4 MPD O . 0.25 -74.82 -20.29
C5 MPD O . 0.80 -72.67 -19.39
C1 MPD P . 17.98 -36.75 19.84
C2 MPD P . 18.85 -37.12 18.65
O2 MPD P . 18.02 -37.25 17.46
CM MPD P . 19.53 -38.46 18.92
C3 MPD P . 19.89 -36.04 18.41
C4 MPD P . 20.62 -36.28 17.09
O4 MPD P . 20.36 -35.20 16.23
C5 MPD P . 22.12 -36.44 17.30
C1 MPD Q . -15.57 -15.29 -6.86
C2 MPD Q . -15.93 -16.74 -7.16
O2 MPD Q . -16.24 -17.42 -5.91
CM MPD Q . -14.74 -17.44 -7.82
C3 MPD Q . -17.16 -16.85 -8.08
C4 MPD Q . -18.25 -15.83 -7.79
O4 MPD Q . -18.28 -15.49 -6.42
C5 MPD Q . -18.09 -14.57 -8.64
C1 MPD R . -14.41 -64.47 -35.75
C2 MPD R . -12.90 -64.73 -35.66
O2 MPD R . -12.63 -65.97 -36.35
CM MPD R . -12.47 -64.92 -34.21
C3 MPD R . -12.12 -63.62 -36.36
C4 MPD R . -12.22 -62.23 -35.71
O4 MPD R . -12.98 -62.25 -34.51
C5 MPD R . -10.84 -61.66 -35.42
C1 MPD S . 16.56 -24.46 11.61
C2 MPD S . 16.51 -24.90 10.15
O2 MPD S . 15.13 -25.21 9.83
CM MPD S . 17.33 -26.17 9.93
C3 MPD S . 16.96 -23.77 9.22
C4 MPD S . 18.21 -23.00 9.66
O4 MPD S . 17.84 -22.02 10.60
C5 MPD S . 19.31 -23.89 10.25
C1 MPD T . -31.26 -23.27 -1.07
C2 MPD T . -31.15 -24.48 -1.98
O2 MPD T . -30.18 -24.18 -3.02
CM MPD T . -32.50 -24.73 -2.65
C3 MPD T . -30.70 -25.75 -1.25
C4 MPD T . -29.90 -25.52 0.03
O4 MPD T . -28.99 -24.46 -0.12
C5 MPD T . -30.79 -25.28 1.24
S VMX U . -9.25 -40.97 -1.83
N1 VMX U . -19.85 -41.45 0.33
C2 VMX U . -18.82 -42.01 0.95
N3 VMX U . -17.63 -42.18 0.30
C4 VMX U . -17.50 -41.77 -0.95
C5 VMX U . -18.53 -41.19 -1.58
C6 VMX U . -19.74 -41.03 -0.92
N6 VMX U . -20.88 -40.40 -1.59
N7 VMX U . -18.15 -40.87 -2.83
C8 VMX U . -16.85 -41.25 -2.98
N9 VMX U . -16.46 -41.80 -1.84
C1' VMX U . -15.33 -42.42 -1.17
C10 VMX U . -7.57 -39.65 -3.56
C11 VMX U . -7.69 -38.15 -3.64
N12 VMX U . -8.44 -37.81 -4.82
C1S VMX U . -8.99 -40.24 -3.45
C2' VMX U . -14.77 -43.32 -1.95
O2' VMX U . -15.34 -44.63 -1.67
O2S VMX U . -9.01 -42.45 -1.90
C3' VMX U . -13.19 -43.32 -1.62
O3' VMX U . -12.88 -44.34 -0.65
O3S VMX U . -8.29 -40.37 -0.83
C4' VMX U . -12.87 -42.10 -1.11
O4' VMX U . -14.19 -41.34 -0.92
C5' VMX U . -11.96 -41.33 -2.08
N5' VMX U . -10.86 -40.68 -1.34
#